data_5TF4
#
_entry.id   5TF4
#
_cell.length_a   122.440
_cell.length_b   76.860
_cell.length_c   171.600
_cell.angle_alpha   90.000
_cell.angle_beta   107.730
_cell.angle_gamma   90.000
#
_symmetry.space_group_name_H-M   'C 1 2 1'
#
loop_
_entity.id
_entity.type
_entity.pdbx_description
1 polymer 'Enoyl-[acyl-carrier-protein] reductase [NADH]'
2 non-polymer NICOTINAMIDE-ADENINE-DINUCLEOTIDE
3 non-polymer GLYCEROL
4 water water
#
_entity_poly.entity_id   1
_entity_poly.type   'polypeptide(L)'
_entity_poly.pdbx_seq_one_letter_code
;GSMAKGNGLLYGKRGLILGLANNRSIAWGIAKTASSAGAELAFTYQGEAMKKRVEPLAEEVKGFVCGHCDVSDSASIDAV
FNTIEKKWGKLDFLVHAIGFSDKEELSGRYVDISESNFMMTMNISVYSLTALTKRAEKLMSDGGSILTLTYYGAEKVVPN
YNVMGVAKAALEASVKYLAVDLGPKHIRVNAISAGPIKTLAASGIGDFRYILKWNEYNAPLRRTVTIEEVGDSALYLLSD
LSRSVTGEVHHVDSGYNIIGMKAVDAPDISVVKE
;
_entity_poly.pdbx_strand_id   A,B,C,D,E,F
#
loop_
_chem_comp.id
_chem_comp.type
_chem_comp.name
_chem_comp.formula
GOL non-polymer GLYCEROL 'C3 H8 O3'
NAD non-polymer NICOTINAMIDE-ADENINE-DINUCLEOTIDE 'C21 H27 N7 O14 P2'
#
# COMPACT_ATOMS: atom_id res chain seq x y z
N GLY A 6 5.51 -3.33 -33.79
CA GLY A 6 5.68 -3.30 -32.35
C GLY A 6 4.42 -3.00 -31.58
N ASN A 7 4.40 -3.36 -30.29
CA ASN A 7 3.22 -3.17 -29.46
C ASN A 7 3.20 -1.82 -28.75
N GLY A 8 4.27 -1.03 -28.85
CA GLY A 8 4.32 0.33 -28.31
C GLY A 8 4.20 0.42 -26.81
N LEU A 9 4.41 -0.68 -26.08
CA LEU A 9 4.16 -0.70 -24.64
C LEU A 9 5.13 0.17 -23.86
N LEU A 10 6.31 0.46 -24.41
CA LEU A 10 7.27 1.36 -23.76
C LEU A 10 7.59 2.56 -24.64
N TYR A 11 6.61 3.05 -25.41
CA TYR A 11 6.87 4.19 -26.29
C TYR A 11 7.41 5.37 -25.50
N GLY A 12 8.45 6.01 -26.05
CA GLY A 12 9.03 7.18 -25.42
C GLY A 12 9.67 6.97 -24.06
N LYS A 13 9.78 5.72 -23.61
CA LYS A 13 10.37 5.43 -22.31
C LYS A 13 11.88 5.23 -22.45
N ARG A 14 12.60 5.53 -21.36
CA ARG A 14 14.06 5.43 -21.32
C ARG A 14 14.46 4.66 -20.07
N GLY A 15 15.23 3.59 -20.24
CA GLY A 15 15.54 2.71 -19.13
C GLY A 15 16.98 2.25 -19.14
N LEU A 16 17.41 1.76 -17.98
CA LEU A 16 18.80 1.39 -17.73
C LEU A 16 18.86 -0.10 -17.39
N ILE A 17 19.72 -0.84 -18.09
CA ILE A 17 19.86 -2.28 -17.91
C ILE A 17 21.27 -2.59 -17.44
N LEU A 18 21.39 -3.21 -16.27
CA LEU A 18 22.69 -3.67 -15.79
C LEU A 18 22.72 -5.18 -15.74
N GLY A 19 23.75 -5.78 -16.32
CA GLY A 19 23.90 -7.22 -16.27
C GLY A 19 23.93 -7.88 -17.63
N LEU A 20 23.95 -7.10 -18.71
CA LEU A 20 24.13 -7.67 -20.04
C LEU A 20 25.55 -8.20 -20.15
N ALA A 21 25.68 -9.49 -20.44
CA ALA A 21 26.99 -10.10 -20.62
C ALA A 21 27.24 -10.60 -22.03
N ASN A 22 26.27 -11.30 -22.63
CA ASN A 22 26.37 -11.78 -24.01
C ASN A 22 24.95 -11.97 -24.53
N ASN A 23 24.82 -12.55 -25.73
CA ASN A 23 23.50 -12.72 -26.32
C ASN A 23 22.72 -13.92 -25.74
N ARG A 24 23.22 -14.56 -24.69
CA ARG A 24 22.45 -15.57 -23.95
C ARG A 24 21.91 -15.04 -22.62
N SER A 25 22.33 -13.84 -22.21
CA SER A 25 21.92 -13.22 -20.95
C SER A 25 20.41 -13.06 -20.85
N ILE A 26 19.85 -13.28 -19.65
CA ILE A 26 18.46 -12.90 -19.43
C ILE A 26 18.28 -11.42 -19.76
N ALA A 27 19.28 -10.60 -19.40
CA ALA A 27 19.26 -9.19 -19.74
C ALA A 27 19.12 -8.95 -21.25
N TRP A 28 19.67 -9.83 -22.08
CA TRP A 28 19.52 -9.63 -23.52
C TRP A 28 18.08 -9.91 -23.96
N GLY A 29 17.45 -10.96 -23.43
CA GLY A 29 16.03 -11.16 -23.70
C GLY A 29 15.19 -9.95 -23.35
N ILE A 30 15.47 -9.34 -22.19
CA ILE A 30 14.71 -8.17 -21.75
C ILE A 30 14.98 -6.98 -22.68
N ALA A 31 16.24 -6.79 -23.06
CA ALA A 31 16.60 -5.67 -23.93
C ALA A 31 15.90 -5.75 -25.27
N LYS A 32 15.90 -6.94 -25.90
CA LYS A 32 15.26 -7.07 -27.22
C LYS A 32 13.77 -6.74 -27.14
N THR A 33 13.09 -7.29 -26.14
CA THR A 33 11.67 -7.07 -25.98
C THR A 33 11.36 -5.61 -25.68
N ALA A 34 12.07 -5.03 -24.71
CA ALA A 34 11.78 -3.67 -24.32
C ALA A 34 12.04 -2.70 -25.47
N SER A 35 13.10 -2.95 -26.23
CA SER A 35 13.43 -2.10 -27.37
C SER A 35 12.37 -2.20 -28.46
N SER A 36 11.90 -3.42 -28.77
CA SER A 36 10.83 -3.58 -29.75
C SER A 36 9.57 -2.87 -29.30
N ALA A 37 9.36 -2.77 -27.99
CA ALA A 37 8.20 -2.08 -27.42
C ALA A 37 8.36 -0.57 -27.43
N GLY A 38 9.51 -0.05 -27.84
CA GLY A 38 9.72 1.38 -28.00
C GLY A 38 10.76 1.99 -27.07
N ALA A 39 11.33 1.27 -26.11
CA ALA A 39 12.22 1.87 -25.13
C ALA A 39 13.58 2.20 -25.72
N GLU A 40 14.15 3.32 -25.27
CA GLU A 40 15.55 3.63 -25.48
C GLU A 40 16.34 3.13 -24.28
N LEU A 41 17.41 2.38 -24.52
CA LEU A 41 18.07 1.60 -23.47
C LEU A 41 19.51 2.06 -23.29
N ALA A 42 19.90 2.26 -22.03
CA ALA A 42 21.30 2.44 -21.64
C ALA A 42 21.80 1.15 -20.97
N PHE A 43 23.02 0.76 -21.31
CA PHE A 43 23.64 -0.45 -20.78
C PHE A 43 24.93 -0.14 -20.04
N THR A 44 25.15 -0.80 -18.90
CA THR A 44 26.47 -0.82 -18.29
C THR A 44 27.19 -2.12 -18.68
N TYR A 45 28.47 -2.19 -18.32
CA TYR A 45 29.28 -3.39 -18.54
C TYR A 45 30.26 -3.53 -17.38
N GLN A 46 30.65 -4.77 -17.09
CA GLN A 46 31.50 -5.07 -15.93
C GLN A 46 32.90 -5.41 -16.44
N GLY A 47 33.75 -4.41 -16.55
CA GLY A 47 35.12 -4.70 -16.95
C GLY A 47 35.31 -4.72 -18.46
N GLU A 48 36.53 -4.41 -18.89
CA GLU A 48 36.78 -4.08 -20.31
C GLU A 48 36.43 -5.23 -21.23
N ALA A 49 36.57 -6.47 -20.76
CA ALA A 49 36.22 -7.62 -21.59
C ALA A 49 34.75 -7.59 -21.98
N MET A 50 33.86 -7.50 -20.98
CA MET A 50 32.43 -7.44 -21.25
C MET A 50 32.09 -6.36 -22.28
N LYS A 51 32.91 -5.30 -22.36
CA LYS A 51 32.55 -4.14 -23.16
C LYS A 51 32.44 -4.48 -24.63
N LYS A 52 33.41 -5.22 -25.16
CA LYS A 52 33.39 -5.56 -26.58
C LYS A 52 32.20 -6.43 -26.94
N ARG A 53 31.65 -7.17 -25.98
CA ARG A 53 30.46 -7.95 -26.25
C ARG A 53 29.18 -7.13 -26.10
N VAL A 54 29.17 -6.17 -25.17
CA VAL A 54 27.96 -5.38 -24.94
C VAL A 54 27.75 -4.37 -26.06
N GLU A 55 28.83 -3.77 -26.57
CA GLU A 55 28.71 -2.69 -27.55
C GLU A 55 27.92 -3.08 -28.79
N PRO A 56 28.25 -4.16 -29.51
CA PRO A 56 27.43 -4.50 -30.68
C PRO A 56 26.02 -4.91 -30.31
N LEU A 57 25.80 -5.48 -29.11
CA LEU A 57 24.43 -5.79 -28.72
C LEU A 57 23.64 -4.51 -28.44
N ALA A 58 24.27 -3.55 -27.77
CA ALA A 58 23.61 -2.28 -27.54
C ALA A 58 23.30 -1.57 -28.86
N GLU A 59 24.24 -1.61 -29.82
CA GLU A 59 23.95 -1.02 -31.13
C GLU A 59 22.77 -1.71 -31.81
N GLU A 60 22.61 -3.02 -31.61
CA GLU A 60 21.55 -3.79 -32.28
C GLU A 60 20.15 -3.36 -31.83
N VAL A 61 20.00 -2.85 -30.60
CA VAL A 61 18.69 -2.41 -30.13
C VAL A 61 18.56 -0.88 -30.21
N LYS A 62 19.45 -0.22 -30.95
CA LYS A 62 19.46 1.24 -31.05
C LYS A 62 19.53 1.91 -29.68
N GLY A 63 20.13 1.22 -28.71
CA GLY A 63 20.47 1.79 -27.43
C GLY A 63 21.89 2.30 -27.42
N PHE A 64 22.43 2.49 -26.22
CA PHE A 64 23.81 2.95 -26.10
C PHE A 64 24.44 2.44 -24.82
N VAL A 65 25.76 2.54 -24.77
CA VAL A 65 26.56 2.01 -23.66
C VAL A 65 26.86 3.16 -22.71
N CYS A 66 26.31 3.11 -21.48
CA CYS A 66 26.51 4.29 -20.64
CA CYS A 66 26.44 4.22 -20.53
C CYS A 66 27.78 4.23 -19.80
N GLY A 67 28.42 3.08 -19.64
CA GLY A 67 29.73 3.08 -19.01
C GLY A 67 30.00 1.81 -18.23
N HIS A 68 31.21 1.75 -17.67
CA HIS A 68 31.61 0.65 -16.81
C HIS A 68 30.89 0.74 -15.47
N CYS A 69 30.43 -0.41 -14.96
CA CYS A 69 29.90 -0.43 -13.61
C CYS A 69 30.22 -1.76 -12.96
N ASP A 70 31.02 -1.72 -11.89
CA ASP A 70 31.13 -2.83 -10.95
C ASP A 70 30.44 -2.40 -9.67
N VAL A 71 29.41 -3.16 -9.25
CA VAL A 71 28.55 -2.69 -8.16
C VAL A 71 29.23 -2.71 -6.80
N SER A 72 30.44 -3.26 -6.70
CA SER A 72 31.21 -3.07 -5.48
C SER A 72 31.95 -1.74 -5.47
N ASP A 73 31.86 -0.97 -6.56
CA ASP A 73 32.60 0.28 -6.74
C ASP A 73 31.57 1.41 -6.73
N SER A 74 31.43 2.06 -5.57
CA SER A 74 30.46 3.13 -5.42
C SER A 74 30.70 4.24 -6.43
N ALA A 75 31.97 4.53 -6.73
CA ALA A 75 32.29 5.60 -7.67
C ALA A 75 31.78 5.26 -9.06
N SER A 76 31.85 3.99 -9.45
CA SER A 76 31.36 3.61 -10.76
C SER A 76 29.84 3.66 -10.84
N ILE A 77 29.15 3.38 -9.72
CA ILE A 77 27.70 3.58 -9.69
C ILE A 77 27.37 5.05 -9.87
N ASP A 78 28.03 5.92 -9.10
CA ASP A 78 27.78 7.35 -9.20
CA ASP A 78 27.77 7.36 -9.20
C ASP A 78 28.01 7.86 -10.62
N ALA A 79 29.10 7.40 -11.26
CA ALA A 79 29.42 7.88 -12.59
C ALA A 79 28.33 7.52 -13.61
N VAL A 80 27.83 6.28 -13.54
CA VAL A 80 26.78 5.82 -14.43
C VAL A 80 25.55 6.72 -14.33
N PHE A 81 25.11 7.01 -13.10
CA PHE A 81 23.91 7.81 -12.93
C PHE A 81 24.17 9.28 -13.22
N ASN A 82 25.41 9.74 -13.06
CA ASN A 82 25.78 11.06 -13.55
C ASN A 82 25.58 11.13 -15.06
N THR A 83 26.05 10.11 -15.79
CA THR A 83 25.89 10.09 -17.25
C THR A 83 24.42 10.14 -17.64
N ILE A 84 23.59 9.33 -16.98
CA ILE A 84 22.16 9.31 -17.28
C ILE A 84 21.53 10.66 -17.01
N GLU A 85 21.88 11.26 -15.86
CA GLU A 85 21.31 12.56 -15.53
C GLU A 85 21.68 13.60 -16.58
N LYS A 86 22.93 13.61 -17.04
CA LYS A 86 23.33 14.61 -18.03
C LYS A 86 22.67 14.36 -19.37
N LYS A 87 22.49 13.09 -19.76
CA LYS A 87 21.99 12.77 -21.08
C LYS A 87 20.46 12.81 -21.18
N TRP A 88 19.76 12.34 -20.14
CA TRP A 88 18.31 12.20 -20.14
C TRP A 88 17.60 13.07 -19.12
N GLY A 89 18.23 13.38 -17.98
CA GLY A 89 17.56 14.10 -16.92
C GLY A 89 16.46 13.34 -16.21
N LYS A 90 16.19 12.10 -16.59
CA LYS A 90 15.13 11.29 -16.00
C LYS A 90 15.44 9.82 -16.31
N LEU A 91 14.78 8.92 -15.59
CA LEU A 91 14.90 7.48 -15.81
C LEU A 91 13.53 6.85 -15.59
N ASP A 92 13.03 6.12 -16.58
CA ASP A 92 11.73 5.50 -16.46
C ASP A 92 11.77 4.11 -15.84
N PHE A 93 12.81 3.31 -16.09
CA PHE A 93 12.85 2.00 -15.47
C PHE A 93 14.29 1.54 -15.31
N LEU A 94 14.48 0.56 -14.42
CA LEU A 94 15.79 0.02 -14.13
C LEU A 94 15.71 -1.50 -14.03
N VAL A 95 16.59 -2.20 -14.75
CA VAL A 95 16.65 -3.66 -14.74
C VAL A 95 17.94 -4.07 -14.06
N HIS A 96 17.82 -4.81 -12.95
CA HIS A 96 18.95 -5.29 -12.16
C HIS A 96 19.10 -6.77 -12.48
N ALA A 97 20.01 -7.10 -13.39
CA ALA A 97 20.24 -8.50 -13.76
C ALA A 97 21.65 -8.89 -13.33
N ILE A 98 21.96 -8.67 -12.06
CA ILE A 98 23.30 -8.86 -11.53
CA ILE A 98 23.30 -8.83 -11.50
C ILE A 98 23.26 -9.93 -10.46
N GLY A 99 24.16 -10.89 -10.56
CA GLY A 99 24.27 -11.92 -9.56
C GLY A 99 25.68 -12.47 -9.54
N PHE A 100 26.19 -12.80 -8.36
CA PHE A 100 27.48 -13.45 -8.29
C PHE A 100 27.56 -14.40 -7.11
N SER A 101 28.18 -15.55 -7.32
CA SER A 101 28.63 -16.39 -6.22
C SER A 101 29.83 -17.20 -6.72
N ASP A 102 30.66 -17.63 -5.77
CA ASP A 102 31.86 -18.40 -6.08
C ASP A 102 31.47 -19.76 -6.65
N LYS A 103 31.81 -20.00 -7.93
CA LYS A 103 31.39 -21.23 -8.61
C LYS A 103 31.96 -22.47 -7.93
N GLU A 104 33.16 -22.36 -7.34
CA GLU A 104 33.77 -23.49 -6.67
C GLU A 104 32.92 -23.98 -5.51
N GLU A 105 32.23 -23.08 -4.81
CA GLU A 105 31.45 -23.45 -3.66
C GLU A 105 29.99 -23.73 -3.98
N LEU A 106 29.59 -23.60 -5.25
CA LEU A 106 28.26 -24.00 -5.69
C LEU A 106 28.21 -25.50 -5.92
N SER A 107 28.50 -26.24 -4.86
CA SER A 107 28.52 -27.70 -4.88
C SER A 107 28.79 -28.13 -3.45
N GLY A 108 28.72 -29.44 -3.23
CA GLY A 108 28.84 -29.92 -1.86
C GLY A 108 27.79 -29.29 -0.97
N ARG A 109 28.20 -28.96 0.26
CA ARG A 109 27.28 -28.59 1.31
C ARG A 109 27.30 -27.09 1.53
N TYR A 110 26.12 -26.54 1.82
CA TYR A 110 26.05 -25.13 2.18
C TYR A 110 26.88 -24.82 3.42
N VAL A 111 26.88 -25.72 4.42
CA VAL A 111 27.55 -25.43 5.69
C VAL A 111 29.05 -25.24 5.50
N ASP A 112 29.61 -25.70 4.39
CA ASP A 112 31.04 -25.62 4.17
C ASP A 112 31.47 -24.34 3.44
N ILE A 113 30.57 -23.39 3.17
CA ILE A 113 30.96 -22.19 2.43
C ILE A 113 31.97 -21.38 3.25
N SER A 114 32.77 -20.59 2.54
CA SER A 114 33.71 -19.67 3.17
C SER A 114 33.03 -18.35 3.49
N GLU A 115 33.57 -17.64 4.48
CA GLU A 115 33.00 -16.35 4.86
C GLU A 115 33.12 -15.34 3.72
N SER A 116 34.27 -15.32 3.04
CA SER A 116 34.45 -14.38 1.94
CA SER A 116 34.46 -14.38 1.93
C SER A 116 33.43 -14.61 0.84
N ASN A 117 33.12 -15.88 0.54
CA ASN A 117 32.09 -16.16 -0.46
C ASN A 117 30.72 -15.66 0.03
N PHE A 118 30.43 -15.85 1.31
CA PHE A 118 29.16 -15.36 1.85
C PHE A 118 29.07 -13.86 1.69
N MET A 119 30.09 -13.14 2.15
CA MET A 119 30.06 -11.67 2.10
C MET A 119 30.01 -11.16 0.66
N MET A 120 30.82 -11.75 -0.22
CA MET A 120 30.81 -11.32 -1.62
CA MET A 120 30.82 -11.33 -1.62
C MET A 120 29.47 -11.59 -2.28
N THR A 121 28.88 -12.76 -2.03
CA THR A 121 27.58 -13.09 -2.65
C THR A 121 26.49 -12.13 -2.17
N MET A 122 26.45 -11.85 -0.87
CA MET A 122 25.43 -10.95 -0.34
C MET A 122 25.60 -9.54 -0.91
N ASN A 123 26.83 -9.06 -1.01
CA ASN A 123 27.06 -7.70 -1.48
C ASN A 123 26.70 -7.56 -2.96
N ILE A 124 27.23 -8.44 -3.81
CA ILE A 124 27.02 -8.31 -5.25
C ILE A 124 25.57 -8.65 -5.62
N SER A 125 25.01 -9.69 -5.01
CA SER A 125 23.72 -10.18 -5.45
C SER A 125 22.55 -9.50 -4.76
N VAL A 126 22.76 -8.91 -3.58
CA VAL A 126 21.64 -8.35 -2.83
C VAL A 126 21.81 -6.86 -2.62
N TYR A 127 22.87 -6.46 -1.93
CA TYR A 127 22.99 -5.03 -1.59
C TYR A 127 23.01 -4.16 -2.83
N SER A 128 23.54 -4.68 -3.94
CA SER A 128 23.68 -3.89 -5.16
C SER A 128 22.32 -3.33 -5.63
N LEU A 129 21.24 -4.09 -5.48
CA LEU A 129 19.92 -3.58 -5.88
C LEU A 129 19.50 -2.41 -4.99
N THR A 130 19.78 -2.51 -3.70
CA THR A 130 19.49 -1.39 -2.80
C THR A 130 20.36 -0.18 -3.13
N ALA A 131 21.65 -0.40 -3.38
CA ALA A 131 22.55 0.71 -3.70
C ALA A 131 22.11 1.40 -4.99
N LEU A 132 21.77 0.59 -6.01
CA LEU A 132 21.33 1.16 -7.29
C LEU A 132 20.00 1.90 -7.14
N THR A 133 19.05 1.34 -6.38
CA THR A 133 17.77 2.00 -6.18
C THR A 133 17.93 3.31 -5.43
N LYS A 134 18.79 3.32 -4.41
CA LYS A 134 19.02 4.54 -3.65
C LYS A 134 19.61 5.63 -4.53
N ARG A 135 20.56 5.27 -5.40
CA ARG A 135 21.16 6.27 -6.27
C ARG A 135 20.19 6.69 -7.37
N ALA A 136 19.32 5.78 -7.79
CA ALA A 136 18.35 6.07 -8.85
C ALA A 136 17.13 6.86 -8.38
N GLU A 137 16.79 6.79 -7.09
CA GLU A 137 15.48 7.25 -6.60
C GLU A 137 15.11 8.64 -7.09
N LYS A 138 16.02 9.59 -6.96
CA LYS A 138 15.66 10.97 -7.27
C LYS A 138 15.64 11.25 -8.77
N LEU A 139 16.23 10.38 -9.60
CA LEU A 139 16.11 10.49 -11.04
C LEU A 139 14.83 9.87 -11.58
N MET A 140 14.18 9.02 -10.80
CA MET A 140 13.16 8.13 -11.34
C MET A 140 11.84 8.86 -11.45
N SER A 141 11.16 8.63 -12.56
CA SER A 141 9.89 9.29 -12.77
C SER A 141 8.80 8.64 -11.91
N ASP A 142 7.84 9.46 -11.51
CA ASP A 142 6.61 8.95 -10.95
C ASP A 142 6.03 7.89 -11.89
N GLY A 143 5.64 6.75 -11.31
CA GLY A 143 5.19 5.62 -12.09
C GLY A 143 6.29 4.73 -12.63
N GLY A 144 7.55 4.96 -12.23
CA GLY A 144 8.65 4.17 -12.74
C GLY A 144 8.61 2.74 -12.26
N SER A 145 9.51 1.92 -12.79
CA SER A 145 9.49 0.48 -12.49
C SER A 145 10.92 -0.03 -12.31
N ILE A 146 11.16 -0.78 -11.23
CA ILE A 146 12.45 -1.40 -10.95
C ILE A 146 12.25 -2.91 -10.90
N LEU A 147 13.12 -3.65 -11.61
CA LEU A 147 12.95 -5.08 -11.81
C LEU A 147 14.25 -5.82 -11.52
N THR A 148 14.20 -6.85 -10.68
CA THR A 148 15.33 -7.74 -10.46
C THR A 148 14.94 -9.18 -10.79
N LEU A 149 15.91 -10.08 -10.73
CA LEU A 149 15.72 -11.49 -11.07
C LEU A 149 16.07 -12.35 -9.87
N THR A 150 15.24 -13.36 -9.60
CA THR A 150 15.46 -14.26 -8.48
C THR A 150 15.23 -15.69 -8.96
N TYR A 151 15.29 -16.64 -8.03
CA TYR A 151 15.19 -18.05 -8.36
C TYR A 151 14.48 -18.79 -7.23
N TYR A 152 13.74 -19.83 -7.61
CA TYR A 152 13.04 -20.71 -6.69
C TYR A 152 13.92 -21.22 -5.53
N GLY A 153 15.23 -21.26 -5.71
CA GLY A 153 16.12 -21.68 -4.62
C GLY A 153 16.10 -20.76 -3.42
N ALA A 154 15.47 -19.57 -3.55
CA ALA A 154 15.21 -18.73 -2.39
C ALA A 154 14.08 -19.28 -1.50
N GLU A 155 13.15 -20.03 -2.08
CA GLU A 155 11.99 -20.55 -1.37
C GLU A 155 12.20 -21.98 -0.88
N LYS A 156 12.79 -22.84 -1.72
CA LYS A 156 13.01 -24.26 -1.40
C LYS A 156 14.47 -24.60 -1.70
N VAL A 157 14.98 -25.63 -1.01
CA VAL A 157 16.39 -25.97 -1.15
C VAL A 157 16.63 -26.64 -2.50
N VAL A 158 17.51 -26.04 -3.29
CA VAL A 158 17.95 -26.59 -4.57
C VAL A 158 19.43 -26.93 -4.46
N PRO A 159 19.83 -28.18 -4.71
CA PRO A 159 21.21 -28.59 -4.45
C PRO A 159 22.19 -27.81 -5.32
N ASN A 160 23.37 -27.53 -4.76
CA ASN A 160 24.44 -26.77 -5.39
C ASN A 160 24.15 -25.28 -5.48
N TYR A 161 22.91 -24.87 -5.22
CA TYR A 161 22.64 -23.44 -5.26
C TYR A 161 23.08 -22.77 -3.95
N ASN A 162 22.99 -23.50 -2.84
CA ASN A 162 23.53 -23.16 -1.52
C ASN A 162 23.47 -21.66 -1.19
N VAL A 163 24.62 -20.99 -1.07
CA VAL A 163 24.59 -19.64 -0.53
C VAL A 163 23.83 -18.68 -1.46
N MET A 164 23.77 -18.98 -2.76
CA MET A 164 22.97 -18.11 -3.62
C MET A 164 21.49 -18.19 -3.28
N GLY A 165 21.01 -19.34 -2.78
CA GLY A 165 19.62 -19.39 -2.34
C GLY A 165 19.37 -18.51 -1.14
N VAL A 166 20.29 -18.53 -0.16
CA VAL A 166 20.22 -17.63 0.97
C VAL A 166 20.22 -16.18 0.50
N ALA A 167 21.11 -15.86 -0.44
CA ALA A 167 21.17 -14.49 -0.98
C ALA A 167 19.87 -14.12 -1.68
N LYS A 168 19.29 -15.03 -2.49
CA LYS A 168 18.07 -14.67 -3.20
C LYS A 168 16.89 -14.49 -2.24
N ALA A 169 16.87 -15.25 -1.13
CA ALA A 169 15.82 -15.00 -0.14
C ALA A 169 15.95 -13.60 0.43
N ALA A 170 17.19 -13.13 0.67
CA ALA A 170 17.39 -11.76 1.12
C ALA A 170 17.00 -10.76 0.03
N LEU A 171 17.27 -11.09 -1.23
CA LEU A 171 16.90 -10.19 -2.33
C LEU A 171 15.38 -10.03 -2.42
N GLU A 172 14.63 -11.13 -2.32
CA GLU A 172 13.17 -11.05 -2.40
C GLU A 172 12.60 -10.23 -1.25
N ALA A 173 13.14 -10.41 -0.05
CA ALA A 173 12.70 -9.59 1.09
C ALA A 173 13.03 -8.12 0.85
N SER A 174 14.22 -7.82 0.31
CA SER A 174 14.56 -6.42 0.09
C SER A 174 13.66 -5.78 -0.96
N VAL A 175 13.19 -6.58 -1.93
CA VAL A 175 12.23 -6.09 -2.90
C VAL A 175 10.97 -5.57 -2.19
N LYS A 176 10.50 -6.31 -1.18
CA LYS A 176 9.29 -5.89 -0.48
CA LYS A 176 9.29 -5.89 -0.48
C LYS A 176 9.54 -4.62 0.33
N TYR A 177 10.66 -4.56 1.06
CA TYR A 177 10.96 -3.35 1.83
C TYR A 177 11.17 -2.15 0.92
N LEU A 178 11.88 -2.34 -0.19
CA LEU A 178 12.05 -1.24 -1.15
C LEU A 178 10.70 -0.79 -1.72
N ALA A 179 9.82 -1.75 -2.05
CA ALA A 179 8.51 -1.41 -2.60
C ALA A 179 7.72 -0.53 -1.63
N VAL A 180 7.84 -0.78 -0.33
CA VAL A 180 7.15 0.10 0.62
C VAL A 180 7.79 1.48 0.63
N ASP A 181 9.13 1.54 0.54
CA ASP A 181 9.79 2.84 0.57
C ASP A 181 9.40 3.70 -0.63
N LEU A 182 9.31 3.11 -1.81
CA LEU A 182 9.12 3.89 -3.03
C LEU A 182 7.67 3.96 -3.46
N GLY A 183 6.78 3.23 -2.78
CA GLY A 183 5.38 3.21 -3.15
C GLY A 183 4.69 4.55 -3.21
N PRO A 184 4.89 5.45 -2.24
CA PRO A 184 4.23 6.76 -2.35
C PRO A 184 4.64 7.54 -3.60
N LYS A 185 5.82 7.28 -4.15
CA LYS A 185 6.25 7.87 -5.41
C LYS A 185 5.74 7.09 -6.61
N HIS A 186 4.93 6.05 -6.36
CA HIS A 186 4.42 5.14 -7.37
C HIS A 186 5.55 4.53 -8.19
N ILE A 187 6.73 4.37 -7.59
CA ILE A 187 7.79 3.58 -8.19
C ILE A 187 7.65 2.16 -7.70
N ARG A 188 7.42 1.22 -8.63
CA ARG A 188 7.22 -0.18 -8.29
C ARG A 188 8.54 -0.93 -8.30
N VAL A 189 8.62 -1.94 -7.44
CA VAL A 189 9.81 -2.77 -7.28
C VAL A 189 9.34 -4.23 -7.29
N ASN A 190 9.78 -5.01 -8.28
CA ASN A 190 9.34 -6.39 -8.44
C ASN A 190 10.52 -7.28 -8.83
N ALA A 191 10.30 -8.59 -8.75
CA ALA A 191 11.27 -9.60 -9.14
C ALA A 191 10.60 -10.66 -10.01
N ILE A 192 11.29 -11.13 -11.04
CA ILE A 192 10.89 -12.31 -11.78
C ILE A 192 11.68 -13.50 -11.23
N SER A 193 10.98 -14.53 -10.78
CA SER A 193 11.61 -15.79 -10.40
C SER A 193 11.66 -16.66 -11.66
N ALA A 194 12.81 -16.66 -12.33
CA ALA A 194 12.93 -17.33 -13.60
C ALA A 194 13.29 -18.80 -13.39
N GLY A 195 12.78 -19.64 -14.29
CA GLY A 195 13.21 -21.03 -14.34
C GLY A 195 14.63 -21.09 -14.87
N PRO A 196 15.29 -22.23 -14.77
CA PRO A 196 16.70 -22.30 -15.18
C PRO A 196 16.88 -22.09 -16.67
N ILE A 197 17.92 -21.32 -17.01
CA ILE A 197 18.29 -21.00 -18.39
C ILE A 197 19.80 -21.09 -18.52
N LYS A 198 20.27 -21.70 -19.61
CA LYS A 198 21.71 -21.87 -19.81
C LYS A 198 22.38 -20.55 -20.17
N THR A 199 22.90 -19.83 -19.16
CA THR A 199 23.65 -18.58 -19.33
C THR A 199 25.09 -18.78 -18.86
N LEU A 200 25.88 -17.72 -18.98
CA LEU A 200 27.26 -17.73 -18.51
C LEU A 200 27.33 -17.98 -17.00
N ALA A 201 26.65 -17.14 -16.23
CA ALA A 201 26.72 -17.27 -14.77
C ALA A 201 26.06 -18.55 -14.27
N ALA A 202 24.99 -19.01 -14.92
CA ALA A 202 24.29 -20.19 -14.43
C ALA A 202 25.05 -21.47 -14.73
N SER A 203 25.98 -21.44 -15.69
CA SER A 203 26.81 -22.60 -16.00
C SER A 203 27.74 -22.97 -14.85
N GLY A 204 28.00 -22.04 -13.93
CA GLY A 204 28.86 -22.34 -12.81
C GLY A 204 28.24 -23.23 -11.76
N ILE A 205 26.90 -23.36 -11.77
CA ILE A 205 26.22 -24.23 -10.81
C ILE A 205 26.56 -25.69 -11.11
N GLY A 206 27.06 -26.40 -10.10
CA GLY A 206 27.35 -27.81 -10.26
C GLY A 206 26.13 -28.57 -10.75
N ASP A 207 26.30 -29.41 -11.77
CA ASP A 207 25.25 -30.25 -12.32
C ASP A 207 24.05 -29.44 -12.85
N PHE A 208 24.35 -28.35 -13.57
CA PHE A 208 23.27 -27.52 -14.11
C PHE A 208 22.48 -28.27 -15.17
N ARG A 209 23.17 -29.11 -15.96
CA ARG A 209 22.50 -29.92 -16.97
C ARG A 209 21.38 -30.75 -16.35
N TYR A 210 21.65 -31.35 -15.19
CA TYR A 210 20.63 -32.13 -14.48
C TYR A 210 19.45 -31.25 -14.09
N ILE A 211 19.72 -30.04 -13.62
CA ILE A 211 18.63 -29.17 -13.15
C ILE A 211 17.72 -28.80 -14.31
N LEU A 212 18.30 -28.51 -15.47
CA LEU A 212 17.50 -28.20 -16.66
C LEU A 212 16.59 -29.35 -17.05
N LYS A 213 17.14 -30.56 -17.15
CA LYS A 213 16.33 -31.71 -17.54
C LYS A 213 15.23 -31.98 -16.50
N TRP A 214 15.57 -31.85 -15.22
CA TRP A 214 14.56 -32.04 -14.18
C TRP A 214 13.37 -31.10 -14.38
N ASN A 215 13.65 -29.83 -14.71
CA ASN A 215 12.58 -28.88 -15.00
C ASN A 215 11.83 -29.27 -16.28
N GLU A 216 12.55 -29.67 -17.32
CA GLU A 216 11.88 -30.08 -18.55
C GLU A 216 10.90 -31.24 -18.30
N TYR A 217 11.29 -32.18 -17.43
CA TYR A 217 10.46 -33.36 -17.20
C TYR A 217 9.37 -33.14 -16.16
N ASN A 218 9.55 -32.21 -15.23
CA ASN A 218 8.65 -32.10 -14.11
C ASN A 218 7.87 -30.79 -14.03
N ALA A 219 8.29 -29.76 -14.75
CA ALA A 219 7.50 -28.54 -14.79
C ALA A 219 6.15 -28.80 -15.46
N PRO A 220 5.08 -28.14 -15.00
CA PRO A 220 3.76 -28.35 -15.63
C PRO A 220 3.74 -28.21 -17.15
N LEU A 221 4.37 -27.16 -17.69
CA LEU A 221 4.39 -26.98 -19.16
C LEU A 221 5.32 -27.96 -19.87
N ARG A 222 6.11 -28.75 -19.13
CA ARG A 222 6.97 -29.79 -19.72
C ARG A 222 7.98 -29.19 -20.69
N ARG A 223 8.52 -28.02 -20.33
CA ARG A 223 9.61 -27.41 -21.09
C ARG A 223 10.25 -26.36 -20.21
N THR A 224 11.51 -26.05 -20.50
CA THR A 224 12.17 -24.96 -19.81
C THR A 224 11.91 -23.65 -20.56
N VAL A 225 12.16 -22.53 -19.89
CA VAL A 225 11.82 -21.22 -20.44
C VAL A 225 13.01 -20.63 -21.18
N THR A 226 12.76 -19.57 -21.95
CA THR A 226 13.79 -18.94 -22.76
C THR A 226 13.93 -17.47 -22.37
N ILE A 227 15.03 -16.84 -22.79
CA ILE A 227 15.21 -15.43 -22.45
C ILE A 227 14.17 -14.57 -23.15
N GLU A 228 13.62 -15.02 -24.28
CA GLU A 228 12.56 -14.25 -24.94
C GLU A 228 11.26 -14.31 -24.15
N GLU A 229 10.98 -15.46 -23.53
CA GLU A 229 9.78 -15.57 -22.71
C GLU A 229 9.90 -14.73 -21.46
N VAL A 230 11.06 -14.79 -20.80
CA VAL A 230 11.28 -13.95 -19.62
C VAL A 230 11.28 -12.48 -20.03
N GLY A 231 11.83 -12.15 -21.21
CA GLY A 231 11.81 -10.78 -21.67
C GLY A 231 10.40 -10.23 -21.81
N ASP A 232 9.48 -11.05 -22.32
CA ASP A 232 8.09 -10.62 -22.47
C ASP A 232 7.42 -10.43 -21.11
N SER A 233 7.73 -11.32 -20.15
CA SER A 233 7.20 -11.13 -18.80
C SER A 233 7.80 -9.90 -18.15
N ALA A 234 9.09 -9.63 -18.41
CA ALA A 234 9.70 -8.39 -17.94
C ALA A 234 9.03 -7.17 -18.54
N LEU A 235 8.72 -7.24 -19.84
CA LEU A 235 8.04 -6.12 -20.50
C LEU A 235 6.76 -5.73 -19.77
N TYR A 236 5.98 -6.74 -19.38
CA TYR A 236 4.75 -6.50 -18.63
C TYR A 236 5.03 -5.73 -17.34
N LEU A 237 6.00 -6.19 -16.54
CA LEU A 237 6.34 -5.53 -15.29
C LEU A 237 6.98 -4.15 -15.50
N LEU A 238 7.64 -3.93 -16.64
CA LEU A 238 8.20 -2.61 -16.90
C LEU A 238 7.17 -1.64 -17.46
N SER A 239 6.11 -2.14 -18.09
CA SER A 239 5.13 -1.30 -18.75
C SER A 239 4.04 -0.87 -17.77
N ASP A 240 3.16 0.03 -18.23
CA ASP A 240 2.01 0.47 -17.45
C ASP A 240 0.94 -0.60 -17.28
N LEU A 241 1.04 -1.74 -17.99
CA LEU A 241 0.08 -2.83 -17.78
C LEU A 241 0.10 -3.35 -16.35
N SER A 242 1.23 -3.19 -15.65
CA SER A 242 1.43 -3.71 -14.30
C SER A 242 1.48 -2.59 -13.26
N ARG A 243 0.77 -1.47 -13.51
CA ARG A 243 0.92 -0.28 -12.67
C ARG A 243 0.34 -0.45 -11.26
N SER A 244 -0.40 -1.52 -10.99
CA SER A 244 -0.86 -1.77 -9.64
C SER A 244 -0.15 -2.96 -8.99
N VAL A 245 1.01 -3.35 -9.52
CA VAL A 245 1.77 -4.52 -9.05
C VAL A 245 3.11 -4.04 -8.50
N THR A 246 3.34 -4.25 -7.20
CA THR A 246 4.64 -3.93 -6.61
C THR A 246 4.90 -4.90 -5.45
N GLY A 247 6.19 -5.14 -5.21
CA GLY A 247 6.56 -6.07 -4.15
C GLY A 247 6.34 -7.52 -4.50
N GLU A 248 6.20 -7.83 -5.78
CA GLU A 248 5.73 -9.13 -6.24
C GLU A 248 6.92 -10.00 -6.68
N VAL A 249 6.89 -11.27 -6.32
CA VAL A 249 7.80 -12.27 -6.88
C VAL A 249 7.03 -13.04 -7.93
N HIS A 250 7.35 -12.81 -9.20
CA HIS A 250 6.55 -13.31 -10.32
C HIS A 250 7.29 -14.49 -10.94
N HIS A 251 6.72 -15.70 -10.82
CA HIS A 251 7.37 -16.90 -11.35
C HIS A 251 7.19 -17.01 -12.85
N VAL A 252 8.30 -17.02 -13.59
CA VAL A 252 8.29 -17.32 -15.03
C VAL A 252 9.14 -18.57 -15.23
N ASP A 253 8.52 -19.74 -15.02
CA ASP A 253 9.27 -20.98 -14.85
C ASP A 253 8.49 -22.19 -15.32
N SER A 254 7.55 -22.03 -16.25
CA SER A 254 6.70 -23.11 -16.73
C SER A 254 5.89 -23.75 -15.60
N GLY A 255 5.75 -23.05 -14.48
CA GLY A 255 5.00 -23.54 -13.34
C GLY A 255 5.78 -24.41 -12.38
N TYR A 256 7.10 -24.55 -12.54
CA TYR A 256 7.84 -25.54 -11.75
C TYR A 256 7.64 -25.33 -10.26
N ASN A 257 7.58 -24.08 -9.80
CA ASN A 257 7.53 -23.77 -8.37
C ASN A 257 6.32 -24.38 -7.67
N ILE A 258 5.28 -24.82 -8.40
CA ILE A 258 4.10 -25.35 -7.72
C ILE A 258 4.15 -26.86 -7.44
N ILE A 259 5.17 -27.57 -7.93
CA ILE A 259 5.16 -29.03 -7.76
CA ILE A 259 5.26 -29.03 -7.80
C ILE A 259 5.75 -29.41 -6.41
N GLY A 260 5.15 -30.44 -5.80
CA GLY A 260 5.60 -30.91 -4.49
C GLY A 260 6.27 -32.27 -4.52
N MET A 261 6.40 -32.85 -5.71
CA MET A 261 6.94 -34.19 -5.89
C MET A 261 7.09 -34.46 -7.37
N LYS A 262 8.11 -35.22 -7.72
CA LYS A 262 8.21 -35.76 -9.06
C LYS A 262 7.02 -36.66 -9.36
N ALA A 263 6.50 -36.58 -10.58
CA ALA A 263 5.53 -37.58 -11.03
C ALA A 263 6.19 -38.96 -11.08
N VAL A 264 5.45 -40.00 -10.65
CA VAL A 264 6.00 -41.35 -10.64
C VAL A 264 6.32 -41.82 -12.05
N ASP A 265 5.58 -41.34 -13.04
CA ASP A 265 5.82 -41.67 -14.44
C ASP A 265 6.71 -40.65 -15.15
N ALA A 266 7.33 -39.73 -14.41
CA ALA A 266 8.30 -38.83 -15.01
C ALA A 266 9.56 -39.61 -15.40
N PRO A 267 10.13 -39.34 -16.57
CA PRO A 267 11.31 -40.11 -17.00
C PRO A 267 12.54 -39.81 -16.14
N ASP A 268 13.37 -40.83 -15.97
CA ASP A 268 14.58 -40.70 -15.16
C ASP A 268 15.66 -39.97 -15.95
N ILE A 269 16.30 -38.99 -15.31
CA ILE A 269 17.35 -38.21 -15.97
C ILE A 269 18.71 -38.90 -15.79
N GLY B 6 5.79 -40.53 33.67
CA GLY B 6 5.79 -39.82 32.40
C GLY B 6 6.30 -38.39 32.50
N ASN B 7 6.12 -37.61 31.44
CA ASN B 7 6.55 -36.22 31.46
C ASN B 7 5.50 -35.27 32.06
N GLY B 8 4.28 -35.76 32.32
CA GLY B 8 3.28 -34.97 33.03
C GLY B 8 2.68 -33.82 32.27
N LEU B 9 2.97 -33.67 30.98
CA LEU B 9 2.61 -32.47 30.25
C LEU B 9 1.10 -32.27 30.12
N LEU B 10 0.30 -33.33 30.32
CA LEU B 10 -1.16 -33.22 30.30
C LEU B 10 -1.78 -33.72 31.61
N TYR B 11 -1.03 -33.63 32.69
CA TYR B 11 -1.57 -34.02 34.00
C TYR B 11 -2.83 -33.23 34.30
N GLY B 12 -3.90 -33.94 34.69
CA GLY B 12 -5.15 -33.31 35.04
C GLY B 12 -5.98 -32.78 33.89
N LYS B 13 -5.56 -33.01 32.65
CA LYS B 13 -6.28 -32.51 31.49
C LYS B 13 -7.15 -33.60 30.89
N ARG B 14 -8.23 -33.18 30.25
CA ARG B 14 -9.19 -34.09 29.63
C ARG B 14 -9.37 -33.67 28.18
N GLY B 15 -9.34 -34.64 27.26
CA GLY B 15 -9.46 -34.33 25.86
C GLY B 15 -10.30 -35.36 25.11
N LEU B 16 -10.77 -34.94 23.95
CA LEU B 16 -11.61 -35.74 23.08
C LEU B 16 -10.85 -35.96 21.78
N ILE B 17 -10.85 -37.22 21.30
CA ILE B 17 -10.17 -37.58 20.05
C ILE B 17 -11.19 -38.22 19.12
N LEU B 18 -11.37 -37.62 17.94
CA LEU B 18 -12.21 -38.18 16.88
C LEU B 18 -11.32 -38.58 15.71
N GLY B 19 -11.50 -39.81 15.22
CA GLY B 19 -10.70 -40.30 14.11
C GLY B 19 -9.86 -41.53 14.40
N LEU B 20 -9.98 -42.14 15.57
CA LEU B 20 -9.31 -43.42 15.82
C LEU B 20 -9.97 -44.51 14.99
N ALA B 21 -9.20 -45.19 14.15
CA ALA B 21 -9.71 -46.31 13.36
C ALA B 21 -9.10 -47.64 13.76
N ASN B 22 -7.79 -47.68 13.97
CA ASN B 22 -7.11 -48.90 14.38
C ASN B 22 -5.78 -48.46 15.01
N ASN B 23 -4.94 -49.45 15.37
CA ASN B 23 -3.69 -49.14 16.07
C ASN B 23 -2.61 -48.57 15.16
N ARG B 24 -2.93 -48.32 13.88
CA ARG B 24 -2.03 -47.63 12.97
C ARG B 24 -2.42 -46.17 12.74
N SER B 25 -3.60 -45.76 13.18
CA SER B 25 -4.10 -44.39 13.03
C SER B 25 -3.16 -43.36 13.65
N ILE B 26 -3.03 -42.19 12.99
CA ILE B 26 -2.31 -41.08 13.64
C ILE B 26 -2.95 -40.78 14.99
N ALA B 27 -4.28 -40.86 15.06
CA ALA B 27 -4.98 -40.66 16.34
C ALA B 27 -4.52 -41.63 17.41
N TRP B 28 -4.09 -42.85 17.04
CA TRP B 28 -3.64 -43.78 18.06
C TRP B 28 -2.29 -43.35 18.64
N GLY B 29 -1.38 -42.87 17.78
CA GLY B 29 -0.12 -42.33 18.29
C GLY B 29 -0.32 -41.12 19.19
N ILE B 30 -1.25 -40.24 18.79
CA ILE B 30 -1.63 -39.11 19.64
C ILE B 30 -2.20 -39.61 20.98
N ALA B 31 -3.11 -40.59 20.92
CA ALA B 31 -3.70 -41.13 22.14
C ALA B 31 -2.66 -41.73 23.09
N LYS B 32 -1.77 -42.59 22.58
CA LYS B 32 -0.77 -43.22 23.44
C LYS B 32 0.12 -42.19 24.14
N THR B 33 0.61 -41.20 23.37
CA THR B 33 1.45 -40.15 23.92
CA THR B 33 1.47 -40.19 23.97
C THR B 33 0.69 -39.31 24.94
N ALA B 34 -0.52 -38.87 24.57
CA ALA B 34 -1.28 -38.02 25.47
C ALA B 34 -1.63 -38.76 26.75
N SER B 35 -1.97 -40.05 26.64
CA SER B 35 -2.25 -40.84 27.83
C SER B 35 -1.02 -40.97 28.71
N SER B 36 0.15 -41.21 28.12
CA SER B 36 1.36 -41.34 28.93
CA SER B 36 1.36 -41.34 28.92
C SER B 36 1.71 -40.04 29.62
N ALA B 37 1.32 -38.90 29.05
CA ALA B 37 1.54 -37.58 29.63
C ALA B 37 0.53 -37.21 30.70
N GLY B 38 -0.42 -38.10 31.02
CA GLY B 38 -1.36 -37.87 32.11
C GLY B 38 -2.80 -37.56 31.70
N ALA B 39 -3.09 -37.47 30.41
CA ALA B 39 -4.41 -37.02 29.96
C ALA B 39 -5.47 -38.10 30.15
N GLU B 40 -6.66 -37.69 30.57
CA GLU B 40 -7.86 -38.51 30.50
CA GLU B 40 -7.85 -38.51 30.49
C GLU B 40 -8.50 -38.30 29.12
N LEU B 41 -8.75 -39.39 28.42
CA LEU B 41 -9.15 -39.32 27.01
C LEU B 41 -10.56 -39.87 26.80
N ALA B 42 -11.30 -39.23 25.90
CA ALA B 42 -12.55 -39.77 25.37
C ALA B 42 -12.42 -40.00 23.88
N PHE B 43 -13.13 -41.01 23.37
CA PHE B 43 -13.05 -41.39 21.97
C PHE B 43 -14.44 -41.54 21.37
N THR B 44 -14.57 -41.11 20.11
CA THR B 44 -15.72 -41.45 19.28
C THR B 44 -15.33 -42.57 18.30
N TYR B 45 -16.33 -43.16 17.67
CA TYR B 45 -16.07 -44.12 16.62
C TYR B 45 -17.06 -43.86 15.49
N GLN B 46 -16.64 -44.17 14.26
CA GLN B 46 -17.48 -43.97 13.09
C GLN B 46 -18.09 -45.32 12.70
N GLY B 47 -19.23 -45.64 13.30
CA GLY B 47 -19.96 -46.83 12.90
C GLY B 47 -19.49 -48.11 13.58
N GLU B 48 -20.19 -49.20 13.26
CA GLU B 48 -20.02 -50.45 13.98
C GLU B 48 -18.66 -51.10 13.69
N ALA B 49 -18.22 -51.07 12.44
CA ALA B 49 -16.90 -51.64 12.11
C ALA B 49 -15.80 -50.97 12.92
N MET B 50 -15.81 -49.64 13.01
CA MET B 50 -14.77 -48.95 13.78
C MET B 50 -14.91 -49.25 15.27
N LYS B 51 -16.15 -49.34 15.77
CA LYS B 51 -16.40 -49.56 17.18
C LYS B 51 -15.67 -50.79 17.70
N LYS B 52 -15.60 -51.86 16.90
CA LYS B 52 -15.00 -53.11 17.36
C LYS B 52 -13.52 -52.95 17.65
N ARG B 53 -12.86 -51.95 17.06
CA ARG B 53 -11.46 -51.67 17.37
C ARG B 53 -11.30 -50.50 18.34
N VAL B 54 -12.13 -49.47 18.24
CA VAL B 54 -11.97 -48.31 19.12
C VAL B 54 -12.22 -48.70 20.58
N GLU B 55 -13.20 -49.56 20.84
CA GLU B 55 -13.53 -49.90 22.23
C GLU B 55 -12.36 -50.55 22.95
N PRO B 56 -11.74 -51.64 22.45
CA PRO B 56 -10.61 -52.19 23.21
C PRO B 56 -9.37 -51.29 23.17
N LEU B 57 -9.12 -50.58 22.07
CA LEU B 57 -8.01 -49.63 22.07
C LEU B 57 -8.21 -48.57 23.14
N ALA B 58 -9.41 -48.02 23.27
CA ALA B 58 -9.65 -47.03 24.32
C ALA B 58 -9.38 -47.62 25.70
N GLU B 59 -9.73 -48.90 25.89
CA GLU B 59 -9.47 -49.57 27.15
C GLU B 59 -7.97 -49.63 27.46
N GLU B 60 -7.13 -49.82 26.44
CA GLU B 60 -5.70 -49.92 26.68
C GLU B 60 -5.07 -48.61 27.17
N VAL B 61 -5.71 -47.45 26.94
CA VAL B 61 -5.25 -46.19 27.52
C VAL B 61 -6.20 -45.71 28.62
N LYS B 62 -7.04 -46.61 29.13
CA LYS B 62 -8.04 -46.31 30.15
C LYS B 62 -8.89 -45.11 29.74
N GLY B 63 -9.24 -45.06 28.46
CA GLY B 63 -10.05 -43.98 27.92
C GLY B 63 -11.53 -44.29 28.01
N PHE B 64 -12.33 -43.28 27.70
CA PHE B 64 -13.79 -43.33 27.79
C PHE B 64 -14.34 -43.33 26.37
N VAL B 65 -15.25 -44.25 26.06
CA VAL B 65 -15.87 -44.31 24.74
C VAL B 65 -17.18 -43.53 24.80
N CYS B 66 -17.21 -42.33 24.23
CA CYS B 66 -18.40 -41.52 24.39
C CYS B 66 -19.44 -41.75 23.29
N GLY B 67 -19.15 -42.56 22.28
CA GLY B 67 -20.21 -43.05 21.41
C GLY B 67 -19.91 -42.85 19.94
N HIS B 68 -20.90 -43.18 19.13
CA HIS B 68 -20.79 -43.09 17.67
C HIS B 68 -20.80 -41.63 17.23
N CYS B 69 -19.92 -41.28 16.29
CA CYS B 69 -20.03 -39.97 15.68
C CYS B 69 -19.66 -40.07 14.22
N ASP B 70 -20.61 -39.69 13.36
CA ASP B 70 -20.35 -39.47 11.95
C ASP B 70 -20.54 -37.99 11.67
N VAL B 71 -19.48 -37.31 11.26
CA VAL B 71 -19.55 -35.85 11.17
C VAL B 71 -20.50 -35.38 10.08
N SER B 72 -21.00 -36.27 9.23
CA SER B 72 -22.08 -35.87 8.32
C SER B 72 -23.43 -35.85 9.01
N ASP B 73 -23.50 -36.31 10.26
CA ASP B 73 -24.74 -36.47 11.02
C ASP B 73 -24.67 -35.55 12.24
N SER B 74 -25.25 -34.35 12.11
CA SER B 74 -25.12 -33.32 13.14
C SER B 74 -25.70 -33.78 14.48
N ALA B 75 -26.77 -34.56 14.46
CA ALA B 75 -27.33 -35.09 15.69
C ALA B 75 -26.32 -35.94 16.45
N SER B 76 -25.53 -36.75 15.74
CA SER B 76 -24.55 -37.57 16.46
C SER B 76 -23.44 -36.71 17.06
N ILE B 77 -23.09 -35.59 16.42
CA ILE B 77 -22.14 -34.67 17.03
C ILE B 77 -22.70 -34.10 18.32
N ASP B 78 -23.96 -33.67 18.28
CA ASP B 78 -24.60 -33.14 19.48
C ASP B 78 -24.58 -34.16 20.62
N ALA B 79 -24.88 -35.42 20.31
CA ALA B 79 -25.00 -36.42 21.37
C ALA B 79 -23.66 -36.69 22.07
N VAL B 80 -22.57 -36.79 21.32
CA VAL B 80 -21.29 -37.06 21.99
C VAL B 80 -20.90 -35.89 22.87
N PHE B 81 -21.17 -34.65 22.42
CA PHE B 81 -20.80 -33.51 23.25
C PHE B 81 -21.72 -33.35 24.45
N ASN B 82 -22.98 -33.76 24.34
CA ASN B 82 -23.82 -33.85 25.52
C ASN B 82 -23.26 -34.88 26.51
N THR B 83 -22.90 -36.06 26.00
CA THR B 83 -22.32 -37.08 26.85
C THR B 83 -21.07 -36.56 27.56
N ILE B 84 -20.21 -35.86 26.82
CA ILE B 84 -19.01 -35.27 27.41
C ILE B 84 -19.40 -34.25 28.47
N GLU B 85 -20.33 -33.36 28.15
CA GLU B 85 -20.69 -32.31 29.10
C GLU B 85 -21.22 -32.90 30.40
N LYS B 86 -22.01 -33.96 30.31
CA LYS B 86 -22.54 -34.56 31.54
C LYS B 86 -21.42 -35.16 32.38
N LYS B 87 -20.47 -35.86 31.76
CA LYS B 87 -19.44 -36.56 32.51
C LYS B 87 -18.37 -35.60 33.03
N TRP B 88 -17.94 -34.63 32.22
CA TRP B 88 -16.76 -33.83 32.53
C TRP B 88 -17.03 -32.36 32.82
N GLY B 89 -18.05 -31.77 32.23
CA GLY B 89 -18.27 -30.34 32.37
C GLY B 89 -17.44 -29.44 31.47
N LYS B 90 -16.13 -29.67 31.41
CA LYS B 90 -15.21 -28.88 30.61
C LYS B 90 -14.35 -29.81 29.77
N LEU B 91 -13.84 -29.29 28.66
CA LEU B 91 -12.94 -30.03 27.80
C LEU B 91 -11.67 -29.20 27.64
N ASP B 92 -10.51 -29.82 27.87
CA ASP B 92 -9.26 -29.09 27.73
C ASP B 92 -8.71 -29.11 26.31
N PHE B 93 -8.91 -30.19 25.55
CA PHE B 93 -8.38 -30.20 24.20
C PHE B 93 -9.23 -31.12 23.32
N LEU B 94 -9.09 -30.94 22.01
CA LEU B 94 -9.86 -31.70 21.04
C LEU B 94 -8.95 -32.04 19.86
N VAL B 95 -8.98 -33.30 19.42
CA VAL B 95 -8.19 -33.73 18.28
C VAL B 95 -9.14 -34.13 17.16
N HIS B 96 -8.97 -33.48 16.01
CA HIS B 96 -9.76 -33.71 14.80
C HIS B 96 -8.86 -34.50 13.85
N ALA B 97 -9.00 -35.83 13.85
CA ALA B 97 -8.20 -36.68 12.99
C ALA B 97 -9.10 -37.35 11.95
N ILE B 98 -9.86 -36.54 11.22
CA ILE B 98 -10.90 -37.03 10.33
C ILE B 98 -10.63 -36.47 8.93
N GLY B 99 -10.54 -37.35 7.94
CA GLY B 99 -10.53 -36.94 6.56
C GLY B 99 -11.11 -38.02 5.69
N PHE B 100 -11.72 -37.62 4.57
CA PHE B 100 -12.32 -38.59 3.67
C PHE B 100 -12.43 -38.03 2.26
N SER B 101 -12.21 -38.91 1.29
CA SER B 101 -12.40 -38.58 -0.12
C SER B 101 -12.66 -39.89 -0.85
N ASP B 102 -13.18 -39.80 -2.06
CA ASP B 102 -13.38 -41.00 -2.87
C ASP B 102 -12.03 -41.53 -3.33
N LYS B 103 -11.65 -42.72 -2.84
CA LYS B 103 -10.32 -43.23 -3.16
C LYS B 103 -10.19 -43.55 -4.65
N GLU B 104 -11.29 -43.85 -5.33
CA GLU B 104 -11.22 -44.11 -6.76
C GLU B 104 -10.72 -42.89 -7.54
N GLU B 105 -10.97 -41.68 -7.04
CA GLU B 105 -10.55 -40.47 -7.73
C GLU B 105 -9.25 -39.87 -7.20
N LEU B 106 -8.60 -40.54 -6.25
CA LEU B 106 -7.26 -40.14 -5.78
C LEU B 106 -6.20 -40.73 -6.72
N SER B 107 -6.35 -40.39 -8.00
CA SER B 107 -5.51 -40.89 -9.09
C SER B 107 -5.95 -40.17 -10.35
N GLY B 108 -5.16 -40.34 -11.40
CA GLY B 108 -5.49 -39.58 -12.59
C GLY B 108 -5.45 -38.09 -12.32
N ARG B 109 -6.24 -37.34 -13.09
CA ARG B 109 -6.16 -35.89 -13.08
C ARG B 109 -7.15 -35.30 -12.10
N TYR B 110 -6.73 -34.22 -11.41
CA TYR B 110 -7.66 -33.50 -10.54
C TYR B 110 -8.88 -33.01 -11.31
N VAL B 111 -8.69 -32.55 -12.54
CA VAL B 111 -9.77 -31.94 -13.32
C VAL B 111 -10.88 -32.93 -13.63
N ASP B 112 -10.61 -34.23 -13.51
CA ASP B 112 -11.62 -35.25 -13.78
C ASP B 112 -12.44 -35.63 -12.55
N ILE B 113 -12.28 -34.94 -11.41
CA ILE B 113 -13.04 -35.32 -10.22
C ILE B 113 -14.54 -35.13 -10.47
N SER B 114 -15.35 -35.79 -9.64
CA SER B 114 -16.79 -35.61 -9.72
C SER B 114 -17.25 -34.55 -8.73
N GLU B 115 -18.36 -33.89 -9.07
CA GLU B 115 -18.93 -32.89 -8.18
C GLU B 115 -19.31 -33.48 -6.82
N SER B 116 -19.92 -34.68 -6.81
CA SER B 116 -20.31 -35.28 -5.54
C SER B 116 -19.09 -35.56 -4.65
N ASN B 117 -17.99 -36.03 -5.24
CA ASN B 117 -16.76 -36.24 -4.49
C ASN B 117 -16.19 -34.93 -3.94
N PHE B 118 -16.21 -33.87 -4.76
CA PHE B 118 -15.75 -32.57 -4.27
C PHE B 118 -16.55 -32.16 -3.03
N MET B 119 -17.88 -32.26 -3.10
CA MET B 119 -18.70 -31.78 -2.00
C MET B 119 -18.54 -32.66 -0.77
N MET B 120 -18.53 -33.98 -0.95
CA MET B 120 -18.35 -34.89 0.20
C MET B 120 -17.00 -34.68 0.85
N THR B 121 -15.93 -34.57 0.04
CA THR B 121 -14.61 -34.33 0.61
C THR B 121 -14.57 -33.02 1.39
N MET B 122 -15.13 -31.95 0.83
CA MET B 122 -15.10 -30.68 1.54
C MET B 122 -15.89 -30.75 2.84
N ASN B 123 -17.01 -31.46 2.83
CA ASN B 123 -17.83 -31.51 4.04
C ASN B 123 -17.14 -32.29 5.13
N ILE B 124 -16.70 -33.51 4.82
CA ILE B 124 -16.17 -34.42 5.83
C ILE B 124 -14.78 -33.97 6.27
N SER B 125 -13.95 -33.53 5.33
CA SER B 125 -12.56 -33.22 5.64
C SER B 125 -12.34 -31.80 6.12
N VAL B 126 -13.26 -30.88 5.83
CA VAL B 126 -13.05 -29.48 6.19
C VAL B 126 -14.13 -28.97 7.13
N TYR B 127 -15.39 -28.96 6.66
CA TYR B 127 -16.45 -28.36 7.47
C TYR B 127 -16.56 -29.04 8.82
N SER B 128 -16.26 -30.34 8.89
CA SER B 128 -16.36 -31.08 10.15
C SER B 128 -15.55 -30.42 11.26
N LEU B 129 -14.36 -29.87 10.95
CA LEU B 129 -13.60 -29.22 12.01
C LEU B 129 -14.34 -28.01 12.57
N THR B 130 -14.93 -27.20 11.68
CA THR B 130 -15.71 -26.06 12.14
C THR B 130 -16.95 -26.51 12.91
N ALA B 131 -17.62 -27.57 12.44
CA ALA B 131 -18.79 -28.06 13.16
C ALA B 131 -18.42 -28.57 14.56
N LEU B 132 -17.33 -29.32 14.68
CA LEU B 132 -16.93 -29.81 16.00
C LEU B 132 -16.48 -28.66 16.90
N THR B 133 -15.78 -27.68 16.32
CA THR B 133 -15.32 -26.54 17.10
C THR B 133 -16.51 -25.75 17.68
N LYS B 134 -17.60 -25.65 16.91
CA LYS B 134 -18.81 -25.01 17.41
CA LYS B 134 -18.81 -24.99 17.41
C LYS B 134 -19.21 -25.52 18.78
N ARG B 135 -19.20 -26.85 18.95
CA ARG B 135 -19.61 -27.43 20.23
C ARG B 135 -18.52 -27.37 21.28
N ALA B 136 -17.29 -27.68 20.90
CA ALA B 136 -16.19 -27.61 21.87
C ALA B 136 -16.10 -26.24 22.53
N GLU B 137 -16.49 -25.18 21.81
CA GLU B 137 -16.33 -23.83 22.35
C GLU B 137 -17.03 -23.69 23.69
N LYS B 138 -18.26 -24.20 23.81
CA LYS B 138 -19.04 -24.03 25.04
C LYS B 138 -18.34 -24.71 26.22
N LEU B 139 -17.67 -25.83 25.97
CA LEU B 139 -16.96 -26.58 26.98
C LEU B 139 -15.55 -26.07 27.24
N MET B 140 -15.07 -25.08 26.47
CA MET B 140 -13.71 -24.60 26.58
C MET B 140 -13.67 -23.15 27.03
N SER B 141 -14.56 -22.77 27.96
CA SER B 141 -14.61 -21.40 28.44
C SER B 141 -13.27 -20.96 29.03
N ASP B 142 -12.68 -21.82 29.89
CA ASP B 142 -11.36 -21.54 30.48
C ASP B 142 -10.19 -21.64 29.48
N GLY B 143 -10.41 -21.72 28.17
CA GLY B 143 -9.33 -21.93 27.23
C GLY B 143 -9.21 -23.39 26.84
N GLY B 144 -8.31 -23.65 25.90
CA GLY B 144 -8.11 -25.01 25.43
C GLY B 144 -7.24 -25.03 24.19
N SER B 145 -7.11 -26.23 23.63
CA SER B 145 -6.33 -26.41 22.41
C SER B 145 -7.02 -27.37 21.46
N ILE B 146 -7.16 -26.95 20.20
CA ILE B 146 -7.82 -27.71 19.15
C ILE B 146 -6.78 -28.03 18.07
N LEU B 147 -6.66 -29.31 17.69
CA LEU B 147 -5.63 -29.74 16.75
C LEU B 147 -6.25 -30.49 15.59
N THR B 148 -5.84 -30.17 14.36
CA THR B 148 -6.23 -30.97 13.20
C THR B 148 -4.99 -31.44 12.46
N LEU B 149 -5.18 -32.24 11.42
CA LEU B 149 -4.09 -32.84 10.67
C LEU B 149 -4.22 -32.45 9.19
N THR B 150 -3.10 -32.05 8.59
CA THR B 150 -3.09 -31.64 7.20
C THR B 150 -1.87 -32.25 6.52
N TYR B 151 -1.63 -31.84 5.27
CA TYR B 151 -0.60 -32.46 4.44
C TYR B 151 -0.05 -31.43 3.45
N TYR B 152 1.23 -31.60 3.13
CA TYR B 152 1.95 -30.72 2.20
C TYR B 152 1.25 -30.57 0.86
N GLY B 153 0.45 -31.56 0.47
CA GLY B 153 -0.36 -31.45 -0.73
C GLY B 153 -1.32 -30.27 -0.74
N ALA B 154 -1.54 -29.64 0.42
CA ALA B 154 -2.28 -28.38 0.46
C ALA B 154 -1.46 -27.22 -0.09
N GLU B 155 -0.13 -27.29 0.01
CA GLU B 155 0.77 -26.20 -0.39
C GLU B 155 1.27 -26.36 -1.81
N LYS B 156 1.63 -27.59 -2.19
CA LYS B 156 2.21 -27.87 -3.50
C LYS B 156 1.52 -29.07 -4.08
N VAL B 157 1.64 -29.26 -5.40
CA VAL B 157 0.91 -30.34 -6.05
C VAL B 157 1.62 -31.66 -5.80
N VAL B 158 0.93 -32.60 -5.16
CA VAL B 158 1.41 -33.95 -4.96
C VAL B 158 0.54 -34.87 -5.81
N PRO B 159 1.12 -35.61 -6.75
CA PRO B 159 0.28 -36.38 -7.70
C PRO B 159 -0.60 -37.38 -6.97
N ASN B 160 -1.85 -37.47 -7.43
CA ASN B 160 -2.91 -38.36 -6.98
C ASN B 160 -3.59 -37.83 -5.71
N TYR B 161 -3.03 -36.84 -5.02
CA TYR B 161 -3.72 -36.30 -3.85
C TYR B 161 -4.93 -35.45 -4.27
N ASN B 162 -4.81 -34.75 -5.40
CA ASN B 162 -5.93 -34.11 -6.11
C ASN B 162 -6.91 -33.36 -5.22
N VAL B 163 -8.16 -33.83 -5.11
CA VAL B 163 -9.14 -33.00 -4.42
C VAL B 163 -8.86 -32.93 -2.92
N MET B 164 -8.16 -33.92 -2.35
CA MET B 164 -7.75 -33.80 -0.95
CA MET B 164 -7.75 -33.80 -0.95
C MET B 164 -6.76 -32.65 -0.75
N GLY B 165 -5.99 -32.31 -1.78
CA GLY B 165 -5.09 -31.17 -1.67
C GLY B 165 -5.87 -29.87 -1.61
N VAL B 166 -6.87 -29.74 -2.49
CA VAL B 166 -7.79 -28.60 -2.44
C VAL B 166 -8.45 -28.53 -1.07
N ALA B 167 -8.91 -29.67 -0.55
CA ALA B 167 -9.58 -29.70 0.74
C ALA B 167 -8.65 -29.27 1.87
N LYS B 168 -7.43 -29.83 1.91
CA LYS B 168 -6.52 -29.48 3.00
C LYS B 168 -6.10 -28.01 2.90
N ALA B 169 -6.05 -27.43 1.70
CA ALA B 169 -5.80 -25.99 1.65
C ALA B 169 -6.92 -25.22 2.34
N ALA B 170 -8.18 -25.64 2.13
CA ALA B 170 -9.29 -24.97 2.83
C ALA B 170 -9.19 -25.22 4.33
N LEU B 171 -8.82 -26.43 4.73
CA LEU B 171 -8.66 -26.76 6.15
C LEU B 171 -7.68 -25.83 6.83
N GLU B 172 -6.49 -25.67 6.24
CA GLU B 172 -5.45 -24.81 6.81
C GLU B 172 -5.94 -23.36 6.93
N ALA B 173 -6.65 -22.88 5.91
CA ALA B 173 -7.24 -21.54 6.02
C ALA B 173 -8.26 -21.48 7.15
N SER B 174 -9.13 -22.50 7.27
CA SER B 174 -10.14 -22.45 8.33
C SER B 174 -9.50 -22.48 9.72
N VAL B 175 -8.38 -23.20 9.86
CA VAL B 175 -7.61 -23.15 11.11
C VAL B 175 -7.27 -21.72 11.48
N LYS B 176 -6.84 -20.92 10.51
CA LYS B 176 -6.46 -19.55 10.81
C LYS B 176 -7.68 -18.71 11.17
N TYR B 177 -8.80 -18.88 10.45
CA TYR B 177 -9.98 -18.09 10.77
C TYR B 177 -10.54 -18.48 12.14
N LEU B 178 -10.58 -19.78 12.44
CA LEU B 178 -11.00 -20.22 13.76
C LEU B 178 -10.09 -19.67 14.86
N ALA B 179 -8.77 -19.63 14.60
CA ALA B 179 -7.82 -19.11 15.58
C ALA B 179 -8.10 -17.64 15.90
N VAL B 180 -8.42 -16.84 14.89
CA VAL B 180 -8.84 -15.46 15.13
C VAL B 180 -10.14 -15.41 15.93
N ASP B 181 -11.12 -16.25 15.57
CA ASP B 181 -12.40 -16.24 16.27
C ASP B 181 -12.23 -16.51 17.75
N LEU B 182 -11.50 -17.56 18.10
CA LEU B 182 -11.51 -18.08 19.45
C LEU B 182 -10.29 -17.67 20.27
N GLY B 183 -9.29 -17.03 19.65
CA GLY B 183 -8.13 -16.58 20.39
C GLY B 183 -8.41 -15.68 21.57
N PRO B 184 -9.38 -14.77 21.48
CA PRO B 184 -9.71 -13.95 22.67
C PRO B 184 -10.21 -14.77 23.85
N LYS B 185 -10.76 -15.97 23.63
CA LYS B 185 -11.12 -16.90 24.69
C LYS B 185 -9.97 -17.82 25.07
N HIS B 186 -8.79 -17.59 24.49
CA HIS B 186 -7.60 -18.40 24.72
C HIS B 186 -7.83 -19.86 24.32
N ILE B 187 -8.66 -20.09 23.31
CA ILE B 187 -8.74 -21.37 22.63
C ILE B 187 -7.82 -21.32 21.41
N ARG B 188 -6.78 -22.16 21.41
CA ARG B 188 -5.85 -22.20 20.30
C ARG B 188 -6.27 -23.27 19.28
N VAL B 189 -5.96 -22.99 18.02
CA VAL B 189 -6.33 -23.85 16.89
C VAL B 189 -5.12 -23.98 15.98
N ASN B 190 -4.62 -25.20 15.83
CA ASN B 190 -3.40 -25.46 15.05
C ASN B 190 -3.57 -26.73 14.24
N ALA B 191 -2.65 -26.93 13.30
CA ALA B 191 -2.60 -28.12 12.47
C ALA B 191 -1.18 -28.68 12.46
N ILE B 192 -1.07 -30.01 12.45
CA ILE B 192 0.17 -30.68 12.10
C ILE B 192 0.10 -31.11 10.63
N SER B 193 1.10 -30.70 9.85
CA SER B 193 1.28 -31.16 8.47
C SER B 193 2.17 -32.39 8.52
N ALA B 194 1.56 -33.57 8.51
CA ALA B 194 2.28 -34.82 8.70
C ALA B 194 2.89 -35.31 7.39
N GLY B 195 4.06 -35.94 7.50
CA GLY B 195 4.60 -36.70 6.38
C GLY B 195 3.75 -37.93 6.17
N PRO B 196 3.92 -38.62 5.04
CA PRO B 196 3.05 -39.77 4.76
C PRO B 196 3.30 -40.92 5.74
N ILE B 197 2.21 -41.57 6.15
CA ILE B 197 2.23 -42.70 7.08
C ILE B 197 1.24 -43.74 6.59
N LYS B 198 1.64 -45.01 6.57
CA LYS B 198 0.75 -46.07 6.12
C LYS B 198 -0.40 -46.31 7.11
N THR B 199 -1.53 -45.66 6.87
CA THR B 199 -2.77 -45.81 7.62
C THR B 199 -3.86 -46.33 6.69
N LEU B 200 -5.00 -46.71 7.27
CA LEU B 200 -6.15 -47.13 6.49
C LEU B 200 -6.53 -46.07 5.46
N ALA B 201 -6.76 -44.83 5.91
CA ALA B 201 -7.20 -43.78 5.01
C ALA B 201 -6.15 -43.45 3.96
N ALA B 202 -4.89 -43.28 4.36
CA ALA B 202 -3.88 -42.85 3.40
C ALA B 202 -3.60 -43.93 2.36
N SER B 203 -3.83 -45.20 2.71
CA SER B 203 -3.55 -46.30 1.80
C SER B 203 -4.40 -46.24 0.53
N GLY B 204 -5.53 -45.53 0.57
CA GLY B 204 -6.33 -45.38 -0.65
C GLY B 204 -5.76 -44.38 -1.66
N ILE B 205 -4.73 -43.61 -1.29
CA ILE B 205 -4.12 -42.70 -2.25
C ILE B 205 -3.45 -43.51 -3.34
N GLY B 206 -3.71 -43.16 -4.61
CA GLY B 206 -3.04 -43.83 -5.70
C GLY B 206 -1.54 -43.70 -5.59
N ASP B 207 -0.81 -44.81 -5.77
CA ASP B 207 0.66 -44.81 -5.72
C ASP B 207 1.18 -44.33 -4.36
N PHE B 208 0.50 -44.72 -3.29
CA PHE B 208 0.94 -44.28 -1.97
C PHE B 208 2.30 -44.85 -1.61
N ARG B 209 2.61 -46.07 -2.04
CA ARG B 209 3.93 -46.64 -1.80
C ARG B 209 5.01 -45.72 -2.34
N TYR B 210 4.82 -45.24 -3.57
CA TYR B 210 5.78 -44.32 -4.20
C TYR B 210 5.96 -43.06 -3.37
N ILE B 211 4.87 -42.48 -2.89
CA ILE B 211 4.96 -41.27 -2.07
C ILE B 211 5.78 -41.53 -0.81
N LEU B 212 5.56 -42.69 -0.16
CA LEU B 212 6.35 -43.07 1.01
C LEU B 212 7.84 -43.15 0.65
N LYS B 213 8.16 -43.94 -0.37
CA LYS B 213 9.56 -44.14 -0.74
C LYS B 213 10.19 -42.81 -1.17
N TRP B 214 9.47 -41.99 -1.95
CA TRP B 214 10.04 -40.71 -2.34
C TRP B 214 10.43 -39.89 -1.13
N ASN B 215 9.59 -39.91 -0.09
CA ASN B 215 9.88 -39.21 1.15
C ASN B 215 11.06 -39.85 1.87
N GLU B 216 11.12 -41.19 1.90
CA GLU B 216 12.23 -41.85 2.58
C GLU B 216 13.56 -41.46 1.95
N TYR B 217 13.61 -41.37 0.62
CA TYR B 217 14.87 -41.12 -0.07
C TYR B 217 15.23 -39.64 -0.12
N ASN B 218 14.25 -38.74 -0.04
CA ASN B 218 14.54 -37.34 -0.29
C ASN B 218 14.30 -36.38 0.87
N ALA B 219 13.59 -36.78 1.93
CA ALA B 219 13.45 -35.88 3.06
C ALA B 219 14.81 -35.68 3.73
N PRO B 220 15.06 -34.48 4.29
CA PRO B 220 16.34 -34.24 4.99
C PRO B 220 16.74 -35.35 5.95
N LEU B 221 15.83 -35.85 6.78
CA LEU B 221 16.19 -36.88 7.75
C LEU B 221 16.34 -38.26 7.12
N ARG B 222 16.04 -38.40 5.82
CA ARG B 222 16.22 -39.66 5.10
C ARG B 222 15.41 -40.80 5.74
N ARG B 223 14.21 -40.48 6.21
CA ARG B 223 13.30 -41.46 6.75
C ARG B 223 11.91 -40.84 6.80
N THR B 224 10.89 -41.70 6.78
CA THR B 224 9.53 -41.22 7.00
C THR B 224 9.24 -41.19 8.50
N VAL B 225 8.09 -40.63 8.86
CA VAL B 225 7.74 -40.40 10.25
C VAL B 225 6.78 -41.49 10.71
N THR B 226 6.60 -41.58 12.03
CA THR B 226 5.75 -42.58 12.64
C THR B 226 4.63 -41.90 13.41
N ILE B 227 3.61 -42.67 13.78
CA ILE B 227 2.53 -42.09 14.58
C ILE B 227 3.01 -41.70 15.97
N GLU B 228 4.05 -42.36 16.50
CA GLU B 228 4.59 -41.94 17.79
C GLU B 228 5.31 -40.61 17.70
N GLU B 229 5.98 -40.33 16.59
CA GLU B 229 6.65 -39.04 16.44
C GLU B 229 5.63 -37.93 16.26
N VAL B 230 4.61 -38.14 15.43
CA VAL B 230 3.52 -37.18 15.29
C VAL B 230 2.80 -37.01 16.63
N GLY B 231 2.63 -38.10 17.37
CA GLY B 231 2.00 -38.01 18.68
C GLY B 231 2.73 -37.07 19.64
N ASP B 232 4.06 -37.14 19.65
CA ASP B 232 4.87 -36.25 20.49
C ASP B 232 4.75 -34.79 20.05
N SER B 233 4.77 -34.53 18.74
CA SER B 233 4.52 -33.16 18.27
C SER B 233 3.10 -32.70 18.63
N ALA B 234 2.10 -33.59 18.50
CA ALA B 234 0.74 -33.25 18.91
C ALA B 234 0.66 -32.94 20.40
N LEU B 235 1.37 -33.72 21.22
CA LEU B 235 1.42 -33.47 22.66
C LEU B 235 1.86 -32.04 22.94
N TYR B 236 2.91 -31.58 22.27
CA TYR B 236 3.39 -30.22 22.45
C TYR B 236 2.28 -29.22 22.17
N LEU B 237 1.55 -29.40 21.06
CA LEU B 237 0.54 -28.44 20.67
C LEU B 237 -0.71 -28.53 21.52
N LEU B 238 -0.98 -29.69 22.09
CA LEU B 238 -2.12 -29.83 22.99
C LEU B 238 -1.79 -29.37 24.41
N SER B 239 -0.51 -29.36 24.80
CA SER B 239 -0.11 -29.02 26.17
C SER B 239 0.10 -27.51 26.32
N ASP B 240 0.34 -27.09 27.57
CA ASP B 240 0.62 -25.70 27.86
C ASP B 240 2.00 -25.23 27.38
N LEU B 241 2.87 -26.16 26.95
CA LEU B 241 4.16 -25.76 26.37
C LEU B 241 3.99 -24.85 25.18
N SER B 242 2.88 -24.99 24.43
CA SER B 242 2.62 -24.24 23.22
C SER B 242 1.57 -23.15 23.45
N ARG B 243 1.48 -22.64 24.68
CA ARG B 243 0.38 -21.75 25.04
C ARG B 243 0.43 -20.41 24.31
N SER B 244 1.52 -20.08 23.61
CA SER B 244 1.53 -18.87 22.80
C SER B 244 1.46 -19.16 21.30
N VAL B 245 1.08 -20.38 20.92
CA VAL B 245 1.04 -20.82 19.53
C VAL B 245 -0.41 -21.02 19.10
N THR B 246 -0.83 -20.32 18.04
CA THR B 246 -2.16 -20.53 17.49
C THR B 246 -2.15 -20.13 16.02
N GLY B 247 -3.03 -20.76 15.23
CA GLY B 247 -3.05 -20.53 13.79
C GLY B 247 -1.92 -21.15 13.03
N GLU B 248 -1.16 -22.05 13.65
CA GLU B 248 0.09 -22.55 13.09
C GLU B 248 -0.15 -23.82 12.27
N VAL B 249 0.53 -23.91 11.14
CA VAL B 249 0.62 -25.15 10.39
C VAL B 249 2.03 -25.69 10.59
N HIS B 250 2.14 -26.76 11.37
CA HIS B 250 3.42 -27.25 11.90
C HIS B 250 3.82 -28.53 11.17
N HIS B 251 4.93 -28.49 10.42
CA HIS B 251 5.36 -29.64 9.63
C HIS B 251 6.06 -30.68 10.51
N VAL B 252 5.53 -31.91 10.49
CA VAL B 252 6.18 -33.03 11.14
C VAL B 252 6.39 -34.09 10.06
N ASP B 253 7.47 -33.94 9.30
CA ASP B 253 7.56 -34.65 8.02
C ASP B 253 9.02 -34.92 7.63
N SER B 254 9.93 -34.97 8.61
CA SER B 254 11.36 -35.19 8.37
C SER B 254 11.95 -34.08 7.49
N GLY B 255 11.29 -32.92 7.44
CA GLY B 255 11.77 -31.81 6.66
C GLY B 255 11.40 -31.84 5.20
N TYR B 256 10.58 -32.80 4.76
CA TYR B 256 10.32 -32.96 3.33
C TYR B 256 9.86 -31.66 2.68
N ASN B 257 9.01 -30.90 3.38
CA ASN B 257 8.39 -29.71 2.78
C ASN B 257 9.40 -28.65 2.32
N ILE B 258 10.65 -28.68 2.81
CA ILE B 258 11.59 -27.62 2.44
C ILE B 258 12.36 -27.88 1.15
N ILE B 259 12.27 -29.09 0.54
CA ILE B 259 13.15 -29.38 -0.59
C ILE B 259 12.50 -28.91 -1.88
N GLY B 260 13.35 -28.50 -2.83
CA GLY B 260 12.89 -27.99 -4.10
C GLY B 260 13.18 -28.87 -5.29
N MET B 261 13.72 -30.08 -5.09
CA MET B 261 14.21 -30.96 -6.14
C MET B 261 14.62 -32.27 -5.48
N LYS B 262 14.96 -33.26 -6.30
CA LYS B 262 15.53 -34.51 -5.79
C LYS B 262 16.75 -34.25 -4.92
N ALA B 263 16.85 -34.99 -3.81
CA ALA B 263 18.03 -34.89 -2.93
C ALA B 263 19.27 -35.49 -3.59
N VAL B 264 20.43 -35.06 -3.12
CA VAL B 264 21.69 -35.56 -3.70
C VAL B 264 22.57 -36.28 -2.68
N GLY C 6 10.34 -31.72 37.61
CA GLY C 6 10.44 -31.30 36.23
C GLY C 6 9.88 -32.28 35.22
N ASN C 7 9.81 -31.89 33.95
CA ASN C 7 9.26 -32.78 32.92
C ASN C 7 10.30 -33.70 32.30
N GLY C 8 11.58 -33.52 32.62
CA GLY C 8 12.65 -34.40 32.17
C GLY C 8 12.93 -34.42 30.69
N LEU C 9 12.42 -33.45 29.92
CA LEU C 9 12.53 -33.50 28.47
C LEU C 9 13.96 -33.34 27.97
N LEU C 10 14.87 -32.79 28.77
CA LEU C 10 16.26 -32.72 28.36
C LEU C 10 17.18 -33.46 29.32
N TYR C 11 16.65 -34.48 30.00
CA TYR C 11 17.41 -35.19 31.03
C TYR C 11 18.71 -35.73 30.46
N GLY C 12 19.82 -35.35 31.08
CA GLY C 12 21.12 -35.79 30.64
C GLY C 12 21.64 -35.17 29.38
N LYS C 13 20.91 -34.24 28.76
CA LYS C 13 21.36 -33.62 27.52
C LYS C 13 22.26 -32.43 27.83
N ARG C 14 23.17 -32.13 26.89
CA ARG C 14 24.13 -31.04 27.06
C ARG C 14 24.02 -30.08 25.90
N GLY C 15 23.90 -28.79 26.20
CA GLY C 15 23.70 -27.78 25.17
C GLY C 15 24.51 -26.54 25.42
N LEU C 16 24.80 -25.84 24.33
CA LEU C 16 25.53 -24.58 24.33
C LEU C 16 24.59 -23.46 23.91
N ILE C 17 24.53 -22.41 24.72
CA ILE C 17 23.70 -21.24 24.44
C ILE C 17 24.61 -20.05 24.18
N LEU C 18 24.52 -19.48 22.98
CA LEU C 18 25.22 -18.24 22.63
C LEU C 18 24.19 -17.12 22.52
N GLY C 19 24.37 -16.06 23.30
CA GLY C 19 23.50 -14.91 23.13
C GLY C 19 22.77 -14.49 24.39
N LEU C 20 23.14 -15.08 25.52
CA LEU C 20 22.61 -14.64 26.80
C LEU C 20 23.26 -13.30 27.18
N ALA C 21 22.43 -12.29 27.40
CA ALA C 21 22.93 -10.96 27.70
C ALA C 21 22.51 -10.47 29.08
N ASN C 22 21.27 -10.74 29.49
CA ASN C 22 20.74 -10.32 30.79
C ASN C 22 19.57 -11.24 31.11
N ASN C 23 18.88 -10.95 32.21
CA ASN C 23 17.77 -11.80 32.62
C ASN C 23 16.47 -11.48 31.88
N ARG C 24 16.50 -10.63 30.86
CA ARG C 24 15.35 -10.43 29.99
C ARG C 24 15.56 -11.04 28.61
N SER C 25 16.73 -11.63 28.34
CA SER C 25 17.01 -12.24 27.05
C SER C 25 16.04 -13.38 26.75
N ILE C 26 15.70 -13.55 25.47
CA ILE C 26 15.05 -14.79 25.08
C ILE C 26 15.92 -15.97 25.48
N ALA C 27 17.24 -15.83 25.32
CA ALA C 27 18.16 -16.91 25.69
C ALA C 27 18.02 -17.26 27.17
N TRP C 28 17.60 -16.30 28.00
CA TRP C 28 17.41 -16.60 29.41
C TRP C 28 16.14 -17.42 29.64
N GLY C 29 15.05 -17.07 28.97
CA GLY C 29 13.88 -17.92 29.01
C GLY C 29 14.17 -19.34 28.55
N ILE C 30 14.94 -19.46 27.45
CA ILE C 30 15.34 -20.77 26.97
C ILE C 30 16.18 -21.48 28.02
N ALA C 31 17.15 -20.77 28.61
CA ALA C 31 18.04 -21.39 29.59
C ALA C 31 17.27 -21.90 30.81
N LYS C 32 16.36 -21.08 31.35
CA LYS C 32 15.61 -21.49 32.53
C LYS C 32 14.79 -22.75 32.27
N THR C 33 14.04 -22.76 31.17
CA THR C 33 13.21 -23.93 30.85
CA THR C 33 13.21 -23.93 30.90
C THR C 33 14.06 -25.16 30.59
N ALA C 34 15.16 -24.99 29.84
CA ALA C 34 16.01 -26.14 29.51
C ALA C 34 16.66 -26.72 30.76
N SER C 35 17.10 -25.85 31.68
CA SER C 35 17.67 -26.33 32.93
C SER C 35 16.64 -27.10 33.75
N SER C 36 15.44 -26.53 33.89
CA SER C 36 14.39 -27.21 34.64
CA SER C 36 14.38 -27.20 34.63
C SER C 36 14.03 -28.55 34.01
N ALA C 37 14.19 -28.69 32.70
CA ALA C 37 13.95 -29.96 32.02
C ALA C 37 15.14 -30.91 32.13
N GLY C 38 16.21 -30.52 32.82
CA GLY C 38 17.30 -31.41 33.15
C GLY C 38 18.58 -31.21 32.36
N ALA C 39 18.65 -30.20 31.50
CA ALA C 39 19.82 -30.01 30.64
C ALA C 39 21.02 -29.47 31.42
N GLU C 40 22.21 -29.92 31.02
CA GLU C 40 23.47 -29.28 31.40
C GLU C 40 23.79 -28.22 30.35
N LEU C 41 24.03 -26.99 30.79
CA LEU C 41 24.13 -25.84 29.90
C LEU C 41 25.51 -25.21 29.96
N ALA C 42 26.03 -24.81 28.79
CA ALA C 42 27.23 -23.98 28.70
C ALA C 42 26.88 -22.65 28.05
N PHE C 43 27.58 -21.59 28.45
CA PHE C 43 27.29 -20.25 27.95
C PHE C 43 28.56 -19.58 27.43
N THR C 44 28.42 -18.90 26.29
CA THR C 44 29.41 -17.91 25.87
C THR C 44 28.99 -16.52 26.34
N TYR C 45 29.94 -15.59 26.25
CA TYR C 45 29.67 -14.17 26.47
C TYR C 45 30.42 -13.35 25.43
N GLN C 46 29.84 -12.21 25.07
CA GLN C 46 30.45 -11.30 24.10
C GLN C 46 31.11 -10.17 24.88
N GLY C 47 32.40 -10.32 25.17
CA GLY C 47 33.18 -9.27 25.79
C GLY C 47 33.06 -9.24 27.31
N GLU C 48 33.86 -8.36 27.92
CA GLU C 48 34.02 -8.39 29.37
C GLU C 48 32.78 -7.87 30.10
N ALA C 49 32.10 -6.86 29.53
CA ALA C 49 30.92 -6.32 30.21
C ALA C 49 29.75 -7.30 30.18
N MET C 50 29.62 -8.09 29.11
CA MET C 50 28.60 -9.14 29.09
C MET C 50 28.93 -10.26 30.07
N LYS C 51 30.23 -10.51 30.30
CA LYS C 51 30.64 -11.57 31.21
C LYS C 51 30.11 -11.33 32.62
N LYS C 52 29.98 -10.07 33.03
CA LYS C 52 29.55 -9.76 34.40
C LYS C 52 28.11 -10.19 34.64
N ARG C 53 27.26 -10.14 33.61
CA ARG C 53 25.87 -10.55 33.74
C ARG C 53 25.67 -12.04 33.50
N VAL C 54 26.49 -12.66 32.66
CA VAL C 54 26.29 -14.07 32.32
C VAL C 54 26.69 -14.97 33.48
N GLU C 55 27.75 -14.60 34.21
CA GLU C 55 28.25 -15.49 35.26
C GLU C 55 27.23 -15.80 36.34
N PRO C 56 26.53 -14.83 36.94
CA PRO C 56 25.53 -15.20 37.96
C PRO C 56 24.31 -15.92 37.39
N LEU C 57 23.91 -15.61 36.15
CA LEU C 57 22.78 -16.33 35.57
C LEU C 57 23.15 -17.78 35.28
N ALA C 58 24.35 -18.01 34.76
CA ALA C 58 24.84 -19.37 34.61
C ALA C 58 24.87 -20.11 35.94
N GLU C 59 25.30 -19.44 37.01
CA GLU C 59 25.33 -20.07 38.33
C GLU C 59 23.93 -20.53 38.73
N GLU C 60 22.93 -19.71 38.46
CA GLU C 60 21.56 -20.02 38.87
C GLU C 60 21.05 -21.32 38.24
N VAL C 61 21.46 -21.62 37.01
CA VAL C 61 21.03 -22.85 36.36
C VAL C 61 22.10 -23.94 36.43
N LYS C 62 23.12 -23.75 37.26
CA LYS C 62 24.22 -24.70 37.43
C LYS C 62 24.94 -24.98 36.12
N GLY C 63 24.84 -24.06 35.16
CA GLY C 63 25.61 -24.16 33.95
C GLY C 63 27.00 -23.64 34.16
N PHE C 64 27.79 -23.67 33.11
CA PHE C 64 29.13 -23.11 33.20
C PHE C 64 29.43 -22.23 32.01
N VAL C 65 30.35 -21.31 32.22
CA VAL C 65 30.74 -20.33 31.22
C VAL C 65 31.95 -20.89 30.48
N CYS C 66 31.84 -21.04 29.17
CA CYS C 66 32.95 -21.67 28.45
C CYS C 66 33.86 -20.66 27.75
N GLY C 67 33.57 -19.36 27.84
CA GLY C 67 34.53 -18.34 27.47
C GLY C 67 33.95 -17.31 26.54
N HIS C 68 34.82 -16.38 26.15
CA HIS C 68 34.46 -15.26 25.29
C HIS C 68 34.27 -15.71 23.85
N CYS C 69 33.17 -15.28 23.22
CA CYS C 69 32.96 -15.56 21.80
C CYS C 69 32.31 -14.35 21.14
N ASP C 70 33.05 -13.70 20.25
CA ASP C 70 32.51 -12.69 19.35
C ASP C 70 32.51 -13.27 17.95
N VAL C 71 31.32 -13.38 17.34
CA VAL C 71 31.21 -14.17 16.11
C VAL C 71 31.84 -13.50 14.90
N SER C 72 32.32 -12.27 15.03
CA SER C 72 33.19 -11.70 14.01
C SER C 72 34.65 -12.12 14.19
N ASP C 73 34.96 -12.89 15.22
CA ASP C 73 36.33 -13.28 15.56
C ASP C 73 36.40 -14.81 15.47
N SER C 74 36.89 -15.30 14.33
CA SER C 74 36.87 -16.74 14.06
C SER C 74 37.62 -17.51 15.15
N ALA C 75 38.78 -17.00 15.57
CA ALA C 75 39.58 -17.70 16.57
C ALA C 75 38.81 -17.89 17.88
N SER C 76 37.96 -16.93 18.25
CA SER C 76 37.21 -17.09 19.49
C SER C 76 36.14 -18.17 19.35
N ILE C 77 35.54 -18.32 18.17
CA ILE C 77 34.62 -19.43 17.93
C ILE C 77 35.34 -20.75 18.09
N ASP C 78 36.51 -20.88 17.45
CA ASP C 78 37.31 -22.09 17.59
C ASP C 78 37.61 -22.38 19.05
N ALA C 79 37.90 -21.34 19.83
CA ALA C 79 38.32 -21.54 21.21
C ALA C 79 37.18 -22.06 22.08
N VAL C 80 35.99 -21.46 21.99
CA VAL C 80 34.91 -21.91 22.87
C VAL C 80 34.46 -23.32 22.50
N PHE C 81 34.51 -23.67 21.21
CA PHE C 81 34.14 -25.02 20.81
C PHE C 81 35.22 -26.02 21.22
N ASN C 82 36.48 -25.62 21.21
CA ASN C 82 37.52 -26.52 21.72
C ASN C 82 37.31 -26.78 23.21
N THR C 83 36.99 -25.73 23.96
CA THR C 83 36.71 -25.88 25.39
C THR C 83 35.57 -26.87 25.64
N ILE C 84 34.46 -26.71 24.90
CA ILE C 84 33.31 -27.60 25.06
C ILE C 84 33.67 -29.04 24.67
N GLU C 85 34.43 -29.19 23.57
CA GLU C 85 34.80 -30.53 23.13
C GLU C 85 35.65 -31.24 24.17
N LYS C 86 36.58 -30.51 24.80
CA LYS C 86 37.43 -31.11 25.82
C LYS C 86 36.62 -31.48 27.06
N LYS C 87 35.67 -30.61 27.45
CA LYS C 87 34.90 -30.88 28.66
C LYS C 87 33.90 -32.02 28.45
N TRP C 88 33.19 -32.02 27.32
CA TRP C 88 32.04 -32.87 27.11
C TRP C 88 32.20 -33.89 25.99
N GLY C 89 33.09 -33.65 25.03
CA GLY C 89 33.23 -34.55 23.91
C GLY C 89 32.20 -34.36 22.82
N LYS C 90 30.92 -34.45 23.17
CA LYS C 90 29.83 -34.34 22.22
C LYS C 90 28.82 -33.32 22.74
N LEU C 91 28.05 -32.75 21.82
CA LEU C 91 27.06 -31.74 22.13
C LEU C 91 25.68 -32.22 21.68
N ASP C 92 24.66 -32.00 22.51
CA ASP C 92 23.32 -32.43 22.12
C ASP C 92 22.52 -31.34 21.41
N PHE C 93 22.65 -30.09 21.84
CA PHE C 93 21.93 -29.03 21.15
C PHE C 93 22.74 -27.74 21.20
N LEU C 94 22.34 -26.80 20.34
CA LEU C 94 22.95 -25.48 20.26
C LEU C 94 21.85 -24.44 20.07
N VAL C 95 21.94 -23.34 20.81
CA VAL C 95 21.00 -22.23 20.68
C VAL C 95 21.75 -21.01 20.16
N HIS C 96 21.29 -20.47 19.03
CA HIS C 96 21.89 -19.30 18.38
C HIS C 96 20.91 -18.15 18.60
N ALA C 97 21.18 -17.33 19.62
CA ALA C 97 20.33 -16.20 19.93
C ALA C 97 21.10 -14.89 19.75
N ILE C 98 21.75 -14.75 18.61
CA ILE C 98 22.63 -13.62 18.31
C ILE C 98 22.04 -12.85 17.13
N GLY C 99 21.91 -11.55 17.30
CA GLY C 99 21.54 -10.68 16.20
C GLY C 99 22.09 -9.30 16.42
N PHE C 100 22.37 -8.60 15.31
CA PHE C 100 22.90 -7.25 15.43
C PHE C 100 22.62 -6.45 14.17
N SER C 101 22.28 -5.19 14.37
CA SER C 101 22.12 -4.21 13.30
C SER C 101 22.26 -2.84 13.94
N ASP C 102 22.62 -1.84 13.12
CA ASP C 102 22.80 -0.49 13.64
C ASP C 102 21.47 0.07 14.14
N LYS C 103 21.45 0.49 15.41
CA LYS C 103 20.22 0.97 16.02
C LYS C 103 19.68 2.20 15.31
N GLU C 104 20.57 3.13 14.94
CA GLU C 104 20.12 4.39 14.34
C GLU C 104 19.49 4.19 12.97
N GLU C 105 19.84 3.12 12.25
CA GLU C 105 19.25 2.89 10.94
C GLU C 105 18.02 1.99 11.00
N LEU C 106 17.67 1.46 12.17
CA LEU C 106 16.40 0.75 12.36
C LEU C 106 15.24 1.73 12.57
N SER C 107 15.27 2.82 11.83
CA SER C 107 14.24 3.85 11.86
C SER C 107 14.45 4.66 10.60
N GLY C 108 13.36 5.01 9.93
CA GLY C 108 13.47 5.54 8.61
C GLY C 108 13.43 4.44 7.56
N ARG C 109 13.96 4.77 6.39
CA ARG C 109 13.71 3.98 5.20
C ARG C 109 14.73 2.88 5.05
N TYR C 110 14.27 1.71 4.60
CA TYR C 110 15.20 0.65 4.24
C TYR C 110 16.18 1.13 3.17
N VAL C 111 15.67 1.85 2.16
CA VAL C 111 16.51 2.24 1.02
C VAL C 111 17.66 3.15 1.43
N ASP C 112 17.61 3.71 2.64
CA ASP C 112 18.65 4.63 3.09
C ASP C 112 19.77 3.97 3.90
N ILE C 113 19.84 2.64 3.96
CA ILE C 113 20.86 1.99 4.78
C ILE C 113 22.23 2.12 4.12
N SER C 114 23.26 2.22 4.97
CA SER C 114 24.64 2.22 4.50
C SER C 114 25.12 0.81 4.17
N GLU C 115 26.07 0.73 3.23
CA GLU C 115 26.69 -0.54 2.89
C GLU C 115 27.32 -1.19 4.12
N SER C 116 28.05 -0.41 4.92
CA SER C 116 28.68 -0.95 6.11
CA SER C 116 28.68 -0.96 6.11
C SER C 116 27.66 -1.62 7.02
N ASN C 117 26.52 -0.96 7.24
CA ASN C 117 25.49 -1.55 8.10
C ASN C 117 24.91 -2.82 7.47
N PHE C 118 24.64 -2.80 6.18
CA PHE C 118 24.13 -4.01 5.52
C PHE C 118 25.09 -5.19 5.73
N MET C 119 26.37 -4.99 5.45
CA MET C 119 27.34 -6.09 5.52
C MET C 119 27.53 -6.57 6.95
N MET C 120 27.62 -5.65 7.90
CA MET C 120 27.78 -6.03 9.30
C MET C 120 26.57 -6.82 9.78
N THR C 121 25.36 -6.36 9.42
CA THR C 121 24.15 -7.05 9.85
C THR C 121 24.08 -8.45 9.26
N MET C 122 24.36 -8.59 7.97
CA MET C 122 24.33 -9.91 7.35
C MET C 122 25.33 -10.84 8.01
N ASN C 123 26.50 -10.31 8.36
CA ASN C 123 27.56 -11.17 8.91
C ASN C 123 27.20 -11.64 10.32
N ILE C 124 26.85 -10.70 11.21
CA ILE C 124 26.60 -11.05 12.59
C ILE C 124 25.27 -11.80 12.73
N SER C 125 24.24 -11.37 11.99
CA SER C 125 22.92 -11.95 12.17
C SER C 125 22.68 -13.21 11.34
N VAL C 126 23.44 -13.43 10.27
CA VAL C 126 23.14 -14.58 9.41
C VAL C 126 24.34 -15.50 9.33
N TYR C 127 25.48 -14.98 8.89
CA TYR C 127 26.63 -15.87 8.70
C TYR C 127 27.02 -16.58 9.98
N SER C 128 26.85 -15.91 11.13
CA SER C 128 27.27 -16.47 12.41
C SER C 128 26.65 -17.85 12.66
N LEU C 129 25.38 -18.04 12.27
CA LEU C 129 24.77 -19.36 12.48
C LEU C 129 25.49 -20.44 11.67
N THR C 130 25.82 -20.14 10.41
CA THR C 130 26.59 -21.08 9.60
C THR C 130 27.99 -21.28 10.17
N ALA C 131 28.64 -20.19 10.58
CA ALA C 131 29.95 -20.29 11.20
C ALA C 131 29.93 -21.20 12.43
N LEU C 132 28.94 -21.00 13.31
CA LEU C 132 28.84 -21.81 14.52
C LEU C 132 28.48 -23.26 14.19
N THR C 133 27.61 -23.46 13.20
CA THR C 133 27.17 -24.80 12.86
C THR C 133 28.31 -25.64 12.29
N LYS C 134 29.25 -25.00 11.56
CA LYS C 134 30.44 -25.70 11.08
C LYS C 134 31.17 -26.41 12.22
N ARG C 135 31.33 -25.72 13.34
CA ARG C 135 32.01 -26.30 14.49
C ARG C 135 31.11 -27.29 15.21
N ALA C 136 29.85 -26.96 15.38
CA ALA C 136 28.94 -27.82 16.15
C ALA C 136 28.72 -29.16 15.45
N GLU C 137 28.68 -29.17 14.12
CA GLU C 137 28.49 -30.43 13.40
C GLU C 137 29.50 -31.48 13.84
N LYS C 138 30.76 -31.06 14.09
CA LYS C 138 31.80 -31.99 14.48
C LYS C 138 31.48 -32.69 15.80
N LEU C 139 30.69 -32.05 16.67
CA LEU C 139 30.37 -32.56 18.00
C LEU C 139 29.02 -33.27 18.04
N MET C 140 28.35 -33.41 16.89
CA MET C 140 27.00 -33.95 16.81
C MET C 140 26.91 -35.09 15.81
N SER C 141 27.99 -35.87 15.65
CA SER C 141 27.93 -37.07 14.79
C SER C 141 26.79 -38.01 15.17
N ASP C 142 26.42 -38.06 16.45
CA ASP C 142 25.28 -38.88 16.86
C ASP C 142 23.93 -38.17 16.70
N GLY C 143 23.88 -36.99 16.10
CA GLY C 143 22.64 -36.23 15.97
C GLY C 143 22.57 -35.08 16.98
N GLY C 144 21.57 -34.22 16.77
CA GLY C 144 21.39 -33.09 17.65
C GLY C 144 20.31 -32.15 17.17
N SER C 145 20.16 -31.05 17.89
CA SER C 145 19.19 -30.00 17.55
C SER C 145 19.84 -28.63 17.60
N ILE C 146 19.69 -27.85 16.54
CA ILE C 146 20.21 -26.50 16.45
C ILE C 146 19.03 -25.54 16.28
N LEU C 147 19.00 -24.48 17.08
CA LEU C 147 17.86 -23.55 17.11
C LEU C 147 18.33 -22.11 16.98
N THR C 148 17.73 -21.36 16.05
CA THR C 148 17.94 -19.92 15.98
C THR C 148 16.61 -19.18 16.17
N LEU C 149 16.67 -17.84 16.18
CA LEU C 149 15.52 -16.98 16.44
C LEU C 149 15.32 -16.01 15.28
N THR C 150 14.08 -15.81 14.86
CA THR C 150 13.78 -14.96 13.72
C THR C 150 12.52 -14.16 14.05
N TYR C 151 12.04 -13.41 13.07
CA TYR C 151 10.93 -12.49 13.29
C TYR C 151 10.12 -12.38 12.01
N TYR C 152 8.82 -12.11 12.18
CA TYR C 152 7.87 -11.97 11.09
C TYR C 152 8.30 -10.93 10.04
N GLY C 153 9.15 -9.98 10.41
CA GLY C 153 9.65 -9.01 9.44
C GLY C 153 10.50 -9.63 8.35
N ALA C 154 10.84 -10.91 8.48
CA ALA C 154 11.46 -11.68 7.40
C ALA C 154 10.45 -12.04 6.32
N GLU C 155 9.17 -12.15 6.67
CA GLU C 155 8.11 -12.58 5.75
C GLU C 155 7.35 -11.40 5.15
N LYS C 156 7.07 -10.38 5.96
CA LYS C 156 6.28 -9.21 5.57
C LYS C 156 7.00 -7.97 6.11
N VAL C 157 6.69 -6.82 5.50
CA VAL C 157 7.35 -5.58 5.86
C VAL C 157 6.79 -5.09 7.19
N VAL C 158 7.64 -4.94 8.18
CA VAL C 158 7.22 -4.39 9.46
CA VAL C 158 7.29 -4.44 9.51
C VAL C 158 8.02 -3.12 9.72
N PRO C 159 7.36 -2.07 10.25
CA PRO C 159 8.03 -0.78 10.40
C PRO C 159 9.28 -0.87 11.26
N ASN C 160 10.29 -0.08 10.89
CA ASN C 160 11.54 0.11 11.63
C ASN C 160 12.39 -1.14 11.72
N TYR C 161 12.06 -2.20 10.99
CA TYR C 161 12.88 -3.41 11.02
C TYR C 161 13.87 -3.46 9.86
N ASN C 162 13.50 -2.90 8.71
CA ASN C 162 14.40 -2.60 7.59
C ASN C 162 15.41 -3.70 7.28
N VAL C 163 16.71 -3.42 7.48
CA VAL C 163 17.71 -4.38 7.03
C VAL C 163 17.69 -5.63 7.89
N MET C 164 17.20 -5.57 9.13
CA MET C 164 17.07 -6.78 9.91
CA MET C 164 17.07 -6.78 9.91
C MET C 164 16.02 -7.71 9.32
N GLY C 165 15.00 -7.16 8.65
CA GLY C 165 14.04 -8.03 7.97
C GLY C 165 14.68 -8.78 6.81
N VAL C 166 15.50 -8.08 6.02
CA VAL C 166 16.24 -8.69 4.93
C VAL C 166 17.20 -9.75 5.47
N ALA C 167 17.85 -9.46 6.60
CA ALA C 167 18.78 -10.42 7.17
C ALA C 167 18.06 -11.64 7.73
N LYS C 168 16.91 -11.45 8.34
CA LYS C 168 16.21 -12.61 8.90
C LYS C 168 15.62 -13.48 7.80
N ALA C 169 15.28 -12.89 6.64
CA ALA C 169 14.86 -13.72 5.51
C ALA C 169 16.00 -14.61 5.04
N ALA C 170 17.22 -14.06 5.01
CA ALA C 170 18.38 -14.89 4.68
C ALA C 170 18.62 -15.94 5.76
N LEU C 171 18.48 -15.57 7.03
CA LEU C 171 18.65 -16.53 8.12
C LEU C 171 17.68 -17.70 7.97
N GLU C 172 16.40 -17.41 7.72
CA GLU C 172 15.41 -18.48 7.59
C GLU C 172 15.75 -19.40 6.42
N ALA C 173 16.16 -18.83 5.28
CA ALA C 173 16.63 -19.65 4.17
C ALA C 173 17.84 -20.49 4.56
N SER C 174 18.78 -19.92 5.32
CA SER C 174 19.97 -20.71 5.65
C SER C 174 19.62 -21.85 6.60
N VAL C 175 18.59 -21.67 7.43
CA VAL C 175 18.10 -22.75 8.27
C VAL C 175 17.70 -23.94 7.41
N LYS C 176 17.01 -23.68 6.31
CA LYS C 176 16.55 -24.77 5.46
CA LYS C 176 16.55 -24.76 5.44
C LYS C 176 17.72 -25.41 4.70
N TYR C 177 18.67 -24.61 4.22
CA TYR C 177 19.83 -25.20 3.55
C TYR C 177 20.66 -26.03 4.53
N LEU C 178 20.86 -25.53 5.74
CA LEU C 178 21.57 -26.29 6.76
C LEU C 178 20.83 -27.57 7.13
N ALA C 179 19.51 -27.51 7.22
CA ALA C 179 18.73 -28.70 7.57
C ALA C 179 18.91 -29.79 6.52
N VAL C 180 18.99 -29.40 5.24
CA VAL C 180 19.25 -30.36 4.19
C VAL C 180 20.67 -30.91 4.32
N ASP C 181 21.66 -30.03 4.59
CA ASP C 181 23.06 -30.50 4.71
C ASP C 181 23.18 -31.59 5.77
N LEU C 182 22.58 -31.36 6.93
CA LEU C 182 22.89 -32.12 8.13
C LEU C 182 21.81 -33.13 8.50
N GLY C 183 20.65 -33.09 7.81
CA GLY C 183 19.60 -34.04 8.05
C GLY C 183 20.01 -35.50 8.00
N PRO C 184 20.84 -35.91 7.03
CA PRO C 184 21.27 -37.33 7.03
C PRO C 184 22.04 -37.74 8.27
N LYS C 185 22.69 -36.79 8.96
CA LYS C 185 23.28 -37.06 10.27
C LYS C 185 22.26 -36.96 11.40
N HIS C 186 21.01 -36.63 11.09
CA HIS C 186 19.98 -36.40 12.09
C HIS C 186 20.35 -35.25 13.02
N ILE C 187 21.00 -34.23 12.47
CA ILE C 187 21.13 -32.93 13.10
C ILE C 187 20.00 -32.05 12.57
N ARG C 188 19.08 -31.68 13.43
CA ARG C 188 17.94 -30.88 13.06
C ARG C 188 18.27 -29.41 13.23
N VAL C 189 17.72 -28.58 12.34
CA VAL C 189 17.97 -27.14 12.35
C VAL C 189 16.63 -26.42 12.18
N ASN C 190 16.26 -25.58 13.14
CA ASN C 190 14.95 -24.94 13.19
C ASN C 190 15.09 -23.51 13.68
N ALA C 191 14.00 -22.75 13.51
CA ALA C 191 13.93 -21.39 14.00
C ALA C 191 12.59 -21.16 14.69
N ILE C 192 12.60 -20.31 15.71
CA ILE C 192 11.36 -19.78 16.28
C ILE C 192 11.22 -18.34 15.81
N SER C 193 10.08 -18.05 15.19
CA SER C 193 9.69 -16.69 14.84
C SER C 193 8.92 -16.14 16.03
N ALA C 194 9.63 -15.40 16.90
CA ALA C 194 9.01 -14.90 18.11
C ALA C 194 8.25 -13.59 17.85
N GLY C 195 7.24 -13.35 18.65
CA GLY C 195 6.61 -12.06 18.72
C GLY C 195 7.52 -11.06 19.43
N PRO C 196 7.17 -9.79 19.39
CA PRO C 196 8.01 -8.78 20.05
C PRO C 196 7.96 -8.92 21.57
N ILE C 197 9.14 -8.81 22.18
CA ILE C 197 9.37 -8.90 23.63
C ILE C 197 10.36 -7.81 24.02
N LYS C 198 10.13 -7.18 25.17
CA LYS C 198 11.03 -6.14 25.70
C LYS C 198 12.35 -6.75 26.16
N THR C 199 13.36 -6.74 25.29
CA THR C 199 14.73 -7.15 25.60
C THR C 199 15.70 -6.00 25.29
N LEU C 200 16.99 -6.24 25.51
CA LEU C 200 17.99 -5.19 25.30
C LEU C 200 18.16 -4.87 23.82
N ALA C 201 18.42 -5.89 22.98
CA ALA C 201 18.54 -5.65 21.55
C ALA C 201 17.24 -5.11 20.97
N ALA C 202 16.09 -5.68 21.39
CA ALA C 202 14.80 -5.27 20.85
C ALA C 202 14.42 -3.84 21.24
N SER C 203 15.06 -3.29 22.27
CA SER C 203 14.79 -1.90 22.66
C SER C 203 15.31 -0.90 21.64
N GLY C 204 16.31 -1.29 20.83
CA GLY C 204 16.89 -0.36 19.87
C GLY C 204 15.95 -0.01 18.72
N ILE C 205 15.12 -0.97 18.31
CA ILE C 205 14.13 -0.72 17.27
C ILE C 205 13.23 0.43 17.71
N GLY C 206 13.14 1.46 16.88
CA GLY C 206 12.32 2.60 17.21
C GLY C 206 10.84 2.28 17.23
N ASP C 207 10.09 3.11 17.97
CA ASP C 207 8.63 2.97 18.13
C ASP C 207 8.23 1.60 18.66
N PHE C 208 9.12 0.98 19.45
CA PHE C 208 8.87 -0.38 19.90
C PHE C 208 7.63 -0.47 20.77
N ARG C 209 7.37 0.57 21.58
CA ARG C 209 6.14 0.57 22.39
C ARG C 209 4.91 0.42 21.50
N TYR C 210 4.89 1.10 20.36
CA TYR C 210 3.75 0.99 19.45
C TYR C 210 3.66 -0.42 18.88
N ILE C 211 4.80 -1.02 18.52
CA ILE C 211 4.81 -2.38 17.97
C ILE C 211 4.22 -3.38 18.97
N LEU C 212 4.66 -3.29 20.23
CA LEU C 212 4.10 -4.12 21.29
C LEU C 212 2.59 -3.96 21.41
N LYS C 213 2.12 -2.72 21.55
CA LYS C 213 0.69 -2.49 21.72
C LYS C 213 -0.10 -2.99 20.52
N TRP C 214 0.41 -2.76 19.31
CA TRP C 214 -0.26 -3.26 18.12
C TRP C 214 -0.40 -4.78 18.17
N ASN C 215 0.65 -5.48 18.59
CA ASN C 215 0.54 -6.94 18.76
C ASN C 215 -0.45 -7.29 19.87
N GLU C 216 -0.40 -6.56 20.98
CA GLU C 216 -1.28 -6.84 22.11
C GLU C 216 -2.75 -6.72 21.70
N TYR C 217 -3.08 -5.70 20.92
CA TYR C 217 -4.48 -5.42 20.58
C TYR C 217 -4.98 -6.24 19.41
N ASN C 218 -4.09 -6.73 18.55
CA ASN C 218 -4.49 -7.35 17.30
C ASN C 218 -4.11 -8.83 17.15
N ALA C 219 -3.16 -9.34 17.91
CA ALA C 219 -2.88 -10.76 17.77
C ALA C 219 -4.08 -11.56 18.25
N PRO C 220 -4.30 -12.74 17.65
CA PRO C 220 -5.42 -13.61 18.10
C PRO C 220 -5.52 -13.81 19.61
N LEU C 221 -4.41 -14.08 20.30
CA LEU C 221 -4.48 -14.32 21.74
C LEU C 221 -4.58 -13.02 22.55
N ARG C 222 -4.51 -11.86 21.89
CA ARG C 222 -4.76 -10.57 22.54
C ARG C 222 -3.75 -10.28 23.65
N ARG C 223 -2.51 -10.68 23.43
CA ARG C 223 -1.42 -10.43 24.37
C ARG C 223 -0.11 -10.71 23.65
N THR C 224 0.96 -10.11 24.14
CA THR C 224 2.29 -10.42 23.63
C THR C 224 2.90 -11.61 24.39
N VAL C 225 3.97 -12.15 23.85
CA VAL C 225 4.54 -13.37 24.39
C VAL C 225 5.68 -13.00 25.34
N THR C 226 6.07 -13.97 26.17
CA THR C 226 7.12 -13.76 27.17
C THR C 226 8.29 -14.69 26.87
N ILE C 227 9.42 -14.40 27.50
CA ILE C 227 10.60 -15.25 27.28
C ILE C 227 10.36 -16.65 27.83
N GLU C 228 9.48 -16.79 28.84
CA GLU C 228 9.18 -18.10 29.40
C GLU C 228 8.37 -18.95 28.44
N GLU C 229 7.46 -18.31 27.70
CA GLU C 229 6.67 -19.02 26.70
C GLU C 229 7.52 -19.39 25.48
N VAL C 230 8.38 -18.48 25.04
CA VAL C 230 9.31 -18.81 23.97
C VAL C 230 10.26 -19.91 24.44
N GLY C 231 10.67 -19.84 25.71
CA GLY C 231 11.49 -20.90 26.27
C GLY C 231 10.84 -22.27 26.20
N ASP C 232 9.54 -22.34 26.50
CA ASP C 232 8.86 -23.63 26.44
C ASP C 232 8.75 -24.14 25.01
N SER C 233 8.53 -23.25 24.05
CA SER C 233 8.53 -23.69 22.66
C SER C 233 9.94 -24.08 22.22
N ALA C 234 10.96 -23.36 22.68
CA ALA C 234 12.33 -23.77 22.38
C ALA C 234 12.62 -25.16 22.93
N LEU C 235 12.14 -25.44 24.15
CA LEU C 235 12.35 -26.75 24.77
C LEU C 235 11.83 -27.87 23.88
N TYR C 236 10.61 -27.71 23.35
CA TYR C 236 10.06 -28.70 22.41
C TYR C 236 11.05 -28.94 21.27
N LEU C 237 11.47 -27.86 20.59
CA LEU C 237 12.35 -27.97 19.43
C LEU C 237 13.73 -28.51 19.79
N LEU C 238 14.23 -28.23 21.00
CA LEU C 238 15.52 -28.76 21.42
C LEU C 238 15.44 -30.21 21.88
N SER C 239 14.28 -30.68 22.29
CA SER C 239 14.13 -32.00 22.89
C SER C 239 13.83 -33.05 21.83
N ASP C 240 13.79 -34.30 22.27
CA ASP C 240 13.42 -35.40 21.39
C ASP C 240 11.95 -35.38 21.01
N LEU C 241 11.13 -34.57 21.67
CA LEU C 241 9.73 -34.50 21.28
C LEU C 241 9.58 -34.10 19.82
N SER C 242 10.51 -33.30 19.30
CA SER C 242 10.43 -32.77 17.95
C SER C 242 11.36 -33.51 17.00
N ARG C 243 11.62 -34.80 17.27
CA ARG C 243 12.69 -35.50 16.54
C ARG C 243 12.39 -35.67 15.05
N SER C 244 11.17 -35.40 14.58
CA SER C 244 10.90 -35.45 13.14
C SER C 244 10.66 -34.07 12.52
N VAL C 245 11.14 -33.01 13.18
CA VAL C 245 10.93 -31.62 12.75
C VAL C 245 12.28 -31.01 12.40
N THR C 246 12.43 -30.56 11.16
CA THR C 246 13.65 -29.85 10.78
C THR C 246 13.35 -28.93 9.61
N GLY C 247 14.16 -27.88 9.49
CA GLY C 247 13.93 -26.83 8.51
C GLY C 247 12.70 -25.99 8.75
N GLU C 248 12.17 -25.99 9.98
CA GLU C 248 10.89 -25.38 10.31
C GLU C 248 11.06 -23.97 10.85
N VAL C 249 10.18 -23.05 10.44
CA VAL C 249 10.09 -21.72 11.05
C VAL C 249 8.80 -21.71 11.85
N HIS C 250 8.92 -21.67 13.18
CA HIS C 250 7.83 -21.93 14.10
C HIS C 250 7.41 -20.63 14.77
N HIS C 251 6.17 -20.19 14.52
CA HIS C 251 5.70 -18.91 15.05
C HIS C 251 5.30 -19.07 16.51
N VAL C 252 5.92 -18.30 17.38
CA VAL C 252 5.52 -18.22 18.78
C VAL C 252 5.23 -16.76 19.06
N ASP C 253 4.03 -16.31 18.65
CA ASP C 253 3.77 -14.88 18.49
C ASP C 253 2.30 -14.55 18.78
N SER C 254 1.60 -15.40 19.53
CA SER C 254 0.18 -15.24 19.83
C SER C 254 -0.68 -15.29 18.58
N GLY C 255 -0.13 -15.85 17.50
CA GLY C 255 -0.84 -15.94 16.25
C GLY C 255 -0.77 -14.71 15.38
N TYR C 256 0.03 -13.70 15.74
CA TYR C 256 0.00 -12.42 15.02
C TYR C 256 0.24 -12.62 13.52
N ASN C 257 1.12 -13.55 13.16
CA ASN C 257 1.52 -13.73 11.76
C ASN C 257 0.35 -14.10 10.84
N ILE C 258 -0.77 -14.58 11.39
CA ILE C 258 -1.86 -15.04 10.52
C ILE C 258 -2.85 -13.94 10.11
N ILE C 259 -2.78 -12.72 10.72
CA ILE C 259 -3.81 -11.70 10.47
C ILE C 259 -3.44 -10.85 9.26
N GLY C 260 -4.47 -10.40 8.53
CA GLY C 260 -4.24 -9.63 7.32
C GLY C 260 -4.67 -8.17 7.39
N MET C 261 -5.16 -7.75 8.56
CA MET C 261 -5.75 -6.42 8.79
CA MET C 261 -5.44 -6.34 8.86
C MET C 261 -5.91 -6.22 10.30
N LYS C 262 -6.32 -5.02 10.69
CA LYS C 262 -6.66 -4.75 12.07
C LYS C 262 -7.82 -5.63 12.55
N ALA C 263 -7.66 -6.24 13.73
CA ALA C 263 -8.74 -6.99 14.37
C ALA C 263 -9.99 -6.11 14.60
N VAL C 264 -11.14 -6.76 14.75
CA VAL C 264 -12.42 -6.04 14.75
C VAL C 264 -12.60 -5.23 16.03
N ASP C 265 -12.24 -5.79 17.18
CA ASP C 265 -12.46 -5.12 18.46
C ASP C 265 -11.15 -4.59 19.04
N GLY D 6 -4.02 -0.10 -31.95
CA GLY D 6 -4.14 -1.18 -30.98
C GLY D 6 -2.88 -1.98 -30.76
N ASN D 7 -2.64 -2.42 -29.51
CA ASN D 7 -1.45 -3.21 -29.21
C ASN D 7 -1.51 -4.61 -29.82
N GLY D 8 -2.72 -5.10 -30.12
CA GLY D 8 -2.89 -6.37 -30.81
C GLY D 8 -2.52 -7.60 -30.01
N LEU D 9 -2.42 -7.49 -28.69
CA LEU D 9 -1.97 -8.63 -27.89
C LEU D 9 -2.96 -9.79 -27.91
N LEU D 10 -4.23 -9.53 -28.22
CA LEU D 10 -5.22 -10.59 -28.34
C LEU D 10 -5.85 -10.59 -29.74
N TYR D 11 -5.10 -10.13 -30.74
CA TYR D 11 -5.57 -10.16 -32.12
C TYR D 11 -5.88 -11.58 -32.55
N GLY D 12 -7.10 -11.78 -33.06
CA GLY D 12 -7.52 -13.07 -33.55
C GLY D 12 -7.89 -14.08 -32.49
N LYS D 13 -7.93 -13.70 -31.23
CA LYS D 13 -8.22 -14.62 -30.14
C LYS D 13 -9.69 -14.55 -29.75
N ARG D 14 -10.21 -15.70 -29.31
CA ARG D 14 -11.60 -15.83 -28.88
C ARG D 14 -11.62 -16.27 -27.43
N GLY D 15 -12.38 -15.55 -26.60
CA GLY D 15 -12.44 -15.83 -25.19
C GLY D 15 -13.86 -15.82 -24.66
N LEU D 16 -14.08 -16.62 -23.61
CA LEU D 16 -15.34 -16.70 -22.90
C LEU D 16 -15.19 -16.06 -21.53
N ILE D 17 -16.13 -15.19 -21.17
CA ILE D 17 -16.11 -14.49 -19.89
C ILE D 17 -17.40 -14.79 -19.15
N LEU D 18 -17.27 -15.41 -17.97
CA LEU D 18 -18.38 -15.67 -17.06
C LEU D 18 -18.23 -14.79 -15.83
N GLY D 19 -19.29 -14.07 -15.46
CA GLY D 19 -19.25 -13.24 -14.26
C GLY D 19 -19.48 -11.74 -14.47
N LEU D 20 -19.82 -11.34 -15.68
CA LEU D 20 -20.17 -9.95 -15.93
C LEU D 20 -21.55 -9.66 -15.34
N ALA D 21 -21.61 -8.77 -14.36
CA ALA D 21 -22.88 -8.34 -13.76
C ALA D 21 -23.29 -6.94 -14.20
N ASN D 22 -22.36 -5.98 -14.19
CA ASN D 22 -22.66 -4.61 -14.54
C ASN D 22 -21.35 -3.93 -14.91
N ASN D 23 -21.41 -2.61 -15.13
CA ASN D 23 -20.25 -1.86 -15.57
C ASN D 23 -19.25 -1.57 -14.44
N ARG D 24 -19.47 -2.10 -13.25
CA ARG D 24 -18.48 -2.04 -12.19
C ARG D 24 -17.78 -3.38 -11.95
N SER D 25 -18.24 -4.47 -12.58
CA SER D 25 -17.65 -5.79 -12.40
C SER D 25 -16.18 -5.80 -12.79
N ILE D 26 -15.37 -6.59 -12.07
CA ILE D 26 -14.00 -6.85 -12.54
C ILE D 26 -14.05 -7.41 -13.95
N ALA D 27 -15.01 -8.29 -14.22
CA ALA D 27 -15.13 -8.88 -15.54
C ALA D 27 -15.37 -7.84 -16.62
N TRP D 28 -15.99 -6.72 -16.28
CA TRP D 28 -16.15 -5.64 -17.26
C TRP D 28 -14.81 -4.99 -17.59
N GLY D 29 -13.98 -4.74 -16.57
CA GLY D 29 -12.65 -4.21 -16.84
C GLY D 29 -11.82 -5.14 -17.71
N ILE D 30 -11.88 -6.45 -17.42
CA ILE D 30 -11.19 -7.44 -18.24
C ILE D 30 -11.73 -7.41 -19.67
N ALA D 31 -13.06 -7.34 -19.82
CA ALA D 31 -13.65 -7.34 -21.15
C ALA D 31 -13.24 -6.11 -21.96
N LYS D 32 -13.33 -4.92 -21.36
CA LYS D 32 -12.94 -3.71 -22.07
C LYS D 32 -11.50 -3.81 -22.57
N THR D 33 -10.58 -4.26 -21.71
CA THR D 33 -9.17 -4.35 -22.10
C THR D 33 -8.95 -5.42 -23.16
N ALA D 34 -9.53 -6.62 -22.96
CA ALA D 34 -9.37 -7.69 -23.95
C ALA D 34 -9.95 -7.29 -25.31
N SER D 35 -11.10 -6.61 -25.31
CA SER D 35 -11.67 -6.15 -26.57
C SER D 35 -10.77 -5.12 -27.23
N SER D 36 -10.25 -4.16 -26.46
CA SER D 36 -9.36 -3.15 -27.01
C SER D 36 -8.12 -3.79 -27.62
N ALA D 37 -7.69 -4.93 -27.09
CA ALA D 37 -6.50 -5.63 -27.54
C ALA D 37 -6.78 -6.58 -28.71
N GLY D 38 -8.00 -6.61 -29.22
CA GLY D 38 -8.33 -7.41 -30.39
C GLY D 38 -9.16 -8.67 -30.15
N ALA D 39 -9.59 -8.94 -28.93
CA ALA D 39 -10.25 -10.21 -28.65
C ALA D 39 -11.71 -10.21 -29.11
N GLU D 40 -12.15 -11.36 -29.61
CA GLU D 40 -13.55 -11.66 -29.84
C GLU D 40 -14.10 -12.34 -28.60
N LEU D 41 -15.10 -11.74 -27.96
CA LEU D 41 -15.55 -12.14 -26.63
C LEU D 41 -16.95 -12.72 -26.64
N ALA D 42 -17.17 -13.75 -25.83
CA ALA D 42 -18.48 -14.31 -25.57
C ALA D 42 -18.81 -14.17 -24.10
N PHE D 43 -20.07 -13.89 -23.79
CA PHE D 43 -20.50 -13.66 -22.42
C PHE D 43 -21.66 -14.57 -22.06
N THR D 44 -21.64 -15.09 -20.84
CA THR D 44 -22.82 -15.68 -20.23
C THR D 44 -23.48 -14.65 -19.33
N TYR D 45 -24.66 -14.98 -18.84
CA TYR D 45 -25.33 -14.18 -17.81
C TYR D 45 -25.99 -15.12 -16.83
N GLN D 46 -26.08 -14.68 -15.57
CA GLN D 46 -26.75 -15.46 -14.53
C GLN D 46 -28.17 -14.91 -14.32
N GLY D 47 -29.09 -15.37 -15.17
CA GLY D 47 -30.47 -15.04 -14.97
C GLY D 47 -30.92 -13.81 -15.74
N GLU D 48 -32.21 -13.49 -15.56
CA GLU D 48 -32.86 -12.48 -16.39
CA GLU D 48 -32.87 -12.48 -16.38
C GLU D 48 -32.48 -11.06 -15.99
N ALA D 49 -32.42 -10.77 -14.69
CA ALA D 49 -32.02 -9.44 -14.25
C ALA D 49 -30.59 -9.12 -14.70
N MET D 50 -29.70 -10.10 -14.61
CA MET D 50 -28.35 -9.94 -15.13
C MET D 50 -28.35 -9.80 -16.64
N LYS D 51 -29.17 -10.59 -17.34
CA LYS D 51 -29.24 -10.53 -18.79
C LYS D 51 -29.53 -9.12 -19.28
N LYS D 52 -30.40 -8.39 -18.57
CA LYS D 52 -30.76 -7.04 -18.98
C LYS D 52 -29.57 -6.09 -18.96
N ARG D 53 -28.62 -6.31 -18.05
CA ARG D 53 -27.41 -5.50 -18.00
C ARG D 53 -26.31 -6.02 -18.91
N VAL D 54 -26.26 -7.33 -19.16
CA VAL D 54 -25.15 -7.89 -19.93
C VAL D 54 -25.29 -7.59 -21.41
N GLU D 55 -26.49 -7.76 -21.97
CA GLU D 55 -26.67 -7.57 -23.41
C GLU D 55 -26.13 -6.23 -23.93
N PRO D 56 -26.49 -5.07 -23.35
CA PRO D 56 -25.91 -3.81 -23.88
C PRO D 56 -24.43 -3.68 -23.63
N LEU D 57 -23.91 -4.21 -22.51
CA LEU D 57 -22.47 -4.18 -22.28
C LEU D 57 -21.73 -5.02 -23.31
N ALA D 58 -22.23 -6.22 -23.59
CA ALA D 58 -21.64 -7.06 -24.63
C ALA D 58 -21.62 -6.33 -25.97
N GLU D 59 -22.73 -5.70 -26.34
CA GLU D 59 -22.77 -4.97 -27.62
C GLU D 59 -21.72 -3.87 -27.64
N GLU D 60 -21.45 -3.24 -26.51
CA GLU D 60 -20.48 -2.16 -26.46
C GLU D 60 -19.08 -2.63 -26.83
N VAL D 61 -18.76 -3.91 -26.60
CA VAL D 61 -17.44 -4.42 -26.94
C VAL D 61 -17.48 -5.32 -28.17
N LYS D 62 -18.52 -5.21 -28.99
CA LYS D 62 -18.70 -6.08 -30.16
C LYS D 62 -18.76 -7.54 -29.75
N GLY D 63 -19.09 -7.78 -28.48
CA GLY D 63 -19.15 -9.13 -27.97
C GLY D 63 -20.41 -9.81 -28.42
N PHE D 64 -20.57 -11.04 -27.95
CA PHE D 64 -21.77 -11.80 -28.27
C PHE D 64 -22.19 -12.60 -27.05
N VAL D 65 -23.48 -12.54 -26.75
CA VAL D 65 -24.05 -13.20 -25.58
C VAL D 65 -24.39 -14.64 -25.97
N CYS D 66 -23.84 -15.61 -25.24
CA CYS D 66 -24.04 -17.00 -25.61
C CYS D 66 -24.99 -17.74 -24.69
N GLY D 67 -25.61 -17.07 -23.72
CA GLY D 67 -26.78 -17.61 -23.04
C GLY D 67 -26.61 -17.65 -21.54
N HIS D 68 -27.66 -18.19 -20.89
CA HIS D 68 -27.72 -18.26 -19.43
C HIS D 68 -26.80 -19.34 -18.89
N CYS D 69 -26.03 -19.00 -17.86
CA CYS D 69 -25.25 -20.01 -17.14
C CYS D 69 -25.34 -19.74 -15.65
N ASP D 70 -25.85 -20.72 -14.91
CA ASP D 70 -25.75 -20.75 -13.46
C ASP D 70 -24.93 -21.97 -13.11
N VAL D 71 -23.79 -21.75 -12.44
CA VAL D 71 -22.83 -22.82 -12.28
C VAL D 71 -23.28 -23.89 -11.29
N SER D 72 -24.37 -23.66 -10.57
CA SER D 72 -24.97 -24.76 -9.81
C SER D 72 -25.87 -25.63 -10.68
N ASP D 73 -26.00 -25.30 -11.97
CA ASP D 73 -26.85 -26.01 -12.91
C ASP D 73 -25.97 -26.52 -14.05
N SER D 74 -25.55 -27.79 -13.96
CA SER D 74 -24.56 -28.32 -14.91
C SER D 74 -25.13 -28.43 -16.33
N ALA D 75 -26.45 -28.48 -16.49
CA ALA D 75 -27.04 -28.47 -17.82
C ALA D 75 -26.78 -27.14 -18.52
N SER D 76 -26.85 -26.02 -17.79
CA SER D 76 -26.62 -24.73 -18.41
C SER D 76 -25.16 -24.54 -18.80
N ILE D 77 -24.24 -25.06 -17.98
CA ILE D 77 -22.83 -25.06 -18.36
C ILE D 77 -22.64 -25.74 -19.70
N ASP D 78 -23.17 -26.96 -19.83
CA ASP D 78 -22.95 -27.69 -21.07
C ASP D 78 -23.66 -27.01 -22.24
N ALA D 79 -24.78 -26.33 -21.98
CA ALA D 79 -25.48 -25.60 -23.02
C ALA D 79 -24.61 -24.49 -23.60
N VAL D 80 -24.03 -23.65 -22.74
CA VAL D 80 -23.26 -22.53 -23.27
C VAL D 80 -22.00 -23.02 -23.97
N PHE D 81 -21.41 -24.13 -23.49
CA PHE D 81 -20.25 -24.66 -24.20
C PHE D 81 -20.64 -25.34 -25.50
N ASN D 82 -21.89 -25.82 -25.59
CA ASN D 82 -22.38 -26.28 -26.89
C ASN D 82 -22.54 -25.12 -27.87
N THR D 83 -23.11 -24.01 -27.40
CA THR D 83 -23.24 -22.82 -28.23
C THR D 83 -21.88 -22.36 -28.73
N ILE D 84 -20.90 -22.30 -27.83
CA ILE D 84 -19.56 -21.81 -28.22
C ILE D 84 -18.92 -22.76 -29.22
N GLU D 85 -19.09 -24.07 -29.01
CA GLU D 85 -18.45 -25.03 -29.90
C GLU D 85 -19.04 -24.99 -31.30
N LYS D 86 -20.30 -24.61 -31.44
CA LYS D 86 -20.90 -24.50 -32.75
C LYS D 86 -20.50 -23.20 -33.45
N LYS D 87 -20.43 -22.10 -32.69
CA LYS D 87 -20.08 -20.81 -33.30
C LYS D 87 -18.59 -20.74 -33.63
N TRP D 88 -17.72 -21.25 -32.76
CA TRP D 88 -16.29 -21.03 -32.88
C TRP D 88 -15.45 -22.29 -33.07
N GLY D 89 -15.85 -23.42 -32.51
CA GLY D 89 -15.00 -24.61 -32.62
C GLY D 89 -13.84 -24.74 -31.64
N LYS D 90 -13.02 -23.70 -31.50
CA LYS D 90 -11.93 -23.69 -30.55
C LYS D 90 -12.04 -22.45 -29.68
N LEU D 91 -11.35 -22.47 -28.54
CA LEU D 91 -11.41 -21.41 -27.56
C LEU D 91 -10.00 -21.07 -27.10
N ASP D 92 -9.67 -19.78 -27.07
CA ASP D 92 -8.31 -19.40 -26.69
C ASP D 92 -8.15 -19.10 -25.21
N PHE D 93 -9.16 -18.47 -24.59
CA PHE D 93 -9.04 -18.18 -23.18
C PHE D 93 -10.41 -18.21 -22.53
N LEU D 94 -10.39 -18.33 -21.20
CA LEU D 94 -11.59 -18.42 -20.39
C LEU D 94 -11.38 -17.58 -19.14
N VAL D 95 -12.36 -16.78 -18.77
CA VAL D 95 -12.27 -15.94 -17.58
C VAL D 95 -13.38 -16.36 -16.63
N HIS D 96 -12.97 -16.74 -15.41
CA HIS D 96 -13.85 -17.20 -14.34
C HIS D 96 -13.93 -16.08 -13.31
N ALA D 97 -14.96 -15.25 -13.43
CA ALA D 97 -15.11 -14.14 -12.50
C ALA D 97 -16.37 -14.37 -11.67
N ILE D 98 -16.44 -15.51 -11.00
CA ILE D 98 -17.63 -15.96 -10.32
C ILE D 98 -17.29 -16.24 -8.86
N GLY D 99 -18.04 -15.63 -7.95
CA GLY D 99 -17.92 -15.94 -6.53
C GLY D 99 -19.23 -15.67 -5.84
N PHE D 100 -19.48 -16.40 -4.76
CA PHE D 100 -20.73 -16.19 -4.02
C PHE D 100 -20.57 -16.70 -2.60
N SER D 101 -21.25 -16.01 -1.67
CA SER D 101 -21.37 -16.48 -0.29
C SER D 101 -22.52 -15.72 0.34
N ASP D 102 -23.08 -16.27 1.41
CA ASP D 102 -24.23 -15.65 2.06
C ASP D 102 -23.78 -14.35 2.72
N LYS D 103 -24.26 -13.20 2.21
CA LYS D 103 -23.73 -11.94 2.70
C LYS D 103 -24.14 -11.65 4.14
N GLU D 104 -25.21 -12.27 4.64
CA GLU D 104 -25.56 -12.10 6.04
C GLU D 104 -24.51 -12.72 6.97
N GLU D 105 -23.71 -13.67 6.48
CA GLU D 105 -22.70 -14.30 7.30
C GLU D 105 -21.30 -13.75 7.06
N LEU D 106 -21.17 -12.73 6.22
CA LEU D 106 -19.86 -12.06 6.02
C LEU D 106 -19.68 -10.96 7.06
N SER D 107 -19.68 -11.40 8.32
CA SER D 107 -19.67 -10.57 9.50
C SER D 107 -19.59 -11.49 10.70
N GLY D 108 -19.24 -10.93 11.86
CA GLY D 108 -19.09 -11.73 13.05
C GLY D 108 -18.00 -12.78 12.90
N ARG D 109 -18.23 -13.94 13.52
CA ARG D 109 -17.23 -15.00 13.63
C ARG D 109 -17.40 -16.05 12.54
N TYR D 110 -16.28 -16.46 11.94
CA TYR D 110 -16.29 -17.59 11.02
C TYR D 110 -16.88 -18.85 11.67
N VAL D 111 -16.62 -19.06 12.97
CA VAL D 111 -17.05 -20.31 13.61
C VAL D 111 -18.57 -20.42 13.65
N ASP D 112 -19.27 -19.32 13.44
CA ASP D 112 -20.74 -19.31 13.51
C ASP D 112 -21.39 -19.51 12.15
N ILE D 113 -20.63 -19.85 11.09
CA ILE D 113 -21.27 -19.99 9.78
C ILE D 113 -22.21 -21.19 9.80
N SER D 114 -23.17 -21.19 8.88
CA SER D 114 -24.00 -22.37 8.70
C SER D 114 -23.34 -23.34 7.72
N GLU D 115 -23.73 -24.60 7.85
CA GLU D 115 -23.22 -25.65 6.97
C GLU D 115 -23.66 -25.44 5.52
N SER D 116 -24.92 -25.04 5.31
CA SER D 116 -25.38 -24.82 3.94
C SER D 116 -24.64 -23.66 3.30
N ASN D 117 -24.34 -22.61 4.07
CA ASN D 117 -23.53 -21.53 3.51
C ASN D 117 -22.13 -22.02 3.16
N PHE D 118 -21.52 -22.83 4.03
CA PHE D 118 -20.20 -23.36 3.72
C PHE D 118 -20.23 -24.12 2.41
N MET D 119 -21.21 -25.02 2.25
CA MET D 119 -21.25 -25.88 1.07
C MET D 119 -21.56 -25.09 -0.18
N MET D 120 -22.51 -24.15 -0.09
CA MET D 120 -22.87 -23.38 -1.27
C MET D 120 -21.72 -22.48 -1.71
N THR D 121 -21.02 -21.89 -0.75
CA THR D 121 -19.85 -21.08 -1.08
C THR D 121 -18.78 -21.92 -1.79
N MET D 122 -18.47 -23.10 -1.24
CA MET D 122 -17.45 -23.95 -1.87
C MET D 122 -17.84 -24.36 -3.28
N ASN D 123 -19.11 -24.67 -3.49
CA ASN D 123 -19.54 -25.14 -4.81
C ASN D 123 -19.45 -24.01 -5.84
N ILE D 124 -20.10 -22.88 -5.58
CA ILE D 124 -20.16 -21.78 -6.55
C ILE D 124 -18.82 -21.11 -6.73
N SER D 125 -18.12 -20.85 -5.62
CA SER D 125 -16.86 -20.10 -5.69
C SER D 125 -15.65 -20.96 -6.03
N VAL D 126 -15.68 -22.28 -5.77
CA VAL D 126 -14.50 -23.11 -6.00
C VAL D 126 -14.75 -24.17 -7.07
N TYR D 127 -15.70 -25.08 -6.84
CA TYR D 127 -15.89 -26.17 -7.79
C TYR D 127 -16.25 -25.67 -9.19
N SER D 128 -16.92 -24.52 -9.29
CA SER D 128 -17.31 -24.01 -10.59
C SER D 128 -16.12 -23.83 -11.52
N LEU D 129 -14.97 -23.37 -11.00
CA LEU D 129 -13.79 -23.27 -11.86
C LEU D 129 -13.41 -24.63 -12.44
N THR D 130 -13.42 -25.67 -11.60
CA THR D 130 -13.07 -26.99 -12.10
C THR D 130 -14.09 -27.49 -13.12
N ALA D 131 -15.37 -27.26 -12.86
CA ALA D 131 -16.40 -27.73 -13.79
C ALA D 131 -16.29 -27.02 -15.13
N LEU D 132 -16.09 -25.70 -15.11
CA LEU D 132 -15.95 -24.94 -16.35
C LEU D 132 -14.73 -25.40 -17.13
N THR D 133 -13.62 -25.67 -16.42
CA THR D 133 -12.38 -26.09 -17.07
C THR D 133 -12.55 -27.46 -17.74
N LYS D 134 -13.28 -28.38 -17.10
CA LYS D 134 -13.52 -29.68 -17.71
CA LYS D 134 -13.60 -29.68 -17.69
C LYS D 134 -14.12 -29.53 -19.11
N ARG D 135 -15.16 -28.69 -19.26
CA ARG D 135 -15.79 -28.52 -20.57
C ARG D 135 -14.88 -27.77 -21.52
N ALA D 136 -14.22 -26.72 -21.03
CA ALA D 136 -13.34 -25.91 -21.87
C ALA D 136 -12.17 -26.69 -22.41
N GLU D 137 -11.85 -27.85 -21.83
CA GLU D 137 -10.63 -28.57 -22.17
C GLU D 137 -10.65 -29.03 -23.62
N LYS D 138 -11.80 -29.50 -24.12
CA LYS D 138 -11.85 -30.00 -25.49
C LYS D 138 -11.79 -28.86 -26.50
N LEU D 139 -12.24 -27.66 -26.12
CA LEU D 139 -12.14 -26.52 -27.01
C LEU D 139 -10.78 -25.85 -26.99
N MET D 140 -9.89 -26.26 -26.09
CA MET D 140 -8.57 -25.66 -25.96
C MET D 140 -7.47 -26.66 -26.32
N SER D 141 -7.73 -27.48 -27.34
CA SER D 141 -6.83 -28.57 -27.67
C SER D 141 -5.45 -28.08 -28.12
N ASP D 142 -5.37 -26.88 -28.71
CA ASP D 142 -4.10 -26.31 -29.14
C ASP D 142 -3.46 -25.38 -28.11
N GLY D 143 -3.93 -25.41 -26.87
CA GLY D 143 -3.44 -24.52 -25.83
C GLY D 143 -4.43 -23.43 -25.51
N GLY D 144 -4.16 -22.73 -24.40
CA GLY D 144 -5.04 -21.67 -23.99
C GLY D 144 -4.62 -21.10 -22.65
N SER D 145 -5.48 -20.22 -22.14
CA SER D 145 -5.21 -19.54 -20.89
C SER D 145 -6.51 -19.42 -20.12
N ILE D 146 -6.50 -19.87 -18.86
CA ILE D 146 -7.66 -19.87 -18.00
C ILE D 146 -7.33 -19.02 -16.79
N LEU D 147 -8.20 -18.07 -16.45
CA LEU D 147 -7.93 -17.09 -15.41
C LEU D 147 -9.08 -17.03 -14.42
N THR D 148 -8.76 -17.04 -13.13
CA THR D 148 -9.76 -16.84 -12.09
C THR D 148 -9.32 -15.65 -11.22
N LEU D 149 -10.19 -15.29 -10.28
CA LEU D 149 -9.96 -14.17 -9.37
C LEU D 149 -9.98 -14.66 -7.93
N THR D 150 -9.00 -14.20 -7.15
CA THR D 150 -8.91 -14.59 -5.75
C THR D 150 -8.59 -13.34 -4.92
N TYR D 151 -8.44 -13.52 -3.61
CA TYR D 151 -8.24 -12.41 -2.69
C TYR D 151 -7.29 -12.81 -1.57
N TYR D 152 -6.56 -11.81 -1.05
CA TYR D 152 -5.58 -11.99 0.01
CA TYR D 152 -5.57 -12.02 0.00
C TYR D 152 -6.16 -12.63 1.27
N GLY D 153 -7.47 -12.57 1.46
CA GLY D 153 -8.11 -13.27 2.57
C GLY D 153 -7.96 -14.78 2.51
N ALA D 154 -7.48 -15.32 1.40
CA ALA D 154 -7.09 -16.72 1.32
C ALA D 154 -5.80 -17.00 2.07
N GLU D 155 -4.92 -15.99 2.21
CA GLU D 155 -3.60 -16.15 2.80
C GLU D 155 -3.57 -15.74 4.27
N LYS D 156 -4.26 -14.67 4.61
CA LYS D 156 -4.27 -14.09 5.94
C LYS D 156 -5.71 -13.79 6.30
N VAL D 157 -5.99 -13.69 7.60
CA VAL D 157 -7.37 -13.50 8.03
C VAL D 157 -7.79 -12.05 7.81
N VAL D 158 -8.81 -11.86 6.98
CA VAL D 158 -9.45 -10.57 6.78
C VAL D 158 -10.80 -10.62 7.47
N PRO D 159 -11.02 -9.82 8.50
CA PRO D 159 -12.27 -9.91 9.26
C PRO D 159 -13.47 -9.63 8.37
N ASN D 160 -14.52 -10.42 8.59
CA ASN D 160 -15.79 -10.42 7.86
C ASN D 160 -15.69 -11.13 6.51
N TYR D 161 -14.49 -11.42 5.99
CA TYR D 161 -14.40 -12.23 4.77
C TYR D 161 -14.69 -13.71 5.07
N ASN D 162 -14.22 -14.19 6.23
CA ASN D 162 -14.62 -15.48 6.82
C ASN D 162 -14.69 -16.64 5.82
N VAL D 163 -15.88 -17.21 5.55
CA VAL D 163 -15.88 -18.46 4.76
C VAL D 163 -15.39 -18.23 3.34
N MET D 164 -15.53 -17.01 2.83
CA MET D 164 -14.95 -16.70 1.52
C MET D 164 -13.44 -16.84 1.50
N GLY D 165 -12.76 -16.57 2.62
CA GLY D 165 -11.32 -16.79 2.66
C GLY D 165 -10.95 -18.26 2.63
N VAL D 166 -11.70 -19.09 3.34
CA VAL D 166 -11.53 -20.54 3.25
C VAL D 166 -11.74 -20.99 1.81
N ALA D 167 -12.80 -20.49 1.16
CA ALA D 167 -13.07 -20.85 -0.23
C ALA D 167 -11.94 -20.40 -1.17
N LYS D 168 -11.46 -19.16 -1.03
CA LYS D 168 -10.39 -18.70 -1.92
C LYS D 168 -9.10 -19.50 -1.71
N ALA D 169 -8.84 -19.97 -0.50
CA ALA D 169 -7.67 -20.83 -0.33
C ALA D 169 -7.83 -22.11 -1.13
N ALA D 170 -9.03 -22.70 -1.13
CA ALA D 170 -9.26 -23.88 -1.95
C ALA D 170 -9.15 -23.57 -3.43
N LEU D 171 -9.68 -22.42 -3.85
CA LEU D 171 -9.60 -22.02 -5.26
C LEU D 171 -8.14 -21.92 -5.71
N GLU D 172 -7.31 -21.27 -4.90
CA GLU D 172 -5.89 -21.12 -5.25
C GLU D 172 -5.20 -22.48 -5.36
N ALA D 173 -5.47 -23.38 -4.43
CA ALA D 173 -4.91 -24.72 -4.55
C ALA D 173 -5.41 -25.41 -5.83
N SER D 174 -6.70 -25.26 -6.14
CA SER D 174 -7.22 -25.94 -7.32
C SER D 174 -6.56 -25.41 -8.60
N VAL D 175 -6.19 -24.14 -8.61
CA VAL D 175 -5.46 -23.54 -9.75
C VAL D 175 -4.15 -24.27 -9.98
N LYS D 176 -3.41 -24.55 -8.91
CA LYS D 176 -2.17 -25.30 -9.03
C LYS D 176 -2.41 -26.73 -9.52
N TYR D 177 -3.38 -27.45 -8.93
CA TYR D 177 -3.65 -28.81 -9.40
C TYR D 177 -4.08 -28.81 -10.87
N LEU D 178 -4.96 -27.88 -11.26
CA LEU D 178 -5.38 -27.78 -12.66
C LEU D 178 -4.21 -27.44 -13.57
N ALA D 179 -3.30 -26.59 -13.10
CA ALA D 179 -2.16 -26.19 -13.92
C ALA D 179 -1.26 -27.40 -14.21
N VAL D 180 -1.13 -28.30 -13.25
CA VAL D 180 -0.39 -29.55 -13.47
C VAL D 180 -1.14 -30.44 -14.46
N ASP D 181 -2.45 -30.59 -14.28
CA ASP D 181 -3.24 -31.45 -15.16
C ASP D 181 -3.09 -31.03 -16.62
N LEU D 182 -3.23 -29.74 -16.87
CA LEU D 182 -3.40 -29.23 -18.24
C LEU D 182 -2.13 -28.63 -18.83
N GLY D 183 -1.10 -28.44 -18.01
CA GLY D 183 0.18 -27.97 -18.49
C GLY D 183 0.71 -28.69 -19.72
N PRO D 184 0.65 -30.03 -19.73
CA PRO D 184 1.17 -30.77 -20.89
C PRO D 184 0.45 -30.47 -22.18
N LYS D 185 -0.80 -29.99 -22.12
CA LYS D 185 -1.52 -29.52 -23.29
C LYS D 185 -1.30 -28.03 -23.54
N HIS D 186 -0.40 -27.42 -22.78
CA HIS D 186 -0.13 -25.98 -22.86
C HIS D 186 -1.38 -25.15 -22.60
N ILE D 187 -2.24 -25.63 -21.71
CA ILE D 187 -3.33 -24.84 -21.16
C ILE D 187 -2.85 -24.31 -19.82
N ARG D 188 -2.70 -22.99 -19.72
CA ARG D 188 -2.22 -22.36 -18.50
C ARG D 188 -3.40 -21.96 -17.62
N VAL D 189 -3.19 -22.02 -16.30
CA VAL D 189 -4.23 -21.74 -15.31
C VAL D 189 -3.60 -20.86 -14.24
N ASN D 190 -4.15 -19.65 -14.05
CA ASN D 190 -3.59 -18.66 -13.14
C ASN D 190 -4.72 -17.94 -12.43
N ALA D 191 -4.37 -17.22 -11.36
CA ALA D 191 -5.33 -16.39 -10.62
C ALA D 191 -4.75 -15.00 -10.42
N ILE D 192 -5.60 -13.99 -10.51
CA ILE D 192 -5.25 -12.65 -10.07
C ILE D 192 -5.81 -12.49 -8.66
N SER D 193 -4.95 -12.20 -7.71
CA SER D 193 -5.35 -11.84 -6.36
C SER D 193 -5.59 -10.33 -6.37
N ALA D 194 -6.84 -9.92 -6.48
CA ALA D 194 -7.16 -8.50 -6.61
C ALA D 194 -7.27 -7.85 -5.24
N GLY D 195 -6.90 -6.57 -5.17
CA GLY D 195 -7.21 -5.75 -4.04
C GLY D 195 -8.69 -5.41 -4.04
N PRO D 196 -9.21 -4.85 -2.95
CA PRO D 196 -10.64 -4.53 -2.89
C PRO D 196 -11.06 -3.50 -3.92
N ILE D 197 -12.21 -3.74 -4.54
CA ILE D 197 -12.85 -2.83 -5.50
C ILE D 197 -14.34 -2.80 -5.18
N LYS D 198 -14.92 -1.60 -5.23
CA LYS D 198 -16.36 -1.44 -5.01
C LYS D 198 -17.13 -2.08 -6.17
N THR D 199 -17.65 -3.29 -5.95
CA THR D 199 -18.47 -4.02 -6.91
C THR D 199 -19.72 -4.51 -6.19
N LEU D 200 -20.68 -5.04 -6.97
CA LEU D 200 -21.92 -5.54 -6.39
C LEU D 200 -21.66 -6.65 -5.36
N ALA D 201 -20.90 -7.67 -5.75
CA ALA D 201 -20.64 -8.78 -4.85
C ALA D 201 -19.83 -8.32 -3.64
N ALA D 202 -18.74 -7.57 -3.88
CA ALA D 202 -17.85 -7.18 -2.79
C ALA D 202 -18.55 -6.29 -1.77
N SER D 203 -19.57 -5.54 -2.19
CA SER D 203 -20.31 -4.70 -1.27
C SER D 203 -21.02 -5.48 -0.18
N GLY D 204 -21.19 -6.79 -0.36
CA GLY D 204 -21.82 -7.61 0.66
C GLY D 204 -20.95 -7.88 1.87
N ILE D 205 -19.65 -7.61 1.77
CA ILE D 205 -18.74 -7.82 2.89
C ILE D 205 -19.01 -6.78 3.96
N GLY D 206 -19.13 -7.22 5.21
CA GLY D 206 -19.34 -6.31 6.32
C GLY D 206 -18.25 -5.26 6.45
N ASP D 207 -18.66 -3.99 6.55
CA ASP D 207 -17.72 -2.88 6.70
C ASP D 207 -16.67 -2.87 5.58
N PHE D 208 -17.13 -3.15 4.36
CA PHE D 208 -16.25 -3.10 3.20
C PHE D 208 -15.62 -1.72 3.01
N ARG D 209 -16.31 -0.64 3.40
CA ARG D 209 -15.69 0.67 3.26
C ARG D 209 -14.46 0.81 4.15
N TYR D 210 -14.47 0.19 5.32
CA TYR D 210 -13.26 0.19 6.17
C TYR D 210 -12.12 -0.53 5.46
N ILE D 211 -12.39 -1.66 4.83
CA ILE D 211 -11.34 -2.40 4.12
C ILE D 211 -10.77 -1.54 3.00
N LEU D 212 -11.62 -0.77 2.33
CA LEU D 212 -11.15 0.13 1.27
C LEU D 212 -10.28 1.24 1.83
N LYS D 213 -10.74 1.96 2.85
CA LYS D 213 -9.93 3.03 3.42
C LYS D 213 -8.62 2.49 3.96
N TRP D 214 -8.69 1.35 4.68
CA TRP D 214 -7.49 0.69 5.18
C TRP D 214 -6.47 0.43 4.07
N ASN D 215 -6.93 -0.09 2.93
CA ASN D 215 -6.00 -0.31 1.82
C ASN D 215 -5.46 1.02 1.28
N GLU D 216 -6.30 2.05 1.20
CA GLU D 216 -5.84 3.34 0.71
C GLU D 216 -4.67 3.88 1.52
N TYR D 217 -4.75 3.79 2.85
CA TYR D 217 -3.69 4.33 3.69
C TYR D 217 -2.48 3.42 3.78
N ASN D 218 -2.67 2.10 3.73
CA ASN D 218 -1.62 1.17 4.11
C ASN D 218 -1.00 0.41 2.95
N ALA D 219 -1.64 0.36 1.79
CA ALA D 219 -0.99 -0.30 0.67
C ALA D 219 0.23 0.51 0.23
N PRO D 220 1.27 -0.16 -0.26
CA PRO D 220 2.48 0.57 -0.71
C PRO D 220 2.19 1.67 -1.70
N LEU D 221 1.31 1.45 -2.68
CA LEU D 221 1.06 2.49 -3.68
C LEU D 221 0.08 3.55 -3.18
N ARG D 222 -0.42 3.43 -1.95
CA ARG D 222 -1.25 4.48 -1.33
C ARG D 222 -2.51 4.75 -2.14
N ARG D 223 -3.09 3.69 -2.69
CA ARG D 223 -4.34 3.77 -3.41
C ARG D 223 -4.90 2.37 -3.57
N THR D 224 -6.21 2.28 -3.80
CA THR D 224 -6.80 0.99 -4.16
C THR D 224 -6.80 0.86 -5.67
N VAL D 225 -7.11 -0.34 -6.17
CA VAL D 225 -7.00 -0.66 -7.60
C VAL D 225 -8.36 -0.47 -8.28
N THR D 226 -8.33 -0.36 -9.61
CA THR D 226 -9.52 -0.24 -10.44
C THR D 226 -9.69 -1.49 -11.31
N ILE D 227 -10.91 -1.66 -11.82
CA ILE D 227 -11.18 -2.76 -12.75
C ILE D 227 -10.38 -2.58 -14.03
N GLU D 228 -10.02 -1.34 -14.40
CA GLU D 228 -9.21 -1.16 -15.60
C GLU D 228 -7.78 -1.66 -15.40
N GLU D 229 -7.23 -1.42 -14.21
CA GLU D 229 -5.89 -1.94 -13.90
C GLU D 229 -5.89 -3.46 -13.81
N VAL D 230 -6.90 -4.06 -13.16
CA VAL D 230 -7.00 -5.51 -13.13
C VAL D 230 -7.16 -6.04 -14.56
N GLY D 231 -7.91 -5.30 -15.39
CA GLY D 231 -8.07 -5.68 -16.78
C GLY D 231 -6.75 -5.76 -17.52
N ASP D 232 -5.85 -4.80 -17.28
CA ASP D 232 -4.55 -4.80 -17.95
C ASP D 232 -3.68 -5.95 -17.48
N SER D 233 -3.66 -6.21 -16.18
CA SER D 233 -2.95 -7.39 -15.67
C SER D 233 -3.55 -8.68 -16.24
N ALA D 234 -4.88 -8.75 -16.33
CA ALA D 234 -5.51 -9.93 -16.91
C ALA D 234 -5.13 -10.09 -18.37
N LEU D 235 -5.08 -8.98 -19.12
CA LEU D 235 -4.62 -9.01 -20.52
C LEU D 235 -3.29 -9.75 -20.63
N TYR D 236 -2.33 -9.39 -19.78
CA TYR D 236 -1.04 -10.06 -19.76
C TYR D 236 -1.20 -11.57 -19.57
N LEU D 237 -1.95 -11.99 -18.56
CA LEU D 237 -2.08 -13.42 -18.26
C LEU D 237 -2.87 -14.17 -19.34
N LEU D 238 -3.83 -13.50 -20.00
CA LEU D 238 -4.63 -14.12 -21.06
C LEU D 238 -3.89 -14.20 -22.39
N SER D 239 -2.86 -13.37 -22.60
CA SER D 239 -2.16 -13.26 -23.87
C SER D 239 -0.91 -14.14 -23.88
N ASP D 240 -0.25 -14.16 -25.04
CA ASP D 240 1.00 -14.91 -25.20
C ASP D 240 2.19 -14.27 -24.49
N LEU D 241 2.07 -13.02 -24.01
CA LEU D 241 3.18 -12.44 -23.27
C LEU D 241 3.54 -13.25 -22.02
N SER D 242 2.57 -14.02 -21.49
CA SER D 242 2.74 -14.79 -20.28
C SER D 242 2.80 -16.29 -20.57
N ARG D 243 3.32 -16.65 -21.75
CA ARG D 243 3.21 -18.04 -22.21
C ARG D 243 4.01 -19.04 -21.39
N SER D 244 4.86 -18.58 -20.47
CA SER D 244 5.62 -19.47 -19.60
C SER D 244 5.15 -19.39 -18.15
N VAL D 245 3.95 -18.87 -17.90
CA VAL D 245 3.44 -18.61 -16.56
C VAL D 245 2.20 -19.46 -16.31
N THR D 246 2.28 -20.36 -15.34
CA THR D 246 1.11 -21.15 -14.99
C THR D 246 1.17 -21.52 -13.51
N GLY D 247 0.00 -21.77 -12.92
CA GLY D 247 -0.06 -22.06 -11.50
C GLY D 247 0.18 -20.85 -10.61
N GLU D 248 0.09 -19.64 -11.16
CA GLU D 248 0.54 -18.43 -10.47
C GLU D 248 -0.62 -17.73 -9.76
N VAL D 249 -0.38 -17.25 -8.53
CA VAL D 249 -1.28 -16.32 -7.86
C VAL D 249 -0.66 -14.92 -7.92
N HIS D 250 -1.20 -14.07 -8.80
CA HIS D 250 -0.57 -12.81 -9.19
C HIS D 250 -1.29 -11.67 -8.48
N HIS D 251 -0.58 -10.95 -7.58
CA HIS D 251 -1.21 -9.93 -6.75
C HIS D 251 -1.33 -8.61 -7.52
N VAL D 252 -2.57 -8.17 -7.73
CA VAL D 252 -2.84 -6.88 -8.34
C VAL D 252 -3.61 -6.08 -7.30
N ASP D 253 -2.88 -5.55 -6.32
CA ASP D 253 -3.47 -5.07 -5.08
C ASP D 253 -2.71 -3.86 -4.54
N SER D 254 -2.01 -3.13 -5.39
CA SER D 254 -1.14 -2.02 -4.98
C SER D 254 -0.07 -2.46 -3.97
N GLY D 255 0.24 -3.75 -3.93
CA GLY D 255 1.24 -4.25 -3.02
C GLY D 255 0.76 -4.56 -1.62
N TYR D 256 -0.56 -4.44 -1.35
CA TYR D 256 -1.02 -4.57 0.02
C TYR D 256 -0.54 -5.87 0.68
N ASN D 257 -0.51 -6.96 -0.07
CA ASN D 257 -0.20 -8.27 0.50
C ASN D 257 1.17 -8.34 1.18
N ILE D 258 2.08 -7.41 0.89
CA ILE D 258 3.44 -7.50 1.44
C ILE D 258 3.58 -6.86 2.81
N ILE D 259 2.54 -6.19 3.33
CA ILE D 259 2.59 -5.43 4.58
CA ILE D 259 2.70 -5.47 4.58
C ILE D 259 2.38 -6.38 5.75
N GLY D 260 3.19 -6.24 6.80
CA GLY D 260 3.03 -7.04 8.00
C GLY D 260 2.54 -6.27 9.21
N MET D 261 2.45 -4.94 9.09
CA MET D 261 1.93 -4.10 10.16
C MET D 261 1.71 -2.69 9.62
N LYS D 262 0.66 -2.03 10.10
CA LYS D 262 0.48 -0.60 9.81
C LYS D 262 1.70 0.19 10.26
N ALA D 263 2.12 1.16 9.45
CA ALA D 263 3.17 2.07 9.91
C ALA D 263 2.73 2.81 11.16
N VAL D 264 3.69 3.10 12.04
CA VAL D 264 3.39 3.79 13.30
C VAL D 264 2.64 5.09 13.05
N ASP D 265 3.06 5.85 12.04
CA ASP D 265 2.46 7.14 11.74
C ASP D 265 1.30 7.06 10.77
N ALA D 266 0.97 5.88 10.26
CA ALA D 266 -0.19 5.77 9.39
C ALA D 266 -1.46 6.06 10.20
N PRO D 267 -2.50 6.57 9.56
CA PRO D 267 -3.66 7.04 10.32
C PRO D 267 -4.33 5.92 11.10
N ASP D 268 -4.80 6.25 12.29
CA ASP D 268 -5.68 5.38 13.06
C ASP D 268 -7.11 5.80 12.73
N ILE D 269 -7.83 4.91 12.04
CA ILE D 269 -9.15 5.24 11.50
C ILE D 269 -10.15 5.36 12.64
N SER D 270 -10.82 6.50 12.72
CA SER D 270 -12.00 6.68 13.55
C SER D 270 -13.25 6.49 12.70
N VAL D 271 -14.30 5.94 13.33
CA VAL D 271 -15.52 5.57 12.62
C VAL D 271 -16.70 6.30 13.26
N VAL D 272 -17.70 6.62 12.45
CA VAL D 272 -18.93 7.24 12.92
C VAL D 272 -20.11 6.42 12.41
N LYS D 273 -21.21 6.43 13.16
CA LYS D 273 -22.43 5.72 12.77
C LYS D 273 -23.45 6.65 12.12
N GLY E 6 16.26 22.02 -28.47
CA GLY E 6 15.15 21.99 -27.53
C GLY E 6 15.57 21.56 -26.13
N ASN E 7 14.74 21.89 -25.13
CA ASN E 7 15.07 21.63 -23.73
C ASN E 7 14.61 20.24 -23.26
N GLY E 8 13.88 19.49 -24.09
CA GLY E 8 13.53 18.11 -23.78
C GLY E 8 12.55 17.91 -22.63
N LEU E 9 11.92 18.98 -22.13
CA LEU E 9 11.07 18.84 -20.95
C LEU E 9 9.85 17.97 -21.20
N LEU E 10 9.47 17.75 -22.45
CA LEU E 10 8.35 16.88 -22.76
C LEU E 10 8.75 15.76 -23.71
N TYR E 11 10.03 15.37 -23.63
CA TYR E 11 10.54 14.28 -24.45
C TYR E 11 9.68 13.03 -24.31
N GLY E 12 9.36 12.42 -25.44
CA GLY E 12 8.59 11.20 -25.46
C GLY E 12 7.15 11.32 -25.02
N LYS E 13 6.66 12.52 -24.75
CA LYS E 13 5.29 12.69 -24.27
C LYS E 13 4.35 12.96 -25.44
N ARG E 14 3.08 12.62 -25.23
CA ARG E 14 2.05 12.80 -26.25
C ARG E 14 0.83 13.43 -25.60
N GLY E 15 0.28 14.48 -26.25
CA GLY E 15 -0.75 15.29 -25.63
C GLY E 15 -1.78 15.78 -26.62
N LEU E 16 -2.97 16.06 -26.09
CA LEU E 16 -4.12 16.50 -26.87
C LEU E 16 -4.46 17.94 -26.51
N ILE E 17 -4.53 18.80 -27.54
CA ILE E 17 -4.83 20.21 -27.34
C ILE E 17 -6.18 20.50 -27.99
N LEU E 18 -7.10 21.05 -27.20
CA LEU E 18 -8.40 21.46 -27.69
C LEU E 18 -8.54 22.97 -27.54
N GLY E 19 -8.89 23.64 -28.64
CA GLY E 19 -9.10 25.07 -28.63
C GLY E 19 -8.16 25.83 -29.53
N LEU E 20 -7.44 25.13 -30.41
CA LEU E 20 -6.62 25.80 -31.43
C LEU E 20 -7.57 26.30 -32.52
N ALA E 21 -7.67 27.63 -32.67
CA ALA E 21 -8.51 28.23 -33.69
C ALA E 21 -7.73 28.94 -34.77
N ASN E 22 -6.58 29.54 -34.43
CA ASN E 22 -5.75 30.27 -35.39
C ASN E 22 -4.41 30.51 -34.70
N ASN E 23 -3.53 31.23 -35.38
CA ASN E 23 -2.18 31.45 -34.86
C ASN E 23 -2.12 32.53 -33.79
N ARG E 24 -3.25 33.10 -33.38
CA ARG E 24 -3.27 34.02 -32.25
C ARG E 24 -3.77 33.35 -30.97
N SER E 25 -4.28 32.12 -31.07
CA SER E 25 -4.85 31.42 -29.93
C SER E 25 -3.81 31.22 -28.83
N ILE E 26 -4.25 31.31 -27.58
CA ILE E 26 -3.40 30.85 -26.49
C ILE E 26 -2.96 29.41 -26.74
N ALA E 27 -3.86 28.57 -27.27
CA ALA E 27 -3.49 27.18 -27.53
C ALA E 27 -2.35 27.07 -28.52
N TRP E 28 -2.19 28.06 -29.41
CA TRP E 28 -1.07 28.04 -30.35
C TRP E 28 0.24 28.32 -29.63
N GLY E 29 0.27 29.31 -28.74
CA GLY E 29 1.45 29.51 -27.91
C GLY E 29 1.84 28.26 -27.14
N ILE E 30 0.85 27.57 -26.57
CA ILE E 30 1.11 26.35 -25.83
C ILE E 30 1.63 25.26 -26.75
N ALA E 31 1.03 25.11 -27.93
CA ALA E 31 1.47 24.06 -28.86
C ALA E 31 2.89 24.28 -29.35
N LYS E 32 3.26 25.54 -29.64
CA LYS E 32 4.61 25.82 -30.11
C LYS E 32 5.65 25.44 -29.05
N THR E 33 5.41 25.87 -27.82
CA THR E 33 6.34 25.61 -26.73
C THR E 33 6.43 24.11 -26.43
N ALA E 34 5.27 23.44 -26.29
CA ALA E 34 5.27 22.01 -25.98
C ALA E 34 5.99 21.20 -27.04
N SER E 35 5.74 21.51 -28.33
CA SER E 35 6.38 20.80 -29.42
C SER E 35 7.88 21.02 -29.39
N SER E 36 8.31 22.27 -29.19
CA SER E 36 9.73 22.58 -29.07
CA SER E 36 9.74 22.56 -29.08
C SER E 36 10.37 21.78 -27.94
N ALA E 37 9.62 21.51 -26.88
CA ALA E 37 10.08 20.73 -25.75
C ALA E 37 10.05 19.22 -25.98
N GLY E 38 9.59 18.77 -27.15
CA GLY E 38 9.66 17.36 -27.51
C GLY E 38 8.32 16.65 -27.60
N ALA E 39 7.23 17.30 -27.21
CA ALA E 39 5.93 16.64 -27.20
C ALA E 39 5.42 16.42 -28.62
N GLU E 40 4.81 15.26 -28.82
CA GLU E 40 4.01 15.00 -30.00
C GLU E 40 2.56 15.39 -29.69
N LEU E 41 1.95 16.20 -30.55
CA LEU E 41 0.68 16.85 -30.25
C LEU E 41 -0.43 16.42 -31.19
N ALA E 42 -1.63 16.27 -30.63
CA ALA E 42 -2.85 16.04 -31.38
C ALA E 42 -3.79 17.21 -31.18
N PHE E 43 -4.57 17.53 -32.22
CA PHE E 43 -5.47 18.68 -32.21
C PHE E 43 -6.85 18.29 -32.71
N THR E 44 -7.87 18.82 -32.07
CA THR E 44 -9.23 18.81 -32.58
C THR E 44 -9.54 20.15 -33.28
N TYR E 45 -10.62 20.16 -34.05
CA TYR E 45 -11.15 21.37 -34.65
C TYR E 45 -12.66 21.37 -34.47
N GLN E 46 -13.23 22.58 -34.49
CA GLN E 46 -14.69 22.75 -34.38
C GLN E 46 -15.21 23.29 -35.70
N GLY E 47 -15.58 22.38 -36.60
CA GLY E 47 -16.20 22.79 -37.84
C GLY E 47 -15.20 22.88 -38.99
N GLU E 48 -15.75 22.87 -40.21
CA GLU E 48 -14.91 22.88 -41.40
C GLU E 48 -14.10 24.15 -41.50
N ALA E 49 -14.72 25.29 -41.19
CA ALA E 49 -14.00 26.56 -41.25
C ALA E 49 -12.75 26.51 -40.38
N MET E 50 -12.87 25.96 -39.17
CA MET E 50 -11.71 25.88 -38.29
C MET E 50 -10.69 24.87 -38.79
N LYS E 51 -11.14 23.81 -39.46
CA LYS E 51 -10.21 22.76 -39.90
C LYS E 51 -9.15 23.33 -40.83
N LYS E 52 -9.54 24.21 -41.75
CA LYS E 52 -8.59 24.75 -42.73
C LYS E 52 -7.51 25.59 -42.06
N ARG E 53 -7.80 26.17 -40.89
CA ARG E 53 -6.80 26.93 -40.14
C ARG E 53 -5.93 26.05 -39.27
N VAL E 54 -6.51 24.97 -38.72
CA VAL E 54 -5.73 24.13 -37.81
C VAL E 54 -4.74 23.25 -38.58
N GLU E 55 -5.12 22.78 -39.77
CA GLU E 55 -4.28 21.82 -40.51
C GLU E 55 -2.87 22.36 -40.78
N PRO E 56 -2.68 23.54 -41.36
CA PRO E 56 -1.28 23.99 -41.57
C PRO E 56 -0.55 24.30 -40.27
N LEU E 57 -1.27 24.66 -39.21
CA LEU E 57 -0.63 24.88 -37.92
C LEU E 57 -0.19 23.55 -37.30
N ALA E 58 -1.04 22.52 -37.41
CA ALA E 58 -0.62 21.20 -36.97
C ALA E 58 0.63 20.74 -37.72
N GLU E 59 0.69 20.98 -39.03
CA GLU E 59 1.87 20.57 -39.79
C GLU E 59 3.12 21.29 -39.32
N GLU E 60 2.99 22.55 -38.89
CA GLU E 60 4.17 23.30 -38.47
CA GLU E 60 4.17 23.30 -38.46
C GLU E 60 4.82 22.69 -37.22
N VAL E 61 4.02 22.13 -36.31
CA VAL E 61 4.61 21.54 -35.10
C VAL E 61 4.72 20.03 -35.27
N LYS E 62 4.52 19.55 -36.49
CA LYS E 62 4.56 18.12 -36.79
C LYS E 62 3.55 17.35 -35.92
N GLY E 63 2.37 17.93 -35.77
CA GLY E 63 1.29 17.33 -35.03
C GLY E 63 0.33 16.61 -35.95
N PHE E 64 -0.81 16.23 -35.38
CA PHE E 64 -1.78 15.49 -36.16
CA PHE E 64 -1.79 15.34 -36.01
C PHE E 64 -3.19 15.85 -35.72
N VAL E 65 -4.05 15.96 -36.72
CA VAL E 65 -5.43 16.40 -36.53
C VAL E 65 -6.29 15.18 -36.30
N CYS E 66 -6.91 15.08 -35.11
CA CYS E 66 -7.65 13.87 -34.76
C CYS E 66 -9.16 14.01 -34.95
N GLY E 67 -9.64 15.14 -35.43
CA GLY E 67 -10.98 15.21 -35.98
C GLY E 67 -11.80 16.33 -35.40
N HIS E 68 -13.05 16.40 -35.87
CA HIS E 68 -13.99 17.41 -35.41
C HIS E 68 -14.48 17.09 -34.00
N CYS E 69 -14.51 18.10 -33.15
CA CYS E 69 -15.04 17.95 -31.80
C CYS E 69 -15.81 19.19 -31.42
N ASP E 70 -17.11 19.03 -31.20
CA ASP E 70 -17.94 20.04 -30.56
C ASP E 70 -18.30 19.49 -29.18
N VAL E 71 -17.87 20.20 -28.13
CA VAL E 71 -17.96 19.64 -26.78
C VAL E 71 -19.38 19.56 -26.25
N SER E 72 -20.36 20.14 -26.95
CA SER E 72 -21.75 19.86 -26.64
C SER E 72 -22.27 18.61 -27.37
N ASP E 73 -21.46 18.02 -28.24
CA ASP E 73 -21.78 16.79 -28.97
C ASP E 73 -20.94 15.68 -28.33
N SER E 74 -21.54 14.99 -27.35
CA SER E 74 -20.84 13.89 -26.68
CA SER E 74 -20.87 13.88 -26.68
C SER E 74 -20.35 12.84 -27.66
N ALA E 75 -21.07 12.62 -28.77
CA ALA E 75 -20.61 11.65 -29.76
C ALA E 75 -19.34 12.10 -30.45
N SER E 76 -19.14 13.41 -30.64
CA SER E 76 -17.89 13.86 -31.24
C SER E 76 -16.72 13.74 -30.26
N ILE E 77 -17.00 13.92 -28.96
CA ILE E 77 -15.98 13.68 -27.94
C ILE E 77 -15.54 12.22 -27.97
N ASP E 78 -16.50 11.29 -27.97
CA ASP E 78 -16.16 9.88 -28.05
C ASP E 78 -15.34 9.58 -29.31
N ALA E 79 -15.67 10.23 -30.43
CA ALA E 79 -15.01 9.91 -31.69
C ALA E 79 -13.55 10.34 -31.69
N VAL E 80 -13.24 11.52 -31.18
CA VAL E 80 -11.85 11.96 -31.24
C VAL E 80 -10.98 11.12 -30.29
N PHE E 81 -11.54 10.67 -29.16
CA PHE E 81 -10.76 9.84 -28.24
C PHE E 81 -10.61 8.40 -28.73
N ASN E 82 -11.61 7.86 -29.43
CA ASN E 82 -11.40 6.59 -30.11
C ASN E 82 -10.24 6.70 -31.11
N THR E 83 -10.16 7.85 -31.79
CA THR E 83 -9.09 8.03 -32.77
C THR E 83 -7.72 8.07 -32.09
N ILE E 84 -7.63 8.77 -30.95
CA ILE E 84 -6.39 8.82 -30.20
C ILE E 84 -6.03 7.45 -29.66
N GLU E 85 -7.02 6.74 -29.10
CA GLU E 85 -6.73 5.42 -28.57
C GLU E 85 -6.16 4.51 -29.66
N LYS E 86 -6.75 4.55 -30.86
CA LYS E 86 -6.29 3.67 -31.93
C LYS E 86 -4.90 4.06 -32.41
N LYS E 87 -4.60 5.37 -32.45
CA LYS E 87 -3.32 5.84 -32.98
C LYS E 87 -2.20 5.82 -31.94
N TRP E 88 -2.48 6.20 -30.70
CA TRP E 88 -1.46 6.29 -29.65
C TRP E 88 -1.60 5.24 -28.56
N GLY E 89 -2.81 4.94 -28.10
CA GLY E 89 -3.01 3.99 -27.04
C GLY E 89 -2.92 4.58 -25.65
N LYS E 90 -2.34 5.77 -25.50
CA LYS E 90 -2.27 6.44 -24.21
C LYS E 90 -2.12 7.93 -24.46
N LEU E 91 -2.31 8.69 -23.39
CA LEU E 91 -2.21 10.15 -23.41
C LEU E 91 -1.40 10.60 -22.21
N ASP E 92 -0.46 11.52 -22.42
CA ASP E 92 0.30 12.06 -21.30
C ASP E 92 -0.28 13.34 -20.73
N PHE E 93 -0.88 14.19 -21.56
CA PHE E 93 -1.43 15.42 -21.02
C PHE E 93 -2.55 15.89 -21.93
N LEU E 94 -3.35 16.83 -21.39
CA LEU E 94 -4.49 17.40 -22.10
C LEU E 94 -4.57 18.90 -21.79
N VAL E 95 -4.75 19.70 -22.85
CA VAL E 95 -4.90 21.15 -22.73
C VAL E 95 -6.31 21.51 -23.15
N HIS E 96 -7.05 22.13 -22.23
CA HIS E 96 -8.43 22.58 -22.43
C HIS E 96 -8.39 24.10 -22.58
N ALA E 97 -8.48 24.58 -23.82
CA ALA E 97 -8.44 26.01 -24.12
C ALA E 97 -9.73 26.44 -24.77
N ILE E 98 -10.84 25.91 -24.28
CA ILE E 98 -12.15 26.07 -24.88
C ILE E 98 -12.98 26.99 -24.00
N GLY E 99 -13.62 27.97 -24.63
CA GLY E 99 -14.56 28.82 -23.94
C GLY E 99 -15.52 29.42 -24.94
N PHE E 100 -16.74 29.70 -24.49
CA PHE E 100 -17.73 30.31 -25.36
C PHE E 100 -18.79 31.01 -24.53
N SER E 101 -19.25 32.14 -25.05
CA SER E 101 -20.35 32.92 -24.47
C SER E 101 -20.88 33.83 -25.56
N ASP E 102 -22.13 34.23 -25.42
CA ASP E 102 -22.73 35.09 -26.43
C ASP E 102 -22.04 36.45 -26.42
N LYS E 103 -21.44 36.83 -27.54
CA LYS E 103 -20.68 38.07 -27.61
C LYS E 103 -21.56 39.29 -27.33
N GLU E 104 -22.78 39.28 -27.87
CA GLU E 104 -23.69 40.42 -27.70
C GLU E 104 -23.98 40.70 -26.23
N GLU E 105 -24.07 39.67 -25.40
CA GLU E 105 -24.41 39.87 -23.99
C GLU E 105 -23.19 40.13 -23.12
N LEU E 106 -21.97 40.10 -23.67
CA LEU E 106 -20.78 40.45 -22.90
C LEU E 106 -20.63 41.95 -22.76
N SER E 107 -21.69 42.62 -22.32
CA SER E 107 -21.73 44.07 -22.24
C SER E 107 -22.93 44.45 -21.38
N GLY E 108 -22.93 45.69 -20.90
CA GLY E 108 -23.98 46.10 -19.98
C GLY E 108 -24.01 45.23 -18.74
N ARG E 109 -25.22 44.93 -18.27
CA ARG E 109 -25.41 44.32 -16.96
C ARG E 109 -25.41 42.80 -17.04
N TYR E 110 -24.70 42.18 -16.09
CA TYR E 110 -24.78 40.73 -15.94
C TYR E 110 -26.22 40.27 -15.73
N VAL E 111 -26.98 41.03 -14.94
CA VAL E 111 -28.34 40.65 -14.56
C VAL E 111 -29.27 40.51 -15.78
N ASP E 112 -28.91 41.09 -16.91
CA ASP E 112 -29.76 41.08 -18.10
C ASP E 112 -29.48 39.89 -19.05
N ILE E 113 -28.66 38.91 -18.65
CA ILE E 113 -28.33 37.79 -19.54
C ILE E 113 -29.53 36.89 -19.73
N SER E 114 -29.56 36.19 -20.86
CA SER E 114 -30.63 35.24 -21.16
C SER E 114 -30.33 33.87 -20.56
N GLU E 115 -31.39 33.08 -20.38
CA GLU E 115 -31.20 31.74 -19.83
C GLU E 115 -30.40 30.84 -20.77
N SER E 116 -30.65 30.94 -22.09
CA SER E 116 -29.91 30.09 -23.03
C SER E 116 -28.43 30.46 -23.06
N ASN E 117 -28.11 31.76 -23.02
CA ASN E 117 -26.71 32.17 -22.96
C ASN E 117 -26.05 31.62 -21.70
N PHE E 118 -26.72 31.72 -20.55
CA PHE E 118 -26.16 31.16 -19.32
C PHE E 118 -25.85 29.67 -19.47
N MET E 119 -26.86 28.90 -19.87
CA MET E 119 -26.71 27.45 -19.99
C MET E 119 -25.64 27.10 -21.01
N MET E 120 -25.65 27.77 -22.17
CA MET E 120 -24.65 27.46 -23.19
C MET E 120 -23.25 27.81 -22.70
N THR E 121 -23.11 28.95 -22.02
CA THR E 121 -21.80 29.33 -21.51
C THR E 121 -21.29 28.31 -20.51
N MET E 122 -22.15 27.91 -19.56
CA MET E 122 -21.73 26.97 -18.53
C MET E 122 -21.38 25.60 -19.12
N ASN E 123 -22.16 25.14 -20.09
CA ASN E 123 -21.86 23.86 -20.71
C ASN E 123 -20.53 23.89 -21.44
N ILE E 124 -20.33 24.88 -22.32
CA ILE E 124 -19.16 24.86 -23.22
C ILE E 124 -17.90 25.26 -22.47
N SER E 125 -18.00 26.24 -21.57
CA SER E 125 -16.85 26.77 -20.87
C SER E 125 -16.50 26.01 -19.59
N VAL E 126 -17.43 25.24 -19.02
CA VAL E 126 -17.16 24.60 -17.73
C VAL E 126 -17.32 23.08 -17.80
N TYR E 127 -18.52 22.62 -18.13
CA TYR E 127 -18.76 21.17 -18.14
C TYR E 127 -17.80 20.47 -19.10
N SER E 128 -17.40 21.15 -20.17
CA SER E 128 -16.55 20.53 -21.20
C SER E 128 -15.22 20.03 -20.61
N LEU E 129 -14.62 20.77 -19.68
CA LEU E 129 -13.42 20.25 -19.05
C LEU E 129 -13.69 18.93 -18.34
N THR E 130 -14.81 18.84 -17.61
CA THR E 130 -15.13 17.60 -16.90
C THR E 130 -15.45 16.47 -17.86
N ALA E 131 -16.28 16.74 -18.88
CA ALA E 131 -16.58 15.72 -19.87
C ALA E 131 -15.30 15.19 -20.53
N LEU E 132 -14.40 16.10 -20.93
CA LEU E 132 -13.17 15.70 -21.60
C LEU E 132 -12.26 14.92 -20.65
N THR E 133 -12.17 15.35 -19.39
CA THR E 133 -11.35 14.62 -18.42
C THR E 133 -11.92 13.21 -18.18
N LYS E 134 -13.23 13.09 -18.04
CA LYS E 134 -13.87 11.79 -17.88
C LYS E 134 -13.53 10.86 -19.04
N ARG E 135 -13.61 11.36 -20.28
CA ARG E 135 -13.33 10.50 -21.43
C ARG E 135 -11.83 10.27 -21.62
N ALA E 136 -10.99 11.23 -21.25
CA ALA E 136 -9.54 11.07 -21.37
C ALA E 136 -8.96 10.12 -20.33
N GLU E 137 -9.65 9.91 -19.22
CA GLU E 137 -9.05 9.21 -18.09
C GLU E 137 -8.65 7.78 -18.44
N LYS E 138 -9.43 7.11 -19.29
CA LYS E 138 -9.11 5.75 -19.71
C LYS E 138 -7.74 5.67 -20.38
N LEU E 139 -7.37 6.71 -21.13
CA LEU E 139 -6.12 6.74 -21.87
C LEU E 139 -4.97 7.33 -21.08
N MET E 140 -5.26 8.06 -20.01
CA MET E 140 -4.26 8.93 -19.43
C MET E 140 -3.39 8.14 -18.48
N SER E 141 -2.09 8.15 -18.73
CA SER E 141 -1.18 7.44 -17.87
C SER E 141 -1.09 8.15 -16.52
N ASP E 142 -0.86 7.35 -15.48
CA ASP E 142 -0.56 7.94 -14.19
C ASP E 142 0.61 8.91 -14.33
N GLY E 143 0.56 10.01 -13.59
CA GLY E 143 1.58 11.03 -13.71
C GLY E 143 1.31 12.07 -14.78
N GLY E 144 0.12 12.04 -15.40
CA GLY E 144 -0.23 12.98 -16.45
C GLY E 144 -0.61 14.36 -15.90
N SER E 145 -0.92 15.25 -16.83
CA SER E 145 -1.17 16.64 -16.49
C SER E 145 -2.33 17.16 -17.31
N ILE E 146 -3.30 17.82 -16.66
CA ILE E 146 -4.46 18.40 -17.33
C ILE E 146 -4.44 19.90 -17.02
N LEU E 147 -4.55 20.72 -18.05
CA LEU E 147 -4.39 22.17 -17.93
C LEU E 147 -5.55 22.90 -18.62
N THR E 148 -6.11 23.89 -17.93
CA THR E 148 -7.17 24.73 -18.51
C THR E 148 -6.78 26.20 -18.32
N LEU E 149 -7.59 27.08 -18.89
CA LEU E 149 -7.34 28.51 -18.88
C LEU E 149 -8.49 29.25 -18.20
N THR E 150 -8.13 30.23 -17.36
CA THR E 150 -9.13 31.04 -16.67
C THR E 150 -8.66 32.50 -16.68
N TYR E 151 -9.41 33.35 -15.98
CA TYR E 151 -9.17 34.78 -16.00
C TYR E 151 -9.57 35.38 -14.65
N TYR E 152 -8.87 36.46 -14.29
CA TYR E 152 -9.12 37.22 -13.05
C TYR E 152 -10.59 37.59 -12.85
N GLY E 153 -11.36 37.69 -13.93
CA GLY E 153 -12.80 37.95 -13.79
C GLY E 153 -13.54 36.89 -13.01
N ALA E 154 -12.90 35.74 -12.74
CA ALA E 154 -13.46 34.74 -11.83
C ALA E 154 -13.35 35.15 -10.37
N GLU E 155 -12.36 35.98 -10.02
CA GLU E 155 -12.06 36.36 -8.64
C GLU E 155 -12.69 37.69 -8.27
N LYS E 156 -12.70 38.62 -9.21
CA LYS E 156 -13.16 39.98 -8.99
C LYS E 156 -14.01 40.39 -10.17
N VAL E 157 -14.88 41.38 -9.98
CA VAL E 157 -15.78 41.79 -11.06
C VAL E 157 -14.98 42.55 -12.10
N VAL E 158 -15.00 42.07 -13.34
CA VAL E 158 -14.47 42.80 -14.47
C VAL E 158 -15.67 43.17 -15.34
N PRO E 159 -16.13 44.41 -15.32
CA PRO E 159 -17.30 44.78 -16.12
C PRO E 159 -17.15 44.39 -17.59
N ASN E 160 -18.26 43.89 -18.18
CA ASN E 160 -18.38 43.35 -19.53
C ASN E 160 -17.96 41.88 -19.62
N TYR E 161 -17.23 41.36 -18.63
CA TYR E 161 -16.94 39.93 -18.63
C TYR E 161 -18.14 39.11 -18.17
N ASN E 162 -18.92 39.65 -17.24
CA ASN E 162 -20.27 39.18 -16.90
C ASN E 162 -20.37 37.67 -16.70
N VAL E 163 -21.16 37.00 -17.54
CA VAL E 163 -21.43 35.58 -17.30
C VAL E 163 -20.17 34.74 -17.46
N MET E 164 -19.20 35.21 -18.25
CA MET E 164 -17.95 34.45 -18.33
C MET E 164 -17.20 34.45 -17.00
N GLY E 165 -17.35 35.51 -16.20
CA GLY E 165 -16.77 35.51 -14.87
C GLY E 165 -17.40 34.48 -13.96
N VAL E 166 -18.73 34.40 -13.99
CA VAL E 166 -19.43 33.33 -13.27
C VAL E 166 -18.94 31.96 -13.74
N ALA E 167 -18.78 31.80 -15.06
CA ALA E 167 -18.36 30.51 -15.58
C ALA E 167 -16.92 30.18 -15.18
N LYS E 168 -16.00 31.14 -15.27
CA LYS E 168 -14.63 30.84 -14.89
C LYS E 168 -14.51 30.54 -13.40
N ALA E 169 -15.36 31.15 -12.55
CA ALA E 169 -15.31 30.80 -11.14
C ALA E 169 -15.69 29.34 -10.93
N ALA E 170 -16.70 28.85 -11.67
CA ALA E 170 -17.06 27.44 -11.60
C ALA E 170 -15.95 26.57 -12.18
N LEU E 171 -15.30 27.05 -13.25
CA LEU E 171 -14.21 26.29 -13.85
C LEU E 171 -13.08 26.10 -12.85
N GLU E 172 -12.72 27.15 -12.11
CA GLU E 172 -11.63 27.05 -11.16
C GLU E 172 -11.98 26.12 -10.01
N ALA E 173 -13.23 26.16 -9.57
CA ALA E 173 -13.69 25.20 -8.56
C ALA E 173 -13.62 23.77 -9.11
N SER E 174 -14.03 23.57 -10.36
CA SER E 174 -14.03 22.20 -10.89
C SER E 174 -12.60 21.67 -11.02
N VAL E 175 -11.63 22.55 -11.31
CA VAL E 175 -10.23 22.17 -11.31
C VAL E 175 -9.84 21.56 -9.97
N LYS E 176 -10.28 22.17 -8.87
CA LYS E 176 -9.91 21.66 -7.55
C LYS E 176 -10.59 20.32 -7.27
N TYR E 177 -11.87 20.18 -7.61
CA TYR E 177 -12.52 18.88 -7.38
C TYR E 177 -11.91 17.81 -8.27
N LEU E 178 -11.59 18.14 -9.53
CA LEU E 178 -10.95 17.16 -10.40
C LEU E 178 -9.57 16.77 -9.86
N ALA E 179 -8.83 17.74 -9.32
CA ALA E 179 -7.51 17.44 -8.77
C ALA E 179 -7.60 16.41 -7.65
N VAL E 180 -8.61 16.54 -6.78
CA VAL E 180 -8.79 15.55 -5.72
C VAL E 180 -9.22 14.21 -6.31
N ASP E 181 -10.10 14.24 -7.33
CA ASP E 181 -10.51 12.98 -7.97
C ASP E 181 -9.34 12.20 -8.53
N LEU E 182 -8.42 12.88 -9.22
CA LEU E 182 -7.38 12.20 -9.97
C LEU E 182 -6.06 12.14 -9.23
N GLY E 183 -5.97 12.79 -8.06
CA GLY E 183 -4.76 12.77 -7.28
C GLY E 183 -4.20 11.39 -6.97
N PRO E 184 -5.03 10.42 -6.61
CA PRO E 184 -4.49 9.07 -6.38
C PRO E 184 -3.82 8.45 -7.60
N LYS E 185 -4.17 8.90 -8.81
CA LYS E 185 -3.48 8.47 -10.02
C LYS E 185 -2.27 9.35 -10.34
N HIS E 186 -1.93 10.26 -9.44
CA HIS E 186 -0.92 11.28 -9.66
C HIS E 186 -1.13 12.00 -11.00
N ILE E 187 -2.39 12.19 -11.38
CA ILE E 187 -2.74 13.04 -12.52
C ILE E 187 -3.06 14.43 -11.97
N ARG E 188 -2.29 15.41 -12.38
CA ARG E 188 -2.44 16.76 -11.85
C ARG E 188 -3.38 17.57 -12.73
N VAL E 189 -4.13 18.48 -12.10
CA VAL E 189 -5.11 19.32 -12.78
C VAL E 189 -4.89 20.75 -12.31
N ASN E 190 -4.61 21.65 -13.26
CA ASN E 190 -4.27 23.03 -12.93
C ASN E 190 -4.89 23.99 -13.94
N ALA E 191 -4.93 25.28 -13.57
CA ALA E 191 -5.35 26.32 -14.49
C ALA E 191 -4.29 27.42 -14.49
N ILE E 192 -4.13 28.06 -15.66
CA ILE E 192 -3.42 29.34 -15.77
C ILE E 192 -4.46 30.44 -15.87
N SER E 193 -4.40 31.39 -14.94
CA SER E 193 -5.18 32.62 -15.02
C SER E 193 -4.37 33.63 -15.85
N ALA E 194 -4.66 33.71 -17.14
CA ALA E 194 -3.87 34.54 -18.03
C ALA E 194 -4.37 35.98 -18.00
N GLY E 195 -3.45 36.92 -18.19
CA GLY E 195 -3.82 38.30 -18.42
C GLY E 195 -4.47 38.43 -19.79
N PRO E 196 -5.06 39.58 -20.08
CA PRO E 196 -5.73 39.74 -21.38
C PRO E 196 -4.72 39.69 -22.51
N ILE E 197 -5.14 39.04 -23.61
CA ILE E 197 -4.36 38.91 -24.83
C ILE E 197 -5.29 39.14 -26.00
N LYS E 198 -4.83 39.90 -27.00
CA LYS E 198 -5.60 40.13 -28.21
C LYS E 198 -5.56 38.89 -29.10
N THR E 199 -6.53 38.01 -28.91
CA THR E 199 -6.81 36.83 -29.71
C THR E 199 -8.07 37.07 -30.54
N LEU E 200 -8.59 36.01 -31.17
CA LEU E 200 -9.82 36.14 -31.95
C LEU E 200 -11.05 36.25 -31.05
N ALA E 201 -11.22 35.33 -30.10
CA ALA E 201 -12.36 35.38 -29.17
C ALA E 201 -12.08 36.37 -28.04
N PHE E 208 -12.18 45.83 -25.84
CA PHE E 208 -11.00 45.09 -25.43
CA PHE E 208 -11.03 45.10 -25.34
C PHE E 208 -9.82 46.03 -25.21
N ARG E 209 -9.70 47.01 -26.11
CA ARG E 209 -8.53 47.88 -26.11
C ARG E 209 -8.31 48.54 -24.75
N TYR E 210 -9.39 49.04 -24.13
CA TYR E 210 -9.19 49.75 -22.87
C TYR E 210 -8.76 48.79 -21.76
N ILE E 211 -9.17 47.52 -21.85
CA ILE E 211 -8.72 46.51 -20.90
C ILE E 211 -7.21 46.29 -21.03
N LEU E 212 -6.73 46.13 -22.25
CA LEU E 212 -5.30 45.98 -22.50
C LEU E 212 -4.53 47.19 -21.98
N LYS E 213 -4.99 48.40 -22.32
CA LYS E 213 -4.34 49.62 -21.86
C LYS E 213 -4.33 49.70 -20.34
N TRP E 214 -5.45 49.36 -19.70
CA TRP E 214 -5.49 49.38 -18.24
C TRP E 214 -4.42 48.46 -17.66
N ASN E 215 -4.28 47.27 -18.22
CA ASN E 215 -3.25 46.36 -17.70
C ASN E 215 -1.84 46.91 -17.96
N GLU E 216 -1.61 47.51 -19.13
CA GLU E 216 -0.32 48.11 -19.47
C GLU E 216 0.11 49.15 -18.44
N TYR E 217 -0.81 50.03 -18.03
CA TYR E 217 -0.48 51.11 -17.12
C TYR E 217 -0.44 50.68 -15.66
N ASN E 218 -1.20 49.67 -15.28
CA ASN E 218 -1.37 49.34 -13.87
C ASN E 218 -0.78 48.00 -13.43
N ALA E 219 -0.50 47.10 -14.35
CA ALA E 219 0.13 45.85 -13.91
C ALA E 219 1.55 46.13 -13.39
N PRO E 220 1.99 45.41 -12.36
CA PRO E 220 3.37 45.58 -11.85
C PRO E 220 4.44 45.61 -12.92
N LEU E 221 4.43 44.67 -13.87
CA LEU E 221 5.43 44.69 -14.93
C LEU E 221 5.15 45.72 -16.01
N ARG E 222 4.02 46.41 -15.95
CA ARG E 222 3.75 47.54 -16.86
C ARG E 222 3.71 47.11 -18.32
N ARG E 223 3.21 45.89 -18.57
CA ARG E 223 3.04 45.39 -19.93
C ARG E 223 2.02 44.26 -19.89
N THR E 224 1.43 43.97 -21.04
CA THR E 224 0.54 42.82 -21.12
C THR E 224 1.35 41.58 -21.53
N VAL E 225 0.74 40.41 -21.39
CA VAL E 225 1.43 39.14 -21.63
C VAL E 225 1.17 38.67 -23.07
N THR E 226 1.97 37.71 -23.52
CA THR E 226 1.81 37.15 -24.85
C THR E 226 1.50 35.65 -24.79
N ILE E 227 1.05 35.11 -25.92
CA ILE E 227 0.79 33.67 -25.97
C ILE E 227 2.07 32.86 -25.81
N GLU E 228 3.22 33.44 -26.19
CA GLU E 228 4.49 32.72 -26.00
C GLU E 228 4.86 32.63 -24.52
N GLU E 229 4.60 33.71 -23.77
CA GLU E 229 4.86 33.68 -22.32
C GLU E 229 3.91 32.72 -21.62
N VAL E 230 2.62 32.76 -21.97
CA VAL E 230 1.69 31.79 -21.41
C VAL E 230 2.10 30.37 -21.79
N GLY E 231 2.59 30.19 -23.02
CA GLY E 231 3.06 28.88 -23.44
C GLY E 231 4.17 28.32 -22.57
N ASP E 232 5.14 29.18 -22.22
CA ASP E 232 6.23 28.75 -21.35
C ASP E 232 5.74 28.38 -19.95
N SER E 233 4.80 29.15 -19.40
CA SER E 233 4.23 28.79 -18.11
C SER E 233 3.40 27.50 -18.22
N ALA E 234 2.72 27.32 -19.36
CA ALA E 234 2.02 26.07 -19.60
C ALA E 234 2.99 24.91 -19.64
N LEU E 235 4.15 25.11 -20.27
CA LEU E 235 5.16 24.05 -20.32
C LEU E 235 5.55 23.60 -18.92
N TYR E 236 5.80 24.55 -18.03
CA TYR E 236 6.10 24.23 -16.65
C TYR E 236 5.03 23.30 -16.06
N LEU E 237 3.76 23.65 -16.24
CA LEU E 237 2.68 22.90 -15.61
C LEU E 237 2.45 21.55 -16.30
N LEU E 238 2.80 21.44 -17.58
CA LEU E 238 2.66 20.17 -18.28
C LEU E 238 3.82 19.21 -18.03
N SER E 239 5.00 19.73 -17.68
CA SER E 239 6.21 18.95 -17.53
C SER E 239 6.36 18.43 -16.10
N ASP E 240 7.42 17.64 -15.89
CA ASP E 240 7.74 17.10 -14.56
C ASP E 240 8.25 18.16 -13.59
N LEU E 241 8.59 19.37 -14.06
CA LEU E 241 9.04 20.41 -13.13
C LEU E 241 7.98 20.74 -12.09
N SER E 242 6.70 20.56 -12.43
CA SER E 242 5.58 20.88 -11.55
C SER E 242 4.91 19.63 -10.98
N ARG E 243 5.66 18.53 -10.83
CA ARG E 243 5.03 17.26 -10.47
C ARG E 243 4.39 17.27 -9.08
N SER E 244 4.67 18.26 -8.24
CA SER E 244 4.03 18.35 -6.93
C SER E 244 2.98 19.45 -6.86
N VAL E 245 2.51 19.94 -8.01
CA VAL E 245 1.57 21.06 -8.10
C VAL E 245 0.25 20.55 -8.68
N THR E 246 -0.84 20.69 -7.93
CA THR E 246 -2.13 20.30 -8.46
C THR E 246 -3.22 21.12 -7.78
N GLY E 247 -4.33 21.30 -8.48
CA GLY E 247 -5.39 22.17 -7.98
C GLY E 247 -5.06 23.66 -7.95
N GLU E 248 -4.01 24.07 -8.67
CA GLU E 248 -3.48 25.42 -8.61
C GLU E 248 -4.10 26.32 -9.68
N VAL E 249 -4.41 27.55 -9.30
CA VAL E 249 -4.76 28.60 -10.26
C VAL E 249 -3.57 29.55 -10.31
N HIS E 250 -2.82 29.48 -11.41
CA HIS E 250 -1.52 30.13 -11.54
C HIS E 250 -1.65 31.38 -12.41
N HIS E 251 -1.39 32.56 -11.83
CA HIS E 251 -1.57 33.81 -12.57
C HIS E 251 -0.37 34.05 -13.47
N VAL E 252 -0.63 34.22 -14.75
CA VAL E 252 0.38 34.60 -15.72
C VAL E 252 -0.13 35.89 -16.37
N ASP E 253 0.05 37.02 -15.65
CA ASP E 253 -0.71 38.22 -15.96
C ASP E 253 0.07 39.49 -15.67
N SER E 254 1.39 39.40 -15.62
CA SER E 254 2.27 40.53 -15.31
C SER E 254 2.03 41.05 -13.90
N GLY E 255 1.38 40.26 -13.05
CA GLY E 255 1.08 40.64 -11.70
C GLY E 255 -0.21 41.42 -11.49
N TYR E 256 -1.04 41.60 -12.55
CA TYR E 256 -2.21 42.48 -12.41
C TYR E 256 -3.06 42.10 -11.21
N ASN E 257 -3.21 40.79 -10.95
CA ASN E 257 -4.18 40.34 -9.97
C ASN E 257 -3.87 40.84 -8.55
N ILE E 258 -2.65 41.32 -8.28
CA ILE E 258 -2.34 41.75 -6.91
C ILE E 258 -2.67 43.21 -6.61
N ILE E 259 -3.03 44.02 -7.62
CA ILE E 259 -3.24 45.44 -7.34
C ILE E 259 -4.64 45.69 -6.81
N GLY E 260 -4.76 46.68 -5.92
CA GLY E 260 -6.04 46.98 -5.30
C GLY E 260 -6.61 48.33 -5.68
N MET E 261 -5.95 49.05 -6.60
CA MET E 261 -6.31 50.41 -6.97
C MET E 261 -5.53 50.80 -8.21
N LYS E 262 -6.14 51.65 -9.04
CA LYS E 262 -5.37 52.33 -10.07
C LYS E 262 -4.16 53.02 -9.45
N ALA E 263 -3.00 52.82 -10.06
CA ALA E 263 -1.83 53.61 -9.69
C ALA E 263 -2.15 55.09 -9.81
N VAL E 264 -1.58 55.90 -8.92
CA VAL E 264 -1.95 57.32 -8.81
C VAL E 264 -1.73 58.04 -10.14
N ASP E 265 -0.66 57.68 -10.86
CA ASP E 265 -0.26 58.36 -12.09
C ASP E 265 -0.85 57.75 -13.36
N ALA E 266 -1.59 56.65 -13.27
CA ALA E 266 -2.21 56.10 -14.47
C ALA E 266 -3.42 56.94 -14.87
N PRO E 267 -3.67 57.08 -16.17
CA PRO E 267 -4.84 57.84 -16.61
C PRO E 267 -6.14 57.13 -16.23
N ASP E 268 -7.16 57.92 -15.88
CA ASP E 268 -8.43 57.35 -15.41
C ASP E 268 -9.32 57.04 -16.61
N ILE E 269 -8.99 55.93 -17.29
CA ILE E 269 -9.75 55.50 -18.47
C ILE E 269 -11.16 55.09 -18.05
N SER E 270 -12.17 55.82 -18.56
CA SER E 270 -13.58 55.58 -18.24
C SER E 270 -14.50 55.50 -19.44
N VAL E 271 -14.02 55.80 -20.65
CA VAL E 271 -14.86 55.93 -21.83
C VAL E 271 -14.05 55.51 -23.06
N VAL E 272 -14.70 54.84 -24.00
CA VAL E 272 -14.13 54.56 -25.32
C VAL E 272 -14.69 55.56 -26.32
N LYS E 273 -13.84 56.10 -27.18
CA LYS E 273 -14.24 57.14 -28.16
C LYS E 273 -14.60 56.56 -29.53
N GLY F 8 -31.81 47.35 21.71
CA GLY F 8 -31.40 46.68 22.92
C GLY F 8 -30.39 45.57 22.68
N LEU F 9 -29.66 45.67 21.56
CA LEU F 9 -28.77 44.60 21.16
C LEU F 9 -27.59 44.41 22.13
N LEU F 10 -27.21 45.42 22.89
CA LEU F 10 -26.13 45.28 23.87
C LEU F 10 -26.61 45.60 25.28
N TYR F 11 -27.91 45.46 25.51
CA TYR F 11 -28.50 45.66 26.82
C TYR F 11 -27.82 44.77 27.86
N GLY F 12 -27.28 45.40 28.89
CA GLY F 12 -26.58 44.70 29.96
C GLY F 12 -25.14 44.38 29.69
N LYS F 13 -24.61 44.70 28.50
CA LYS F 13 -23.24 44.32 28.16
C LYS F 13 -22.28 45.45 28.48
N ARG F 14 -21.04 45.08 28.74
CA ARG F 14 -19.99 45.99 29.16
C ARG F 14 -18.78 45.82 28.26
N GLY F 15 -18.27 46.91 27.70
CA GLY F 15 -17.21 46.82 26.72
C GLY F 15 -16.11 47.85 26.92
N LEU F 16 -14.93 47.50 26.40
CA LEU F 16 -13.74 48.32 26.47
C LEU F 16 -13.34 48.74 25.06
N ILE F 17 -13.21 50.04 24.83
CA ILE F 17 -12.86 50.58 23.53
C ILE F 17 -11.51 51.27 23.64
N LEU F 18 -10.55 50.82 22.83
CA LEU F 18 -9.23 51.44 22.77
C LEU F 18 -9.02 52.02 21.39
N GLY F 19 -8.72 53.33 21.33
CA GLY F 19 -8.46 53.96 20.05
C GLY F 19 -9.33 55.17 19.77
N LEU F 20 -10.10 55.61 20.76
CA LEU F 20 -10.89 56.83 20.60
C LEU F 20 -9.96 58.03 20.62
N ALA F 21 -9.99 58.83 19.56
CA ALA F 21 -9.16 60.02 19.44
C ALA F 21 -9.96 61.31 19.39
N ASN F 22 -11.03 61.35 18.61
CA ASN F 22 -11.87 62.55 18.51
C ASN F 22 -13.22 62.11 17.95
N ASN F 23 -14.10 63.09 17.67
CA ASN F 23 -15.45 62.80 17.21
C ASN F 23 -15.50 62.36 15.76
N ARG F 24 -14.36 62.16 15.10
CA ARG F 24 -14.31 61.55 13.78
C ARG F 24 -13.81 60.11 13.80
N SER F 25 -13.30 59.62 14.94
CA SER F 25 -12.71 58.29 15.01
C SER F 25 -13.73 57.21 14.65
N ILE F 26 -13.27 56.15 13.96
CA ILE F 26 -14.12 54.96 13.81
C ILE F 26 -14.57 54.48 15.17
N ALA F 27 -13.68 54.52 16.16
CA ALA F 27 -14.05 54.12 17.51
C ALA F 27 -15.22 54.96 18.05
N TRP F 28 -15.36 56.21 17.58
CA TRP F 28 -16.48 57.03 18.06
C TRP F 28 -17.81 56.58 17.44
N GLY F 29 -17.81 56.27 16.14
CA GLY F 29 -18.97 55.64 15.54
C GLY F 29 -19.37 54.36 16.24
N ILE F 30 -18.39 53.50 16.55
CA ILE F 30 -18.67 52.27 17.28
C ILE F 30 -19.22 52.56 18.68
N ALA F 31 -18.59 53.49 19.39
CA ALA F 31 -19.06 53.83 20.75
C ALA F 31 -20.49 54.38 20.72
N LYS F 32 -20.76 55.35 19.85
CA LYS F 32 -22.10 55.93 19.78
C LYS F 32 -23.15 54.86 19.57
N THR F 33 -22.90 53.96 18.60
CA THR F 33 -23.86 52.91 18.26
C THR F 33 -24.03 51.93 19.40
N ALA F 34 -22.91 51.46 19.96
CA ALA F 34 -22.98 50.50 21.08
C ALA F 34 -23.74 51.10 22.26
N SER F 35 -23.50 52.38 22.57
CA SER F 35 -24.20 53.04 23.66
C SER F 35 -25.70 53.13 23.38
N SER F 36 -26.07 53.51 22.15
CA SER F 36 -27.48 53.56 21.78
CA SER F 36 -27.49 53.56 21.81
C SER F 36 -28.15 52.20 21.92
N ALA F 37 -27.40 51.12 21.74
CA ALA F 37 -27.93 49.77 21.85
C ALA F 37 -27.93 49.23 23.27
N GLY F 38 -27.55 50.04 24.27
CA GLY F 38 -27.64 49.67 25.67
C GLY F 38 -26.34 49.33 26.37
N ALA F 39 -25.19 49.44 25.71
CA ALA F 39 -23.92 49.02 26.29
C ALA F 39 -23.38 50.05 27.29
N GLU F 40 -22.77 49.54 28.36
CA GLU F 40 -21.93 50.36 29.23
CA GLU F 40 -21.93 50.36 29.23
C GLU F 40 -20.50 50.32 28.72
N LEU F 41 -19.89 51.49 28.55
CA LEU F 41 -18.62 51.58 27.82
C LEU F 41 -17.50 52.10 28.69
N ALA F 42 -16.29 51.59 28.46
CA ALA F 42 -15.06 52.08 29.06
C ALA F 42 -14.08 52.49 27.96
N PHE F 43 -13.28 53.53 28.24
CA PHE F 43 -12.39 54.13 27.26
C PHE F 43 -11.00 54.32 27.84
N THR F 44 -9.99 54.02 27.04
CA THR F 44 -8.63 54.45 27.32
C THR F 44 -8.32 55.70 26.50
N TYR F 45 -7.21 56.34 26.84
CA TYR F 45 -6.68 57.44 26.03
C TYR F 45 -5.17 57.26 25.92
N GLN F 46 -4.60 57.75 24.84
CA GLN F 46 -3.16 57.67 24.62
C GLN F 46 -2.56 59.06 24.83
N GLY F 47 -2.18 59.35 26.07
CA GLY F 47 -1.50 60.61 26.36
C GLY F 47 -2.43 61.75 26.70
N GLU F 48 -1.81 62.87 27.10
CA GLU F 48 -2.57 64.02 27.61
C GLU F 48 -3.42 64.67 26.53
N ALA F 49 -2.89 64.76 25.30
CA ALA F 49 -3.65 65.39 24.22
C ALA F 49 -4.95 64.64 23.95
N MET F 50 -4.87 63.30 23.84
CA MET F 50 -6.07 62.49 23.60
C MET F 50 -7.04 62.59 24.77
N LYS F 51 -6.51 62.69 25.99
CA LYS F 51 -7.37 62.70 27.18
C LYS F 51 -8.36 63.85 27.13
N LYS F 52 -7.90 65.03 26.68
CA LYS F 52 -8.76 66.21 26.65
C LYS F 52 -9.95 66.02 25.74
N ARG F 53 -9.82 65.22 24.68
CA ARG F 53 -10.94 64.98 23.79
C ARG F 53 -11.78 63.78 24.21
N VAL F 54 -11.14 62.76 24.78
CA VAL F 54 -11.88 61.55 25.14
C VAL F 54 -12.85 61.85 26.29
N GLU F 55 -12.43 62.64 27.28
CA GLU F 55 -13.26 62.86 28.47
C GLU F 55 -14.65 63.39 28.13
N PRO F 56 -14.82 64.48 27.37
CA PRO F 56 -16.18 64.90 27.03
C PRO F 56 -16.92 63.91 26.16
N LEU F 57 -16.23 63.22 25.25
CA LEU F 57 -16.90 62.23 24.42
C LEU F 57 -17.44 61.09 25.28
N ALA F 58 -16.64 60.62 26.23
CA ALA F 58 -17.13 59.57 27.13
C ALA F 58 -18.37 60.04 27.91
N GLU F 59 -18.35 61.29 28.39
CA GLU F 59 -19.50 61.82 29.12
C GLU F 59 -20.77 61.74 28.29
N GLU F 60 -20.68 62.02 26.98
CA GLU F 60 -21.85 61.98 26.12
C GLU F 60 -22.50 60.59 26.09
N VAL F 61 -21.71 59.53 26.18
CA VAL F 61 -22.27 58.19 26.21
C VAL F 61 -22.33 57.64 27.62
N LYS F 62 -22.17 58.50 28.63
CA LYS F 62 -22.13 58.11 30.04
C LYS F 62 -21.19 56.91 30.21
N GLY F 63 -19.97 57.07 29.68
CA GLY F 63 -18.97 56.03 29.76
C GLY F 63 -17.95 56.30 30.86
N PHE F 64 -17.04 55.35 31.01
CA PHE F 64 -16.03 55.35 32.06
C PHE F 64 -14.67 55.54 31.40
N VAL F 65 -13.93 56.56 31.83
CA VAL F 65 -12.54 56.71 31.42
C VAL F 65 -11.71 55.89 32.42
N CYS F 66 -11.07 54.82 31.93
CA CYS F 66 -10.30 53.97 32.83
C CYS F 66 -8.80 54.23 32.76
N GLY F 67 -8.35 55.20 31.96
CA GLY F 67 -7.02 55.71 32.14
C GLY F 67 -6.18 55.68 30.87
N HIS F 68 -4.93 56.10 31.02
CA HIS F 68 -3.97 56.17 29.93
C HIS F 68 -3.48 54.79 29.54
N CYS F 69 -3.40 54.54 28.24
CA CYS F 69 -2.81 53.32 27.74
C CYS F 69 -2.10 53.61 26.43
N ASP F 70 -0.80 53.35 26.41
CA ASP F 70 0.01 53.35 25.20
C ASP F 70 0.45 51.90 25.00
N VAL F 71 0.09 51.29 23.87
CA VAL F 71 0.26 49.84 23.78
C VAL F 71 1.72 49.43 23.68
N SER F 72 2.64 50.38 23.50
CA SER F 72 4.06 50.09 23.63
C SER F 72 4.50 49.98 25.08
N ASP F 73 3.69 50.46 26.02
CA ASP F 73 4.02 50.45 27.45
C ASP F 73 3.23 49.33 28.12
N SER F 74 3.91 48.21 28.38
CA SER F 74 3.23 47.04 28.92
C SER F 74 2.55 47.34 30.26
N ALA F 75 3.17 48.18 31.09
CA ALA F 75 2.61 48.46 32.40
C ALA F 75 1.31 49.25 32.32
N SER F 76 1.16 50.11 31.31
CA SER F 76 -0.09 50.86 31.17
C SER F 76 -1.22 49.95 30.71
N ILE F 77 -0.91 48.91 29.93
CA ILE F 77 -1.90 47.89 29.60
C ILE F 77 -2.34 47.15 30.86
N ASP F 78 -1.37 46.72 31.69
CA ASP F 78 -1.74 46.07 32.93
C ASP F 78 -2.56 47.00 33.83
N ALA F 79 -2.23 48.30 33.82
CA ALA F 79 -2.94 49.22 34.70
C ALA F 79 -4.39 49.40 34.28
N VAL F 80 -4.66 49.56 32.97
CA VAL F 80 -6.04 49.80 32.56
C VAL F 80 -6.89 48.56 32.81
N PHE F 81 -6.34 47.36 32.54
CA PHE F 81 -7.12 46.16 32.80
C PHE F 81 -7.29 45.90 34.29
N ASN F 82 -6.30 46.27 35.11
CA ASN F 82 -6.50 46.25 36.55
C ASN F 82 -7.72 47.10 36.94
N THR F 83 -7.81 48.30 36.38
CA THR F 83 -8.95 49.17 36.68
C THR F 83 -10.27 48.53 36.27
N ILE F 84 -10.32 47.95 35.07
CA ILE F 84 -11.55 47.32 34.60
C ILE F 84 -11.93 46.14 35.50
N GLU F 85 -10.93 45.39 35.97
CA GLU F 85 -11.23 44.25 36.83
C GLU F 85 -11.86 44.71 38.14
N LYS F 86 -11.32 45.75 38.78
CA LYS F 86 -11.90 46.21 40.04
C LYS F 86 -13.25 46.88 39.84
N LYS F 87 -13.47 47.54 38.69
CA LYS F 87 -14.75 48.21 38.47
C LYS F 87 -15.84 47.24 38.02
N TRP F 88 -15.53 46.38 37.05
CA TRP F 88 -16.54 45.51 36.46
C TRP F 88 -16.34 44.03 36.79
N GLY F 89 -15.11 43.58 36.96
CA GLY F 89 -14.84 42.17 37.23
C GLY F 89 -15.07 41.26 36.05
N LYS F 90 -15.48 41.79 34.91
CA LYS F 90 -15.93 41.01 33.77
C LYS F 90 -15.99 41.95 32.57
N LEU F 91 -15.84 41.40 31.37
CA LEU F 91 -15.91 42.17 30.14
C LEU F 91 -16.70 41.38 29.11
N ASP F 92 -17.62 42.02 28.40
CA ASP F 92 -18.37 41.32 27.36
C ASP F 92 -17.78 41.51 25.97
N PHE F 93 -17.15 42.64 25.70
CA PHE F 93 -16.53 42.84 24.41
C PHE F 93 -15.38 43.84 24.53
N LEU F 94 -14.58 43.87 23.47
CA LEU F 94 -13.42 44.73 23.41
C LEU F 94 -13.23 45.19 21.97
N VAL F 95 -13.03 46.49 21.80
CA VAL F 95 -12.82 47.09 20.49
C VAL F 95 -11.37 47.55 20.40
N HIS F 96 -10.64 47.01 19.43
CA HIS F 96 -9.25 47.36 19.15
C HIS F 96 -9.24 48.28 17.93
N ALA F 97 -9.12 49.58 18.18
CA ALA F 97 -9.10 50.55 17.08
C ALA F 97 -7.78 51.30 17.06
N ILE F 98 -6.67 50.56 17.03
CA ILE F 98 -5.34 51.12 17.20
C ILE F 98 -4.48 50.74 16.01
N GLY F 99 -3.87 51.74 15.39
CA GLY F 99 -2.92 51.49 14.31
C GLY F 99 -1.97 52.66 14.24
N PHE F 100 -0.72 52.37 13.86
CA PHE F 100 0.25 53.45 13.76
C PHE F 100 1.40 53.04 12.86
N SER F 101 1.93 54.01 12.12
CA SER F 101 3.08 53.82 11.27
C SER F 101 3.67 55.20 11.02
N ASP F 102 4.91 55.24 10.53
CA ASP F 102 5.54 56.52 10.27
C ASP F 102 4.85 57.21 9.10
N LYS F 103 4.20 58.36 9.36
CA LYS F 103 3.50 59.10 8.31
C LYS F 103 4.41 59.42 7.13
N GLU F 104 5.66 59.79 7.41
CA GLU F 104 6.57 60.20 6.35
C GLU F 104 6.94 59.04 5.41
N GLU F 105 6.82 57.79 5.87
CA GLU F 105 7.16 56.65 5.03
C GLU F 105 5.95 56.02 4.37
N LEU F 106 4.73 56.51 4.64
CA LEU F 106 3.52 56.07 3.95
C LEU F 106 3.38 56.78 2.61
N SER F 107 4.41 56.64 1.79
CA SER F 107 4.53 57.28 0.49
C SER F 107 5.72 56.64 -0.20
N GLY F 108 5.86 56.94 -1.49
CA GLY F 108 6.93 56.31 -2.24
C GLY F 108 6.82 54.79 -2.19
N ARG F 109 7.98 54.14 -2.11
CA ARG F 109 8.10 52.70 -2.28
C ARG F 109 8.14 51.97 -0.94
N TYR F 110 7.40 50.86 -0.86
CA TYR F 110 7.47 50.01 0.32
C TYR F 110 8.90 49.56 0.61
N VAL F 111 9.66 49.21 -0.44
CA VAL F 111 11.00 48.66 -0.27
C VAL F 111 11.93 49.64 0.45
N ASP F 112 11.58 50.93 0.50
CA ASP F 112 12.43 51.94 1.10
C ASP F 112 12.16 52.18 2.58
N ILE F 113 11.31 51.36 3.23
CA ILE F 113 11.02 51.64 4.63
C ILE F 113 12.24 51.35 5.50
N SER F 114 12.29 51.99 6.66
CA SER F 114 13.34 51.76 7.65
C SER F 114 12.95 50.59 8.55
N GLU F 115 13.98 49.96 9.14
CA GLU F 115 13.72 48.86 10.06
C GLU F 115 12.95 49.33 11.29
N SER F 116 13.34 50.48 11.87
CA SER F 116 12.66 50.96 13.06
C SER F 116 11.18 51.22 12.80
N ASN F 117 10.86 51.74 11.61
CA ASN F 117 9.45 51.92 11.25
C ASN F 117 8.74 50.57 11.12
N PHE F 118 9.38 49.60 10.44
CA PHE F 118 8.76 48.29 10.31
C PHE F 118 8.45 47.71 11.67
N MET F 119 9.43 47.72 12.58
CA MET F 119 9.24 47.11 13.89
C MET F 119 8.18 47.87 14.70
N MET F 120 8.24 49.19 14.71
CA MET F 120 7.25 49.97 15.43
CA MET F 120 7.25 49.99 15.42
C MET F 120 5.85 49.72 14.89
N THR F 121 5.71 49.71 13.56
CA THR F 121 4.39 49.50 12.96
C THR F 121 3.84 48.14 13.34
N MET F 122 4.66 47.09 13.22
CA MET F 122 4.22 45.75 13.57
C MET F 122 3.82 45.66 15.04
N ASN F 123 4.61 46.26 15.92
CA ASN F 123 4.29 46.22 17.34
C ASN F 123 2.97 46.94 17.64
N ILE F 124 2.83 48.19 17.20
CA ILE F 124 1.65 48.97 17.60
C ILE F 124 0.41 48.49 16.86
N SER F 125 0.55 48.14 15.59
CA SER F 125 -0.62 47.79 14.77
C SER F 125 -1.01 46.32 14.85
N VAL F 126 -0.09 45.43 15.17
CA VAL F 126 -0.42 44.01 15.17
C VAL F 126 -0.28 43.41 16.56
N TYR F 127 0.92 43.47 17.16
CA TYR F 127 1.08 42.78 18.44
C TYR F 127 0.10 43.31 19.48
N SER F 128 -0.26 44.60 19.42
CA SER F 128 -1.10 45.20 20.45
C SER F 128 -2.43 44.44 20.60
N LEU F 129 -2.99 43.95 19.49
CA LEU F 129 -4.23 43.18 19.61
C LEU F 129 -4.01 41.92 20.43
N THR F 130 -2.92 41.20 20.16
CA THR F 130 -2.62 40.00 20.95
C THR F 130 -2.33 40.35 22.40
N ALA F 131 -1.55 41.42 22.63
CA ALA F 131 -1.26 41.85 23.99
C ALA F 131 -2.53 42.14 24.76
N LEU F 132 -3.44 42.90 24.15
CA LEU F 132 -4.70 43.24 24.82
C LEU F 132 -5.57 42.00 25.01
N THR F 133 -5.64 41.13 24.01
CA THR F 133 -6.47 39.94 24.12
C THR F 133 -5.95 39.02 25.22
N LYS F 134 -4.63 38.95 25.38
CA LYS F 134 -4.05 38.16 26.46
C LYS F 134 -4.57 38.63 27.82
N ARG F 135 -4.65 39.95 28.03
CA ARG F 135 -5.20 40.48 29.28
C ARG F 135 -6.71 40.30 29.34
N ALA F 136 -7.41 40.56 28.24
CA ALA F 136 -8.87 40.53 28.26
C ALA F 136 -9.42 39.11 28.41
N GLU F 137 -8.65 38.09 28.07
CA GLU F 137 -9.15 36.72 28.13
C GLU F 137 -9.66 36.38 29.52
N LYS F 138 -8.87 36.71 30.55
CA LYS F 138 -9.27 36.38 31.91
C LYS F 138 -10.57 37.08 32.31
N LEU F 139 -10.79 38.30 31.81
CA LEU F 139 -12.01 39.05 32.13
C LEU F 139 -13.22 38.56 31.35
N MET F 140 -13.03 37.92 30.21
CA MET F 140 -14.17 37.40 29.48
C MET F 140 -14.46 35.98 29.95
N SER F 141 -14.01 34.98 29.19
CA SER F 141 -14.04 33.58 29.59
C SER F 141 -15.46 33.05 29.81
N ASP F 142 -16.38 33.94 30.21
CA ASP F 142 -17.81 33.67 30.17
C ASP F 142 -18.39 33.90 28.77
N GLY F 143 -17.53 34.07 27.79
CA GLY F 143 -17.87 34.39 26.42
C GLY F 143 -17.71 35.87 26.14
N GLY F 144 -17.49 36.19 24.87
CA GLY F 144 -17.35 37.58 24.51
C GLY F 144 -17.05 37.73 23.03
N SER F 145 -16.81 38.98 22.65
CA SER F 145 -16.56 39.34 21.26
C SER F 145 -15.44 40.37 21.21
N ILE F 146 -14.40 40.08 20.43
CA ILE F 146 -13.24 40.95 20.27
C ILE F 146 -13.22 41.41 18.82
N LEU F 147 -13.14 42.72 18.60
CA LEU F 147 -13.23 43.30 17.26
C LEU F 147 -12.03 44.18 16.96
N THR F 148 -11.42 43.99 15.79
CA THR F 148 -10.39 44.90 15.33
C THR F 148 -10.79 45.47 13.97
N LEU F 149 -9.97 46.40 13.48
CA LEU F 149 -10.25 47.12 12.24
C LEU F 149 -9.09 46.92 11.28
N THR F 150 -9.41 46.57 10.05
CA THR F 150 -8.40 46.32 9.03
C THR F 150 -8.78 47.00 7.72
N TYR F 151 -8.03 46.73 6.65
CA TYR F 151 -8.24 47.42 5.39
C TYR F 151 -7.82 46.53 4.23
N TYR F 152 -8.48 46.72 3.09
CA TYR F 152 -8.26 45.96 1.86
C TYR F 152 -6.80 45.99 1.39
N GLY F 153 -6.03 47.01 1.79
CA GLY F 153 -4.59 47.00 1.53
C GLY F 153 -3.85 45.80 2.12
N ALA F 154 -4.50 45.04 3.00
CA ALA F 154 -3.90 43.79 3.48
C ALA F 154 -4.00 42.69 2.44
N GLU F 155 -5.00 42.74 1.56
CA GLU F 155 -5.27 41.74 0.54
C GLU F 155 -4.67 42.09 -0.82
N LYS F 156 -4.70 43.37 -1.20
CA LYS F 156 -4.23 43.83 -2.50
C LYS F 156 -3.42 45.09 -2.29
N VAL F 157 -2.54 45.39 -3.23
CA VAL F 157 -1.61 46.51 -3.05
C VAL F 157 -2.35 47.82 -3.29
N VAL F 158 -2.34 48.68 -2.29
CA VAL F 158 -2.94 50.02 -2.38
C VAL F 158 -1.81 51.03 -2.30
N PRO F 159 -1.71 51.96 -3.25
CA PRO F 159 -0.59 52.90 -3.27
C PRO F 159 -0.45 53.66 -1.95
N ASN F 160 0.80 53.85 -1.53
CA ASN F 160 1.18 54.61 -0.33
C ASN F 160 0.76 53.95 0.98
N TYR F 161 0.04 52.82 0.95
CA TYR F 161 -0.30 52.17 2.20
C TYR F 161 0.86 51.33 2.72
N ASN F 162 1.67 50.79 1.81
CA ASN F 162 3.00 50.23 2.07
C ASN F 162 3.07 49.37 3.32
N VAL F 163 3.87 49.76 4.33
CA VAL F 163 4.09 48.82 5.43
C VAL F 163 2.81 48.59 6.24
N MET F 164 1.84 49.51 6.19
CA MET F 164 0.58 49.24 6.88
C MET F 164 -0.19 48.07 6.25
N GLY F 165 -0.07 47.89 4.93
CA GLY F 165 -0.69 46.73 4.31
C GLY F 165 -0.08 45.42 4.79
N VAL F 166 1.25 45.40 4.96
CA VAL F 166 1.92 44.23 5.49
C VAL F 166 1.47 43.98 6.92
N ALA F 167 1.37 45.05 7.73
CA ALA F 167 0.91 44.91 9.10
C ALA F 167 -0.53 44.42 9.15
N LYS F 168 -1.42 45.00 8.33
CA LYS F 168 -2.82 44.56 8.37
C LYS F 168 -2.98 43.10 7.96
N ALA F 169 -2.15 42.63 7.02
CA ALA F 169 -2.17 41.21 6.67
C ALA F 169 -1.80 40.35 7.87
N ALA F 170 -0.75 40.72 8.59
CA ALA F 170 -0.44 40.05 9.84
C ALA F 170 -1.62 40.14 10.81
N LEU F 171 -2.26 41.30 10.88
CA LEU F 171 -3.37 41.47 11.81
C LEU F 171 -4.51 40.51 11.50
N GLU F 172 -4.87 40.42 10.22
CA GLU F 172 -5.95 39.50 9.84
C GLU F 172 -5.58 38.05 10.15
N ALA F 173 -4.32 37.68 9.92
CA ALA F 173 -3.89 36.33 10.27
C ALA F 173 -3.98 36.09 11.78
N SER F 174 -3.57 37.08 12.57
CA SER F 174 -3.61 36.91 14.02
C SER F 174 -5.04 36.81 14.53
N VAL F 175 -5.99 37.50 13.88
CA VAL F 175 -7.40 37.33 14.22
C VAL F 175 -7.81 35.87 14.11
N LYS F 176 -7.36 35.18 13.06
CA LYS F 176 -7.77 33.80 12.86
C LYS F 176 -7.11 32.87 13.88
N TYR F 177 -5.82 33.08 14.17
CA TYR F 177 -5.18 32.25 15.19
C TYR F 177 -5.80 32.48 16.57
N LEU F 178 -6.07 33.76 16.91
CA LEU F 178 -6.74 34.05 18.18
C LEU F 178 -8.14 33.44 18.23
N ALA F 179 -8.84 33.43 17.08
CA ALA F 179 -10.17 32.83 17.06
C ALA F 179 -10.12 31.35 17.39
N VAL F 180 -9.08 30.64 16.91
CA VAL F 180 -8.94 29.23 17.24
C VAL F 180 -8.58 29.05 18.71
N ASP F 181 -7.66 29.87 19.22
CA ASP F 181 -7.29 29.80 20.64
C ASP F 181 -8.51 29.92 21.54
N LEU F 182 -9.35 30.92 21.31
CA LEU F 182 -10.36 31.29 22.30
C LEU F 182 -11.77 30.82 21.95
N GLY F 183 -11.97 30.21 20.77
CA GLY F 183 -13.27 29.68 20.42
C GLY F 183 -13.88 28.69 21.40
N PRO F 184 -13.10 27.75 21.94
CA PRO F 184 -13.69 26.85 22.96
C PRO F 184 -14.15 27.56 24.21
N LYS F 185 -13.68 28.78 24.48
CA LYS F 185 -14.25 29.61 25.53
C LYS F 185 -15.40 30.51 25.04
N HIS F 186 -15.81 30.32 23.79
CA HIS F 186 -16.85 31.14 23.15
C HIS F 186 -16.50 32.63 23.18
N ILE F 187 -15.21 32.92 23.01
CA ILE F 187 -14.76 34.28 22.73
C ILE F 187 -14.52 34.37 21.24
N ARG F 188 -15.30 35.20 20.56
CA ARG F 188 -15.18 35.37 19.13
C ARG F 188 -14.24 36.54 18.84
N VAL F 189 -13.49 36.41 17.75
CA VAL F 189 -12.51 37.40 17.33
C VAL F 189 -12.73 37.67 15.86
N ASN F 190 -13.01 38.93 15.52
CA ASN F 190 -13.34 39.29 14.13
C ASN F 190 -12.69 40.62 13.79
N ALA F 191 -12.65 40.91 12.49
CA ALA F 191 -12.22 42.21 11.98
C ALA F 191 -13.26 42.78 11.03
N ILE F 192 -13.42 44.11 11.07
CA ILE F 192 -14.10 44.84 10.01
C ILE F 192 -13.05 45.41 9.08
N SER F 193 -13.17 45.10 7.79
CA SER F 193 -12.33 45.72 6.76
C SER F 193 -13.08 46.95 6.26
N ALA F 194 -12.69 48.12 6.75
CA ALA F 194 -13.41 49.34 6.49
C ALA F 194 -12.89 50.00 5.22
N GLY F 195 -13.80 50.68 4.50
CA GLY F 195 -13.38 51.56 3.42
C GLY F 195 -12.76 52.82 3.99
N PRO F 196 -12.14 53.65 3.16
CA PRO F 196 -11.47 54.85 3.67
C PRO F 196 -12.46 55.82 4.29
N ILE F 197 -12.05 56.40 5.42
CA ILE F 197 -12.83 57.42 6.12
C ILE F 197 -11.84 58.48 6.59
N LYS F 198 -12.20 59.76 6.41
CA LYS F 198 -11.34 60.87 6.82
C LYS F 198 -11.31 60.92 8.34
N THR F 199 -10.25 60.37 8.92
CA THR F 199 -9.97 60.41 10.34
C THR F 199 -8.61 61.05 10.55
N LEU F 200 -8.28 61.35 11.80
CA LEU F 200 -6.95 61.90 12.10
C LEU F 200 -5.85 60.96 11.61
N ALA F 201 -5.93 59.67 11.97
CA ALA F 201 -4.91 58.71 11.55
C ALA F 201 -4.89 58.55 10.02
N ALA F 202 -6.06 58.34 9.42
CA ALA F 202 -6.10 58.14 7.97
C ALA F 202 -5.50 59.31 7.20
N SER F 203 -5.57 60.52 7.75
CA SER F 203 -5.11 61.71 7.02
C SER F 203 -3.61 61.68 6.73
N GLY F 204 -2.84 60.94 7.54
CA GLY F 204 -1.40 60.89 7.37
C GLY F 204 -0.93 60.03 6.21
N ILE F 205 -1.84 59.32 5.54
CA ILE F 205 -1.49 58.56 4.36
C ILE F 205 -1.29 59.53 3.20
N GLY F 206 -0.17 59.38 2.49
CA GLY F 206 0.07 60.18 1.30
C GLY F 206 -1.00 59.93 0.26
N ASP F 207 -1.62 61.01 -0.22
CA ASP F 207 -2.73 60.90 -1.18
C ASP F 207 -3.93 60.16 -0.61
N PHE F 208 -4.22 60.38 0.68
CA PHE F 208 -5.46 59.83 1.22
C PHE F 208 -6.67 60.33 0.43
N ARG F 209 -6.66 61.60 0.06
CA ARG F 209 -7.75 62.18 -0.74
C ARG F 209 -8.00 61.37 -2.01
N TYR F 210 -6.93 61.00 -2.71
CA TYR F 210 -7.07 60.15 -3.90
C TYR F 210 -7.68 58.79 -3.57
N ILE F 211 -7.22 58.14 -2.50
CA ILE F 211 -7.79 56.86 -2.10
C ILE F 211 -9.28 57.00 -1.81
N LEU F 212 -9.63 58.00 -0.99
CA LEU F 212 -11.03 58.26 -0.67
C LEU F 212 -11.87 58.46 -1.94
N LYS F 213 -11.42 59.34 -2.84
CA LYS F 213 -12.20 59.68 -4.02
C LYS F 213 -12.22 58.54 -5.04
N TRP F 214 -11.11 57.81 -5.18
CA TRP F 214 -11.17 56.60 -6.01
C TRP F 214 -12.30 55.67 -5.56
N ASN F 215 -12.46 55.51 -4.24
CA ASN F 215 -13.52 54.65 -3.72
C ASN F 215 -14.88 55.26 -4.01
N GLU F 216 -14.99 56.58 -3.84
CA GLU F 216 -16.26 57.26 -4.01
C GLU F 216 -16.83 57.02 -5.39
N TYR F 217 -15.98 56.99 -6.43
CA TYR F 217 -16.49 56.91 -7.79
C TYR F 217 -16.41 55.50 -8.39
N ASN F 218 -15.74 54.54 -7.74
CA ASN F 218 -15.62 53.20 -8.30
C ASN F 218 -16.18 52.08 -7.41
N ALA F 219 -16.49 52.34 -6.15
CA ALA F 219 -17.13 51.31 -5.34
C ALA F 219 -18.53 51.00 -5.89
N PRO F 220 -18.99 49.76 -5.76
CA PRO F 220 -20.33 49.40 -6.26
C PRO F 220 -21.44 50.35 -5.82
N LEU F 221 -21.43 50.80 -4.56
CA LEU F 221 -22.49 51.69 -4.09
C LEU F 221 -22.25 53.16 -4.45
N ARG F 222 -21.10 53.49 -5.03
CA ARG F 222 -20.82 54.85 -5.53
C ARG F 222 -20.90 55.89 -4.41
N ARG F 223 -20.39 55.51 -3.25
CA ARG F 223 -20.21 56.42 -2.12
C ARG F 223 -19.23 55.75 -1.16
N THR F 224 -18.56 56.57 -0.33
CA THR F 224 -17.74 55.98 0.72
C THR F 224 -18.57 55.81 1.99
N VAL F 225 -18.01 55.11 2.99
CA VAL F 225 -18.75 54.76 4.19
C VAL F 225 -18.53 55.79 5.29
N THR F 226 -19.33 55.73 6.37
CA THR F 226 -19.22 56.63 7.51
C THR F 226 -18.93 55.84 8.79
N ILE F 227 -18.48 56.55 9.83
CA ILE F 227 -18.22 55.88 11.10
C ILE F 227 -19.51 55.33 11.69
N GLU F 228 -20.65 55.96 11.41
CA GLU F 228 -21.94 55.46 11.89
C GLU F 228 -22.29 54.13 11.23
N GLU F 229 -21.97 53.97 9.94
CA GLU F 229 -22.22 52.70 9.26
C GLU F 229 -21.27 51.62 9.76
N VAL F 230 -19.99 51.94 9.93
CA VAL F 230 -19.07 50.97 10.56
C VAL F 230 -19.54 50.65 11.98
N GLY F 231 -20.07 51.66 12.69
CA GLY F 231 -20.61 51.43 14.02
C GLY F 231 -21.74 50.42 14.01
N ASP F 232 -22.62 50.50 13.01
CA ASP F 232 -23.72 49.53 12.92
C ASP F 232 -23.22 48.13 12.61
N SER F 233 -22.29 47.99 11.67
CA SER F 233 -21.72 46.67 11.41
C SER F 233 -20.96 46.14 12.63
N ALA F 234 -20.29 47.03 13.36
CA ALA F 234 -19.61 46.62 14.59
C ALA F 234 -20.61 46.13 15.63
N LEU F 235 -21.73 46.84 15.78
CA LEU F 235 -22.79 46.42 16.68
C LEU F 235 -23.20 44.97 16.43
N TYR F 236 -23.35 44.61 15.15
CA TYR F 236 -23.69 43.23 14.80
C TYR F 236 -22.62 42.26 15.31
N LEU F 237 -21.34 42.53 14.99
CA LEU F 237 -20.25 41.65 15.39
C LEU F 237 -20.06 41.59 16.91
N LEU F 238 -20.34 42.70 17.61
CA LEU F 238 -20.18 42.73 19.06
C LEU F 238 -21.36 42.10 19.79
N SER F 239 -22.52 42.02 19.16
CA SER F 239 -23.71 41.53 19.82
C SER F 239 -23.86 40.02 19.59
N ASP F 240 -24.91 39.47 20.21
CA ASP F 240 -25.25 38.06 20.05
C ASP F 240 -25.87 37.76 18.70
N LEU F 241 -26.25 38.77 17.92
CA LEU F 241 -26.72 38.52 16.56
C LEU F 241 -25.70 37.75 15.74
N SER F 242 -24.41 37.89 16.05
CA SER F 242 -23.33 37.27 15.31
C SER F 242 -22.68 36.13 16.09
N ARG F 243 -23.43 35.49 16.99
CA ARG F 243 -22.85 34.55 17.94
C ARG F 243 -22.25 33.30 17.29
N SER F 244 -22.45 33.11 15.99
CA SER F 244 -21.83 31.97 15.33
C SER F 244 -20.71 32.40 14.38
N VAL F 245 -20.27 33.65 14.47
CA VAL F 245 -19.31 34.23 13.53
C VAL F 245 -18.00 34.47 14.27
N THR F 246 -16.92 33.86 13.81
CA THR F 246 -15.62 34.13 14.40
C THR F 246 -14.53 33.91 13.36
N GLY F 247 -13.42 34.62 13.52
CA GLY F 247 -12.34 34.58 12.54
C GLY F 247 -12.66 35.23 11.21
N GLU F 248 -13.65 36.13 11.17
CA GLU F 248 -14.15 36.70 9.93
C GLU F 248 -13.53 38.06 9.67
N VAL F 249 -13.19 38.32 8.41
CA VAL F 249 -12.81 39.64 7.95
C VAL F 249 -14.01 40.16 7.16
N HIS F 250 -14.78 41.07 7.76
CA HIS F 250 -16.07 41.52 7.24
C HIS F 250 -15.90 42.88 6.54
N HIS F 251 -16.11 42.93 5.23
CA HIS F 251 -15.88 44.18 4.48
C HIS F 251 -17.04 45.14 4.65
N VAL F 252 -16.76 46.33 5.17
CA VAL F 252 -17.75 47.39 5.28
C VAL F 252 -17.22 48.57 4.47
N ASP F 253 -17.40 48.50 3.14
CA ASP F 253 -16.64 49.34 2.23
C ASP F 253 -17.41 49.70 0.96
N SER F 254 -18.73 49.69 1.00
CA SER F 254 -19.57 49.93 -0.18
C SER F 254 -19.28 48.93 -1.28
N GLY F 255 -18.73 47.77 -0.92
CA GLY F 255 -18.38 46.73 -1.85
C GLY F 255 -17.08 46.92 -2.61
N TYR F 256 -16.23 47.90 -2.25
CA TYR F 256 -15.07 48.23 -3.09
C TYR F 256 -14.21 47.00 -3.34
N ASN F 257 -14.10 46.10 -2.37
CA ASN F 257 -13.16 44.99 -2.45
C ASN F 257 -13.48 44.02 -3.57
N ILE F 258 -14.70 44.04 -4.11
CA ILE F 258 -15.05 43.05 -5.14
C ILE F 258 -14.70 43.47 -6.56
N ILE F 259 -14.33 44.75 -6.80
CA ILE F 259 -14.11 45.19 -8.18
C ILE F 259 -12.70 44.83 -8.63
N GLY F 260 -12.56 44.44 -9.89
CA GLY F 260 -11.28 44.03 -10.39
C GLY F 260 -10.76 44.92 -11.49
N MET F 261 -11.59 45.88 -11.91
CA MET F 261 -11.35 46.64 -13.12
C MET F 261 -12.34 47.80 -13.15
N LYS F 262 -11.90 48.91 -13.75
CA LYS F 262 -12.75 50.06 -14.01
C LYS F 262 -14.00 49.65 -14.78
N ALA F 263 -15.12 50.33 -14.50
CA ALA F 263 -16.35 50.14 -15.27
C ALA F 263 -16.30 51.02 -16.51
N VAL F 264 -16.42 50.41 -17.69
CA VAL F 264 -16.38 51.15 -18.96
C VAL F 264 -17.52 50.65 -19.86
N ASP F 265 -18.19 51.59 -20.54
CA ASP F 265 -19.25 51.26 -21.49
C ASP F 265 -18.65 50.71 -22.77
N ALA F 266 -18.88 49.41 -23.03
CA ALA F 266 -18.38 48.79 -24.26
C ALA F 266 -19.23 49.22 -25.46
N PRO F 267 -18.61 49.54 -26.61
CA PRO F 267 -19.37 49.84 -27.82
C PRO F 267 -19.94 48.59 -28.48
PA NAD G . 24.79 -13.73 -17.06
O1A NAD G . 26.12 -14.39 -16.87
O2A NAD G . 24.44 -13.50 -18.52
O5B NAD G . 24.62 -12.35 -16.22
C5B NAD G . 25.16 -12.11 -14.89
C4B NAD G . 25.67 -10.69 -14.91
O4B NAD G . 26.13 -10.28 -13.59
C3B NAD G . 26.85 -10.41 -15.87
O3B NAD G . 26.52 -9.43 -16.85
C2B NAD G . 27.97 -9.91 -14.95
O2B NAD G . 28.79 -8.95 -15.58
C1B NAD G . 27.15 -9.33 -13.81
N9A NAD G . 27.89 -9.08 -12.58
C8A NAD G . 28.42 -10.00 -11.70
N7A NAD G . 29.11 -9.47 -10.73
C5A NAD G . 29.05 -8.11 -10.98
C6A NAD G . 29.62 -7.00 -10.33
N6A NAD G . 30.40 -7.08 -9.24
N1A NAD G . 29.39 -5.77 -10.86
C2A NAD G . 28.63 -5.68 -11.96
N3A NAD G . 28.04 -6.65 -12.65
C4A NAD G . 28.28 -7.85 -12.10
O3 NAD G . 23.68 -14.65 -16.39
PN NAD G . 22.10 -14.52 -16.11
O1N NAD G . 21.48 -13.74 -17.20
O2N NAD G . 21.59 -15.87 -15.79
O5D NAD G . 22.10 -13.68 -14.76
C5D NAD G . 21.20 -12.55 -14.60
C4D NAD G . 20.38 -12.70 -13.34
O4D NAD G . 19.38 -13.72 -13.51
C3D NAD G . 21.17 -13.06 -12.06
O3D NAD G . 20.73 -12.25 -10.97
C2D NAD G . 20.77 -14.53 -11.84
O2D NAD G . 20.89 -14.97 -10.49
C1D NAD G . 19.34 -14.49 -12.33
N1N NAD G . 18.70 -15.86 -12.65
C2N NAD G . 19.26 -16.63 -13.60
C3N NAD G . 18.76 -17.89 -13.84
C7N NAD G . 19.29 -18.76 -14.96
O7N NAD G . 18.98 -19.97 -14.99
N7N NAD G . 20.15 -18.21 -15.81
C4N NAD G . 17.65 -18.33 -13.11
C5N NAD G . 17.08 -17.50 -12.17
C6N NAD G . 17.62 -16.26 -11.95
C1 GOL H . 19.90 -18.38 -10.66
O1 GOL H . 20.86 -17.52 -10.11
C2 GOL H . 20.55 -19.61 -11.30
O2 GOL H . 21.34 -19.20 -12.40
C3 GOL H . 19.50 -20.64 -11.68
O3 GOL H . 20.02 -21.60 -12.58
PA NAD I . -7.14 -43.39 9.57
O1A NAD I . -7.71 -44.27 8.52
O2A NAD I . -6.51 -44.13 10.74
O5B NAD I . -8.18 -42.35 10.23
C5B NAD I . -9.13 -41.64 9.41
C4B NAD I . -10.35 -41.51 10.29
O4B NAD I . -11.35 -40.70 9.64
C3B NAD I . -11.03 -42.84 10.65
O3B NAD I . -11.08 -42.97 12.07
C2B NAD I . -12.44 -42.69 10.07
O2B NAD I . -13.44 -43.30 10.86
C1B NAD I . -12.59 -41.18 10.11
N9A NAD I . -13.68 -40.65 9.30
C8A NAD I . -13.81 -40.62 7.93
N7A NAD I . -14.98 -40.17 7.53
C5A NAD I . -15.66 -39.89 8.71
C6A NAD I . -16.94 -39.38 8.97
N6A NAD I . -17.84 -39.11 8.03
N1A NAD I . -17.28 -39.18 10.26
C2A NAD I . -16.40 -39.48 11.22
N3A NAD I . -15.17 -39.98 11.09
C4A NAD I . -14.86 -40.17 9.80
O3 NAD I . -6.07 -42.48 8.82
PN NAD I . -5.09 -41.30 9.28
O1N NAD I . -4.78 -41.47 10.72
O2N NAD I . -3.99 -41.23 8.29
O5D NAD I . -6.02 -40.03 9.08
C5D NAD I . -6.22 -39.07 10.14
C4D NAD I . -6.02 -37.67 9.61
O4D NAD I . -4.62 -37.46 9.28
C3D NAD I . -6.81 -37.32 8.34
O3D NAD I . -7.31 -35.97 8.38
C2D NAD I . -5.75 -37.41 7.25
O2D NAD I . -6.03 -36.64 6.09
C1D NAD I . -4.58 -36.84 8.02
N1N NAD I . -3.20 -37.08 7.40
C2N NAD I . -2.79 -38.34 7.20
C3N NAD I . -1.59 -38.59 6.56
C7N NAD I . -1.00 -39.97 6.41
O7N NAD I . -0.10 -40.15 5.59
N7N NAD I . -1.56 -40.97 7.11
C4N NAD I . -0.83 -37.51 6.13
C5N NAD I . -1.27 -36.21 6.37
C6N NAD I . -2.47 -36.02 7.01
C1 GOL J . -3.20 -37.00 3.90
O1 GOL J . -4.53 -37.06 4.28
C2 GOL J . -2.76 -38.25 3.18
O2 GOL J . -3.31 -39.35 3.87
C3 GOL J . -1.23 -38.19 3.04
O3 GOL J . -0.64 -39.33 2.43
PA NAD K . 19.37 -9.61 23.72
O1A NAD K . 19.83 -8.20 23.79
O2A NAD K . 19.02 -10.11 25.11
O5B NAD K . 20.50 -10.62 23.06
C5B NAD K . 21.20 -10.34 21.83
C4B NAD K . 22.54 -11.01 21.94
O4B NAD K . 23.31 -10.84 20.73
C3B NAD K . 23.43 -10.51 23.09
O3B NAD K . 23.63 -11.55 24.04
C2B NAD K . 24.72 -10.07 22.39
O2B NAD K . 25.90 -10.37 23.12
C1B NAD K . 24.66 -10.92 21.13
N9A NAD K . 25.55 -10.50 20.05
C8A NAD K . 25.43 -9.42 19.22
N7A NAD K . 26.46 -9.24 18.42
C5A NAD K . 27.30 -10.29 18.73
C6A NAD K . 28.58 -10.68 18.26
N6A NAD K . 29.25 -9.99 17.33
N1A NAD K . 29.15 -11.79 18.80
C2A NAD K . 28.49 -12.45 19.76
N3A NAD K . 27.30 -12.17 20.30
C4A NAD K . 26.76 -11.08 19.74
O3 NAD K . 18.06 -9.70 22.81
PN NAD K . 17.03 -10.85 22.37
O1N NAD K . 17.11 -11.96 23.33
O2N NAD K . 15.72 -10.21 22.08
O5D NAD K . 17.63 -11.33 20.97
C5D NAD K . 17.95 -12.72 20.77
C4D NAD K . 17.52 -13.13 19.38
O4D NAD K . 16.08 -13.11 19.29
C3D NAD K . 18.03 -12.21 18.26
O3D NAD K . 18.51 -12.96 17.15
C2D NAD K . 16.79 -11.42 17.85
O2D NAD K . 16.85 -11.04 16.48
C1D NAD K . 15.73 -12.50 18.08
N1N NAD K . 14.30 -11.97 18.20
C2N NAD K . 14.03 -11.12 19.20
C3N NAD K . 12.76 -10.58 19.33
C7N NAD K . 12.42 -9.68 20.48
O7N NAD K . 11.34 -9.06 20.47
N7N NAD K . 13.32 -9.53 21.44
C4N NAD K . 11.78 -10.96 18.42
C5N NAD K . 12.08 -11.85 17.41
C6N NAD K . 13.35 -12.36 17.31
C1 GOL L . 13.53 -9.08 16.27
O1 GOL L . 14.93 -9.13 16.38
C2 GOL L . 12.99 -7.83 16.94
O2 GOL L . 13.61 -7.66 18.19
C3 GOL L . 11.46 -7.89 17.05
O3 GOL L . 10.98 -6.79 17.78
PA NAD M . -19.59 -8.87 -9.35
O1A NAD M . -20.81 -8.63 -8.52
O2A NAD M . -19.40 -7.75 -10.40
O5B NAD M . -19.45 -10.31 -10.09
C5B NAD M . -19.71 -11.56 -9.42
C4B NAD M . -20.37 -12.46 -10.43
O4B NAD M . -20.61 -13.78 -9.89
C3B NAD M . -21.72 -11.95 -10.97
O3B NAD M . -21.63 -11.74 -12.37
C2B NAD M . -22.69 -13.09 -10.61
O2B NAD M . -23.69 -13.30 -11.60
C1B NAD M . -21.73 -14.27 -10.58
N9A NAD M . -22.27 -15.44 -9.89
C8A NAD M . -22.59 -15.58 -8.57
N7A NAD M . -23.19 -16.71 -8.28
C5A NAD M . -23.26 -17.37 -9.50
C6A NAD M . -23.79 -18.62 -9.87
N6A NAD M . -24.42 -19.44 -9.02
N1A NAD M . -23.68 -18.99 -11.16
C2A NAD M . -23.10 -18.15 -12.02
N3A NAD M . -22.58 -16.94 -11.79
C4A NAD M . -22.69 -16.61 -10.50
O3 NAD M . -18.33 -8.85 -8.37
PN NAD M . -16.76 -8.87 -8.62
O1N NAD M . -16.45 -8.51 -10.03
O2N NAD M . -16.12 -8.14 -7.51
O5D NAD M . -16.43 -10.42 -8.45
C5D NAD M . -15.84 -11.17 -9.53
C4D NAD M . -14.79 -12.07 -8.93
O4D NAD M . -13.74 -11.25 -8.35
C3D NAD M . -15.28 -12.98 -7.79
O3D NAD M . -14.64 -14.25 -7.88
C2D NAD M . -14.79 -12.25 -6.54
O2D NAD M . -14.62 -13.12 -5.43
C1D NAD M . -13.45 -11.74 -7.07
N1N NAD M . -12.78 -10.63 -6.26
C2N NAD M . -13.44 -9.47 -6.04
C3N NAD M . -12.88 -8.49 -5.24
C7N NAD M . -13.48 -7.12 -5.12
O7N NAD M . -13.06 -6.36 -4.22
N7N NAD M . -14.48 -6.80 -5.91
C4N NAD M . -11.64 -8.73 -4.66
C5N NAD M . -10.99 -9.93 -4.92
C6N NAD M . -11.57 -10.87 -5.73
C1 GOL N . -13.62 -11.16 -3.12
O1 GOL N . -14.53 -12.21 -3.31
C2 GOL N . -14.27 -10.03 -2.34
O2 GOL N . -15.30 -9.43 -3.10
C3 GOL N . -13.19 -9.08 -1.83
O3 GOL N . -13.66 -7.77 -1.65
PA NAD O . -9.75 31.44 -29.13
O1A NAD O . -10.78 32.05 -30.03
O2A NAD O . -8.40 31.38 -29.86
O5B NAD O . -10.12 29.93 -28.60
C5B NAD O . -11.42 29.54 -28.08
C4B NAD O . -11.65 28.16 -28.63
O4B NAD O . -12.89 27.60 -28.13
C3B NAD O . -11.72 28.07 -30.16
O3B NAD O . -10.73 27.18 -30.67
C2B NAD O . -13.12 27.52 -30.43
O2B NAD O . -13.14 26.63 -31.54
C1B NAD O . -13.36 26.75 -29.14
N9A NAD O . -14.77 26.42 -28.90
C8A NAD O . -15.81 27.27 -28.69
N7A NAD O . -16.98 26.68 -28.63
C5A NAD O . -16.68 25.34 -28.80
C6A NAD O . -17.49 24.18 -28.85
N6A NAD O . -18.82 24.19 -28.75
N1A NAD O . -16.86 22.99 -29.05
C2A NAD O . -15.53 22.97 -29.18
N3A NAD O . -14.68 23.99 -29.15
C4A NAD O . -15.31 25.16 -28.96
O3 NAD O . -9.60 32.29 -27.79
PN NAD O . -8.42 32.40 -26.70
O1N NAD O . -7.22 31.66 -27.17
O2N NAD O . -8.28 33.82 -26.31
O5D NAD O . -9.08 31.66 -25.46
C5D NAD O . -8.68 30.32 -25.09
C4D NAD O . -9.00 30.13 -23.63
O4D NAD O . -8.27 31.09 -22.83
C3D NAD O . -10.48 30.33 -23.27
O3D NAD O . -10.85 29.42 -22.24
C2D NAD O . -10.49 31.78 -22.77
O2D NAD O . -11.60 31.99 -21.90
C1D NAD O . -9.17 31.80 -22.01
N1N NAD O . -8.57 33.17 -21.69
C2N NAD O . -8.43 34.07 -22.67
C3N NAD O . -7.98 35.35 -22.39
C7N NAD O . -7.67 36.35 -23.46
O7N NAD O . -7.40 37.51 -23.14
N7N NAD O . -7.75 35.96 -24.73
C4N NAD O . -7.69 35.67 -21.07
C5N NAD O . -7.82 34.71 -20.08
C6N NAD O . -8.26 33.46 -20.41
PA NAD P . -7.91 57.64 14.62
O1A NAD P . -6.88 58.68 14.42
O2A NAD P . -9.27 58.24 14.96
O5B NAD P . -7.53 56.48 15.69
C5B NAD P . -6.25 55.84 15.75
C4B NAD P . -6.01 55.58 17.22
O4B NAD P . -4.80 54.83 17.41
C3B NAD P . -5.89 56.84 18.09
O3B NAD P . -6.91 56.92 19.07
C2B NAD P . -4.53 56.69 18.77
O2B NAD P . -4.56 57.10 20.12
C1B NAD P . -4.33 55.19 18.68
N9A NAD P . -2.94 54.76 18.87
C8A NAD P . -1.89 54.91 18.00
N7A NAD P . -0.73 54.54 18.50
C5A NAD P . -1.06 54.10 19.78
C6A NAD P . -0.27 53.59 20.83
N6A NAD P . 1.06 53.47 20.78
N1A NAD P . -0.91 53.26 21.98
C2A NAD P . -2.23 53.43 22.06
N3A NAD P . -3.06 53.92 21.14
C4A NAD P . -2.41 54.23 20.01
O3 NAD P . -8.08 56.80 13.27
PN NAD P . -9.07 55.67 12.73
O1N NAD P . -10.34 55.68 13.48
O2N NAD P . -9.10 55.78 11.25
O5D NAD P . -8.23 54.37 13.11
C5D NAD P . -8.82 53.30 13.87
C4D NAD P . -8.44 51.99 13.23
O4D NAD P . -9.15 51.83 11.98
C3D NAD P . -6.95 51.80 12.91
O3D NAD P . -6.55 50.46 13.21
C2D NAD P . -6.90 52.02 11.39
O2D NAD P . -5.80 51.39 10.76
C1D NAD P . -8.22 51.38 11.01
N1N NAD P . -8.76 51.73 9.62
C2N NAD P . -9.01 53.02 9.33
C3N NAD P . -9.43 53.38 8.06
C7N NAD P . -9.78 54.79 7.69
O7N NAD P . -9.94 55.10 6.47
N7N NAD P . -9.81 55.70 8.66
C4N NAD P . -9.60 52.37 7.11
C5N NAD P . -9.37 51.05 7.45
C6N NAD P . -8.94 50.75 8.72
C1 GOL Q . -6.25 52.45 7.37
O1 GOL Q . -5.43 51.89 8.37
C2 GOL Q . -5.86 53.90 7.17
O2 GOL Q . -5.78 54.59 8.40
C3 GOL Q . -6.85 54.56 6.21
O3 GOL Q . -7.26 53.65 5.21
#